data_8ZOL
#
_entry.id   8ZOL
#
loop_
_entity.id
_entity.type
_entity.pdbx_description
1 polymer 'RNA (61-MER)'
2 polymer 'CRISPR system Cascade subunit CasC'
3 polymer 'CRISPR system Cascade subunit CasD'
4 polymer 'CRISPR-associated endoribonuclease Cse3'
#
loop_
_entity_poly.entity_id
_entity_poly.type
_entity_poly.pdbx_seq_one_letter_code
_entity_poly.pdbx_strand_id
1 'polyribonucleotide' GUGAACCGGAUUGCCGUCAGGAAAUUAGGUGCGCUUAGCAGUAUUCCCCACGCAUGUGGGG A
2 'polypeptide(L)'
;MLIEIHMIQNHSPANLNRDDLGAPKTCYFGGVLRSRISSQCIKRSIRTSNDFKALLGGVRTRRLADLIQQEAGETECWKK
AQEILNKCGFKNKDDNTKMLVFMSKDKIKDLARIVLDNSLGLTEAAQQVANVIAQATLAPDIALCGRMLEPNDKDKDKKV
KWSNTTVEAALQVAHAISTHIARPEIDYFVAADDVPGEDAGAGHIGESMFASACFYKYFSIDWEQLVKNLKGDTNLAAHT
VGAFLLAAAKTNPSGKQNSFAAHNYPDGILVEFKNSPISYANAFVRPVSVVKESDLVEQSIGQLSNYVNDIRLGYYDEQS
PVIGFWFSPNNRYPLGYKHSKLASRNIGNLNELVGAVLDYIGGFKWEEVQKSKAYIGG
;
F,H,I,J,K,G
3 'polypeptide(L)'
;MSAPPNTLFLRLEGALQSWGSNEAKFALRRTADAPTKSGVLGLLCAAMGIGRAEAADSWLPKLANLRMGVRIDRPGIRWW
DFHTVGAGQRMRMAELKAPKKPSMVGAALAETLTPSKVKTRAETLLSRREYLADASFLVALQGEPELVAKLSAALAKPVW
AIYLGRKSCPPSRPVCEHPPGFYNTLEEALSAVPLQKRWHNEPLPQILPCVMDWIPGYDGEHAPDDAEIHYDLPVSFQPP
RHLPRFVIRRELVVGEDVQVSRETGTSVWRPKGTRADYNNSEYKKVRAERLVMDHAACMVCKAPATTVQHVNYRRAGGKE
IPEDLRALCRLCHDACTMLEYGSGMTTNRIDPCDPIWRERILAKRKEIVEFRSRGQRFRKMKPEEENG
;
B
4 'polypeptide(L)'
;MIYLSRLLIDTGGNPDRPRPGRKWLDNIYNVHRRLSMAFPSGLRREQDPHFLKPFSPNDFQKTPFLFRVDNNIDGNDKRA
IIIVQSVLEPDWDYCFQNALDFLAAPPETKEYNPEFKAGQLLRFRLRVNASVRRHIPEMVQQDGQTIETGKILHKRVSLT
WDASSTPDQALADWLAAKSPKLGFTLQRCELLQLGWVYGSKPEPKNVKVKEQGQGYWREHKYNPLRFRAALLEGVLEVDD
PKLFLKTLSSGIGKAKSFGFGLLSVLPIRNDG
;
D
#
loop_
_chem_comp.id
_chem_comp.type
_chem_comp.name
_chem_comp.formula
A RNA linking ADENOSINE-5'-MONOPHOSPHATE 'C10 H14 N5 O7 P'
C RNA linking CYTIDINE-5'-MONOPHOSPHATE 'C9 H14 N3 O8 P'
G RNA linking GUANOSINE-5'-MONOPHOSPHATE 'C10 H14 N5 O8 P'
U RNA linking URIDINE-5'-MONOPHOSPHATE 'C9 H13 N2 O9 P'
#
# COMPACT_ATOMS: atom_id res chain seq x y z
N MET B 1 -49.74 11.12 -14.76
CA MET B 1 -48.36 11.36 -14.35
C MET B 1 -47.95 10.42 -13.22
N LEU B 2 -46.65 10.16 -13.10
CA LEU B 2 -46.14 9.22 -12.12
C LEU B 2 -44.84 9.75 -11.55
N ILE B 3 -44.68 9.64 -10.24
CA ILE B 3 -43.54 10.20 -9.52
C ILE B 3 -42.46 9.14 -9.40
N GLU B 4 -41.23 9.51 -9.75
CA GLU B 4 -40.09 8.61 -9.65
C GLU B 4 -39.04 9.22 -8.74
N ILE B 5 -38.33 8.36 -8.03
CA ILE B 5 -37.30 8.77 -7.09
C ILE B 5 -36.14 7.79 -7.17
N HIS B 6 -34.95 8.29 -7.45
CA HIS B 6 -33.74 7.49 -7.48
C HIS B 6 -32.80 7.98 -6.39
N MET B 7 -31.98 7.06 -5.89
CA MET B 7 -31.09 7.35 -4.78
C MET B 7 -29.76 6.65 -5.00
N ILE B 8 -28.70 7.29 -4.50
CA ILE B 8 -27.37 6.70 -4.47
C ILE B 8 -26.87 6.87 -3.04
N GLN B 9 -26.70 5.76 -2.33
CA GLN B 9 -26.37 5.79 -0.92
C GLN B 9 -25.19 4.87 -0.64
N ASN B 10 -24.37 5.27 0.33
CA ASN B 10 -23.25 4.48 0.79
C ASN B 10 -23.44 4.19 2.27
N HIS B 11 -23.10 2.98 2.69
CA HIS B 11 -23.32 2.54 4.06
C HIS B 11 -22.03 2.04 4.67
N SER B 12 -21.89 2.26 5.97
CA SER B 12 -20.78 1.75 6.75
C SER B 12 -20.94 0.25 6.94
N PRO B 13 -19.87 -0.45 7.36
CA PRO B 13 -19.99 -1.88 7.66
C PRO B 13 -21.17 -2.19 8.58
N ALA B 14 -22.11 -2.99 8.10
CA ALA B 14 -23.35 -3.23 8.83
C ALA B 14 -24.00 -4.49 8.30
N ASN B 15 -25.07 -4.90 8.98
CA ASN B 15 -25.89 -6.04 8.55
C ASN B 15 -27.35 -5.64 8.75
N LEU B 16 -27.93 -5.03 7.72
CA LEU B 16 -29.28 -4.50 7.80
C LEU B 16 -30.35 -5.55 7.52
N ASN B 17 -30.04 -6.54 6.67
CA ASN B 17 -30.95 -7.64 6.40
C ASN B 17 -30.15 -8.92 6.31
N ARG B 18 -30.67 -9.99 6.89
CA ARG B 18 -29.97 -11.27 6.93
C ARG B 18 -30.94 -12.41 6.65
N ASP B 19 -30.39 -13.52 6.16
CA ASP B 19 -31.15 -14.69 5.77
C ASP B 19 -31.27 -15.65 6.95
N ASP B 20 -31.68 -16.88 6.66
CA ASP B 20 -31.88 -17.87 7.71
C ASP B 20 -30.59 -18.19 8.46
N LEU B 21 -29.49 -18.35 7.74
CA LEU B 21 -28.23 -18.75 8.35
C LEU B 21 -27.49 -17.59 9.02
N GLY B 22 -27.95 -16.36 8.83
CA GLY B 22 -27.34 -15.23 9.49
C GLY B 22 -26.29 -14.53 8.65
N ALA B 23 -26.58 -14.34 7.37
CA ALA B 23 -25.64 -13.71 6.45
C ALA B 23 -26.35 -12.63 5.66
N PRO B 24 -25.63 -11.57 5.26
CA PRO B 24 -26.25 -10.53 4.44
C PRO B 24 -26.75 -11.09 3.13
N LYS B 25 -27.91 -10.59 2.69
CA LYS B 25 -28.54 -11.11 1.48
C LYS B 25 -27.76 -10.71 0.24
N THR B 26 -27.63 -11.64 -0.69
CA THR B 26 -26.86 -11.44 -1.91
C THR B 26 -27.67 -11.91 -3.10
N CYS B 27 -27.29 -11.43 -4.28
CA CYS B 27 -27.98 -11.77 -5.52
C CYS B 27 -26.98 -11.77 -6.66
N TYR B 28 -27.47 -12.08 -7.86
CA TYR B 28 -26.64 -12.12 -9.06
C TYR B 28 -27.19 -11.17 -10.11
N PHE B 29 -26.36 -10.23 -10.56
CA PHE B 29 -26.72 -9.30 -11.62
C PHE B 29 -25.48 -9.09 -12.48
N GLY B 30 -25.62 -9.29 -13.79
CA GLY B 30 -24.50 -9.13 -14.68
C GLY B 30 -23.47 -10.22 -14.61
N GLY B 31 -23.77 -11.34 -13.95
CA GLY B 31 -22.82 -12.42 -13.78
C GLY B 31 -21.90 -12.26 -12.58
N VAL B 32 -22.08 -11.22 -11.77
CA VAL B 32 -21.25 -10.99 -10.60
C VAL B 32 -22.15 -10.85 -9.37
N LEU B 33 -21.61 -11.20 -8.22
CA LEU B 33 -22.35 -11.18 -6.97
C LEU B 33 -22.56 -9.75 -6.48
N ARG B 34 -23.76 -9.48 -5.97
CA ARG B 34 -24.11 -8.16 -5.44
C ARG B 34 -24.85 -8.33 -4.12
N SER B 35 -24.63 -7.39 -3.20
CA SER B 35 -25.36 -7.35 -1.95
C SER B 35 -26.76 -6.78 -2.17
N ARG B 36 -27.69 -7.14 -1.28
CA ARG B 36 -29.04 -6.63 -1.41
C ARG B 36 -29.72 -6.48 -0.05
N ILE B 37 -30.58 -5.47 0.04
CA ILE B 37 -31.50 -5.28 1.16
C ILE B 37 -32.91 -5.43 0.64
N SER B 38 -33.72 -6.22 1.32
CA SER B 38 -35.02 -6.60 0.80
C SER B 38 -35.98 -5.41 0.75
N SER B 39 -36.94 -5.50 -0.17
CA SER B 39 -37.95 -4.46 -0.31
C SER B 39 -38.89 -4.42 0.91
N GLN B 40 -39.24 -5.59 1.46
CA GLN B 40 -40.10 -5.62 2.64
C GLN B 40 -39.44 -4.90 3.81
N CYS B 41 -38.13 -5.06 3.97
CA CYS B 41 -37.42 -4.35 5.03
C CYS B 41 -37.55 -2.84 4.88
N ILE B 42 -37.37 -2.33 3.65
CA ILE B 42 -37.47 -0.90 3.40
C ILE B 42 -38.89 -0.41 3.66
N LYS B 43 -39.89 -1.16 3.17
CA LYS B 43 -41.27 -0.75 3.38
C LYS B 43 -41.63 -0.69 4.85
N ARG B 44 -41.20 -1.70 5.62
CA ARG B 44 -41.48 -1.71 7.05
C ARG B 44 -40.77 -0.58 7.77
N SER B 45 -39.51 -0.32 7.42
CA SER B 45 -38.78 0.77 8.07
C SER B 45 -39.39 2.13 7.75
N ILE B 46 -39.89 2.31 6.53
CA ILE B 46 -40.55 3.57 6.18
C ILE B 46 -41.89 3.68 6.89
N ARG B 47 -42.63 2.57 6.99
CA ARG B 47 -43.97 2.61 7.56
C ARG B 47 -43.93 2.99 9.04
N THR B 48 -42.93 2.51 9.77
CA THR B 48 -42.79 2.79 11.20
C THR B 48 -41.75 3.86 11.47
N SER B 49 -41.69 4.88 10.62
CA SER B 49 -40.74 5.96 10.78
C SER B 49 -41.36 7.13 11.54
N ASN B 50 -40.48 7.94 12.14
CA ASN B 50 -40.94 9.12 12.88
C ASN B 50 -41.53 10.18 11.97
N ASP B 51 -41.20 10.15 10.68
CA ASP B 51 -41.74 11.10 9.73
C ASP B 51 -43.03 10.62 9.06
N PHE B 52 -43.43 9.38 9.31
CA PHE B 52 -44.66 8.82 8.79
C PHE B 52 -45.71 8.60 9.87
N LYS B 53 -45.48 9.15 11.07
CA LYS B 53 -46.34 8.84 12.21
C LYS B 53 -47.71 9.51 12.11
N ALA B 54 -47.77 10.70 11.51
CA ALA B 54 -49.04 11.41 11.40
C ALA B 54 -50.02 10.73 10.44
N LEU B 55 -49.56 9.76 9.64
CA LEU B 55 -50.41 9.08 8.68
C LEU B 55 -50.45 7.58 8.89
N LEU B 56 -50.22 7.13 10.12
CA LEU B 56 -50.20 5.70 10.46
C LEU B 56 -51.56 5.35 11.09
N GLY B 57 -52.51 4.99 10.25
CA GLY B 57 -53.85 4.69 10.70
C GLY B 57 -54.37 3.32 10.31
N GLY B 58 -53.51 2.31 10.34
CA GLY B 58 -53.91 0.96 10.00
C GLY B 58 -53.07 -0.06 10.74
N VAL B 59 -53.61 -1.27 10.84
CA VAL B 59 -52.94 -2.36 11.52
C VAL B 59 -53.04 -3.62 10.68
N ARG B 60 -51.93 -4.34 10.55
CA ARG B 60 -51.90 -5.68 9.99
C ARG B 60 -51.39 -6.60 11.09
N THR B 61 -52.16 -7.65 11.39
CA THR B 61 -51.89 -8.47 12.56
C THR B 61 -52.84 -9.66 12.56
N ARG B 62 -52.63 -10.55 13.53
CA ARG B 62 -53.54 -11.66 13.81
C ARG B 62 -54.21 -11.55 15.17
N ARG B 63 -53.80 -10.60 16.02
CA ARG B 63 -54.42 -10.40 17.33
C ARG B 63 -55.57 -9.39 17.23
N LEU B 64 -56.53 -9.71 16.36
CA LEU B 64 -57.73 -8.88 16.28
C LEU B 64 -58.61 -9.03 17.53
N ALA B 65 -58.53 -10.18 18.20
CA ALA B 65 -59.35 -10.40 19.39
C ALA B 65 -58.87 -9.54 20.56
N ASP B 66 -57.56 -9.42 20.74
CA ASP B 66 -57.02 -8.61 21.83
C ASP B 66 -57.28 -7.12 21.63
N LEU B 67 -57.54 -6.68 20.40
CA LEU B 67 -57.82 -5.27 20.19
C LEU B 67 -59.23 -4.91 20.67
N ILE B 68 -60.21 -5.76 20.38
CA ILE B 68 -61.56 -5.52 20.87
C ILE B 68 -61.61 -5.70 22.39
N GLN B 69 -60.85 -6.67 22.91
CA GLN B 69 -60.85 -6.92 24.35
C GLN B 69 -60.36 -5.69 25.13
N GLN B 70 -59.42 -4.94 24.57
CA GLN B 70 -58.95 -3.73 25.24
C GLN B 70 -60.02 -2.64 25.23
N GLU B 71 -60.90 -2.65 24.23
CA GLU B 71 -61.97 -1.65 24.14
C GLU B 71 -63.26 -2.13 24.79
N ALA B 72 -63.16 -2.56 26.05
CA ALA B 72 -64.33 -3.03 26.80
C ALA B 72 -63.94 -3.17 28.27
N GLY B 73 -64.88 -2.79 29.15
CA GLY B 73 -64.68 -2.98 30.57
C GLY B 73 -65.13 -4.36 31.03
N GLU B 74 -65.99 -4.99 30.25
CA GLU B 74 -66.46 -6.33 30.57
C GLU B 74 -65.47 -7.37 30.07
N THR B 75 -65.06 -8.27 30.94
CA THR B 75 -64.11 -9.32 30.59
C THR B 75 -64.78 -10.48 29.85
N GLU B 76 -66.03 -10.32 29.43
CA GLU B 76 -66.77 -11.38 28.73
C GLU B 76 -66.76 -11.16 27.23
N CYS B 77 -65.70 -10.58 26.68
CA CYS B 77 -65.54 -10.40 25.25
C CYS B 77 -64.29 -11.12 24.76
N TRP B 78 -63.97 -12.26 25.36
CA TRP B 78 -62.76 -12.96 24.97
C TRP B 78 -63.16 -14.08 24.11
N LYS B 79 -63.89 -14.99 24.67
CA LYS B 79 -64.22 -16.16 23.89
C LYS B 79 -65.57 -16.08 23.25
N LYS B 80 -65.74 -16.75 22.09
CA LYS B 80 -66.96 -16.68 21.28
C LYS B 80 -66.81 -15.42 20.48
N ALA B 81 -65.91 -14.55 20.90
CA ALA B 81 -65.63 -13.30 20.19
C ALA B 81 -64.54 -13.69 19.30
N GLN B 82 -63.70 -14.56 19.83
CA GLN B 82 -62.72 -15.18 19.03
C GLN B 82 -63.43 -16.19 18.17
N GLU B 83 -64.73 -16.43 18.35
CA GLU B 83 -65.46 -17.32 17.47
C GLU B 83 -66.20 -16.51 16.48
N ILE B 84 -66.36 -15.21 16.72
CA ILE B 84 -66.94 -14.37 15.67
C ILE B 84 -65.70 -14.28 14.84
N LEU B 85 -64.55 -14.12 15.50
CA LEU B 85 -63.30 -14.12 14.75
C LEU B 85 -63.09 -15.42 14.00
N ASN B 86 -63.33 -16.57 14.62
CA ASN B 86 -63.05 -17.83 13.98
C ASN B 86 -64.18 -18.34 13.27
N LYS B 87 -64.75 -17.50 12.45
CA LYS B 87 -65.81 -17.98 11.63
C LYS B 87 -65.98 -17.07 10.47
N CYS B 88 -65.43 -15.87 10.49
CA CYS B 88 -65.61 -15.08 9.32
C CYS B 88 -64.83 -15.84 8.32
N GLY B 89 -63.93 -16.70 8.80
CA GLY B 89 -63.15 -17.57 7.92
C GLY B 89 -61.69 -17.49 8.23
N PHE B 90 -61.33 -17.21 9.47
CA PHE B 90 -59.95 -17.00 9.81
C PHE B 90 -59.37 -18.01 10.69
N THR B 97 -56.74 -19.36 9.21
CA THR B 97 -56.04 -19.94 10.35
C THR B 97 -55.16 -18.88 11.01
N LYS B 98 -55.74 -18.00 11.82
CA LYS B 98 -54.99 -16.97 12.50
C LYS B 98 -54.15 -16.23 11.48
N MET B 99 -54.73 -15.91 10.32
CA MET B 99 -53.98 -15.26 9.27
C MET B 99 -53.95 -13.82 9.62
N LEU B 100 -52.91 -13.11 9.19
CA LEU B 100 -52.78 -11.69 9.49
C LEU B 100 -53.80 -10.79 8.73
N VAL B 101 -54.57 -9.96 9.43
CA VAL B 101 -55.62 -9.14 8.81
C VAL B 101 -55.21 -7.70 8.69
N PHE B 102 -55.63 -6.97 7.65
CA PHE B 102 -55.18 -5.60 7.42
C PHE B 102 -56.39 -4.71 7.16
N MET B 103 -56.57 -3.68 7.97
CA MET B 103 -57.65 -2.72 7.78
C MET B 103 -57.37 -1.48 8.60
N SER B 104 -58.23 -0.47 8.44
CA SER B 104 -58.06 0.77 9.18
C SER B 104 -58.20 0.53 10.68
N LYS B 105 -57.26 1.10 11.45
CA LYS B 105 -57.31 0.95 12.90
C LYS B 105 -58.50 1.67 13.50
N ASP B 106 -58.84 2.85 12.97
CA ASP B 106 -59.88 3.68 13.56
C ASP B 106 -61.26 3.02 13.48
N LYS B 107 -61.43 2.02 12.63
CA LYS B 107 -62.74 1.38 12.47
C LYS B 107 -62.97 0.25 13.46
N ILE B 108 -61.92 -0.50 13.83
CA ILE B 108 -62.12 -1.69 14.63
C ILE B 108 -62.59 -1.33 16.04
N LYS B 109 -61.89 -0.41 16.70
CA LYS B 109 -62.13 -0.11 18.10
C LYS B 109 -63.47 0.53 18.35
N ASP B 110 -64.21 0.87 17.29
CA ASP B 110 -65.59 1.30 17.40
C ASP B 110 -66.56 0.24 16.92
N LEU B 111 -66.41 -0.22 15.68
CA LEU B 111 -67.44 -1.06 15.08
C LEU B 111 -67.41 -2.48 15.63
N ALA B 112 -66.21 -3.03 15.86
CA ALA B 112 -66.15 -4.37 16.44
C ALA B 112 -66.75 -4.38 17.84
N ARG B 113 -66.52 -3.31 18.60
CA ARG B 113 -67.13 -3.21 19.93
C ARG B 113 -68.64 -3.05 19.84
N ILE B 114 -69.13 -2.26 18.88
CA ILE B 114 -70.57 -2.02 18.80
C ILE B 114 -71.32 -3.25 18.29
N VAL B 115 -70.66 -4.10 17.50
CA VAL B 115 -71.33 -5.27 16.96
C VAL B 115 -71.15 -6.49 17.85
N LEU B 116 -69.95 -6.68 18.40
CA LEU B 116 -69.64 -7.89 19.15
C LEU B 116 -70.40 -7.95 20.47
N ASP B 117 -70.53 -6.81 21.15
CA ASP B 117 -71.10 -6.80 22.49
C ASP B 117 -72.61 -6.93 22.51
N ASN B 118 -73.28 -6.75 21.37
CA ASN B 118 -74.72 -6.91 21.33
C ASN B 118 -75.11 -8.39 21.39
N SER B 119 -76.30 -8.64 21.92
CA SER B 119 -76.83 -10.00 22.05
C SER B 119 -77.61 -10.33 20.80
N LEU B 120 -76.93 -10.95 19.83
CA LEU B 120 -77.54 -11.35 18.57
C LEU B 120 -76.96 -12.69 18.16
N GLY B 121 -77.40 -13.17 17.00
CA GLY B 121 -76.95 -14.47 16.53
C GLY B 121 -75.48 -14.46 16.11
N LEU B 122 -74.92 -15.66 16.02
CA LEU B 122 -73.53 -15.79 15.60
C LEU B 122 -73.35 -15.40 14.14
N THR B 123 -74.23 -15.92 13.27
CA THR B 123 -74.08 -15.67 11.84
C THR B 123 -74.24 -14.20 11.50
N GLU B 124 -75.24 -13.54 12.09
CA GLU B 124 -75.49 -12.14 11.79
C GLU B 124 -74.32 -11.27 12.23
N ALA B 125 -73.83 -11.48 13.44
CA ALA B 125 -72.70 -10.70 13.94
C ALA B 125 -71.45 -10.97 13.12
N ALA B 126 -71.22 -12.23 12.75
CA ALA B 126 -70.06 -12.56 11.94
C ALA B 126 -70.11 -11.88 10.58
N GLN B 127 -71.27 -11.90 9.93
CA GLN B 127 -71.41 -11.24 8.64
C GLN B 127 -71.24 -9.72 8.77
N GLN B 128 -71.77 -9.14 9.84
CA GLN B 128 -71.61 -7.71 10.06
C GLN B 128 -70.13 -7.35 10.24
N VAL B 129 -69.40 -8.13 11.02
CA VAL B 129 -67.98 -7.87 11.22
C VAL B 129 -67.20 -8.10 9.93
N ALA B 130 -67.62 -9.09 9.14
CA ALA B 130 -66.96 -9.32 7.85
C ALA B 130 -67.14 -8.12 6.93
N ASN B 131 -68.35 -7.57 6.88
CA ASN B 131 -68.58 -6.38 6.07
C ASN B 131 -67.77 -5.21 6.61
N VAL B 132 -67.67 -5.09 7.94
CA VAL B 132 -66.87 -4.02 8.54
C VAL B 132 -65.42 -4.14 8.11
N ILE B 133 -64.87 -5.34 8.16
CA ILE B 133 -63.47 -5.56 7.80
C ILE B 133 -63.25 -5.28 6.32
N ALA B 134 -64.12 -5.79 5.46
CA ALA B 134 -63.96 -5.57 4.03
C ALA B 134 -64.23 -4.12 3.63
N GLN B 135 -64.87 -3.34 4.50
CA GLN B 135 -65.14 -1.94 4.21
C GLN B 135 -64.14 -0.99 4.86
N ALA B 136 -63.14 -1.52 5.58
CA ALA B 136 -62.21 -0.68 6.34
C ALA B 136 -60.91 -0.52 5.55
N THR B 137 -60.96 0.38 4.58
CA THR B 137 -59.83 0.63 3.69
C THR B 137 -59.25 2.03 3.84
N LEU B 138 -59.91 2.92 4.59
CA LEU B 138 -59.51 4.32 4.66
C LEU B 138 -58.22 4.49 5.48
N ALA B 139 -57.07 4.32 4.84
CA ALA B 139 -55.78 4.50 5.50
C ALA B 139 -54.71 4.67 4.44
N PRO B 140 -53.64 5.42 4.73
CA PRO B 140 -52.61 5.64 3.71
C PRO B 140 -51.76 4.42 3.44
N ASP B 141 -51.37 3.69 4.50
CA ASP B 141 -50.52 2.51 4.33
C ASP B 141 -51.21 1.42 3.52
N ILE B 142 -52.53 1.28 3.69
CA ILE B 142 -53.28 0.31 2.88
C ILE B 142 -53.25 0.72 1.41
N ALA B 143 -53.33 2.02 1.13
CA ALA B 143 -53.24 2.50 -0.24
C ALA B 143 -51.86 2.26 -0.83
N LEU B 144 -50.81 2.47 -0.03
CA LEU B 144 -49.44 2.35 -0.51
C LEU B 144 -49.03 0.90 -0.73
N CYS B 145 -49.17 0.05 0.30
CA CYS B 145 -48.67 -1.32 0.26
C CYS B 145 -49.72 -2.34 -0.14
N GLY B 146 -50.91 -1.90 -0.53
CA GLY B 146 -51.93 -2.80 -1.03
C GLY B 146 -52.42 -3.81 -0.02
N ARG B 147 -53.28 -4.74 -0.46
CA ARG B 147 -53.84 -5.74 0.44
C ARG B 147 -54.52 -6.84 -0.36
N MET B 148 -54.33 -8.08 0.08
CA MET B 148 -55.16 -9.21 -0.33
C MET B 148 -55.64 -9.92 0.92
N LEU B 149 -56.94 -10.19 0.98
CA LEU B 149 -57.54 -10.94 2.08
C LEU B 149 -58.39 -12.05 1.49
N GLU B 150 -58.08 -13.29 1.85
CA GLU B 150 -58.87 -14.44 1.39
C GLU B 150 -59.34 -15.25 2.60
N PRO B 151 -60.60 -15.67 2.65
CA PRO B 151 -61.04 -16.52 3.75
C PRO B 151 -60.84 -17.98 3.41
N ASN B 152 -60.89 -18.81 4.45
CA ASN B 152 -60.75 -20.26 4.30
C ASN B 152 -62.13 -20.86 4.09
N ASP B 153 -62.44 -21.23 2.85
CA ASP B 153 -63.75 -21.77 2.52
C ASP B 153 -63.97 -23.16 3.07
N LYS B 154 -62.92 -23.83 3.54
CA LYS B 154 -63.08 -25.19 4.06
C LYS B 154 -63.69 -25.19 5.46
N ASP B 155 -63.38 -24.19 6.27
CA ASP B 155 -63.82 -24.14 7.66
C ASP B 155 -64.44 -22.77 7.97
N LYS B 156 -65.34 -22.33 7.11
CA LYS B 156 -66.06 -21.08 7.30
C LYS B 156 -67.55 -21.36 7.34
N ASP B 157 -68.31 -20.41 7.90
CA ASP B 157 -69.76 -20.54 7.92
C ASP B 157 -70.30 -20.54 6.49
N LYS B 158 -71.18 -21.50 6.19
CA LYS B 158 -71.73 -21.62 4.85
C LYS B 158 -72.72 -20.51 4.53
N LYS B 159 -73.23 -19.82 5.54
CA LYS B 159 -74.22 -18.76 5.32
C LYS B 159 -73.59 -17.41 5.08
N VAL B 160 -72.43 -17.14 5.68
CA VAL B 160 -71.81 -15.83 5.53
C VAL B 160 -71.22 -15.69 4.12
N LYS B 161 -71.09 -14.44 3.68
CA LYS B 161 -70.55 -14.13 2.37
C LYS B 161 -69.58 -12.97 2.48
N TRP B 162 -68.50 -13.03 1.71
CA TRP B 162 -67.47 -12.01 1.72
C TRP B 162 -67.64 -11.10 0.51
N SER B 163 -67.33 -9.82 0.72
CA SER B 163 -67.39 -8.83 -0.34
C SER B 163 -65.98 -8.57 -0.88
N ASN B 164 -65.86 -7.58 -1.76
CA ASN B 164 -64.55 -7.27 -2.34
C ASN B 164 -63.62 -6.72 -1.28
N THR B 165 -62.40 -7.27 -1.23
CA THR B 165 -61.41 -6.86 -0.24
C THR B 165 -60.02 -6.77 -0.86
N THR B 166 -59.94 -6.55 -2.16
CA THR B 166 -58.67 -6.44 -2.88
C THR B 166 -58.33 -4.96 -3.02
N VAL B 167 -57.17 -4.57 -2.51
CA VAL B 167 -56.69 -3.19 -2.58
C VAL B 167 -55.40 -3.19 -3.39
N GLU B 168 -55.37 -2.41 -4.45
CA GLU B 168 -54.19 -2.33 -5.31
C GLU B 168 -53.18 -1.36 -4.72
N ALA B 169 -51.92 -1.80 -4.64
CA ALA B 169 -50.88 -0.95 -4.07
C ALA B 169 -50.57 0.22 -5.01
N ALA B 170 -50.00 1.27 -4.42
CA ALA B 170 -49.64 2.48 -5.17
C ALA B 170 -48.17 2.84 -5.01
N LEU B 171 -47.34 1.90 -4.57
CA LEU B 171 -45.90 2.12 -4.44
C LEU B 171 -45.15 0.87 -4.85
N GLN B 172 -44.11 1.04 -5.66
CA GLN B 172 -43.21 -0.04 -6.06
C GLN B 172 -41.81 0.28 -5.58
N VAL B 173 -41.24 -0.60 -4.78
CA VAL B 173 -39.90 -0.43 -4.24
C VAL B 173 -39.06 -1.61 -4.70
N ALA B 174 -37.94 -1.32 -5.37
CA ALA B 174 -37.06 -2.36 -5.85
C ALA B 174 -36.07 -2.76 -4.78
N HIS B 175 -35.60 -4.00 -4.87
CA HIS B 175 -34.57 -4.47 -3.95
C HIS B 175 -33.30 -3.64 -4.12
N ALA B 176 -32.70 -3.26 -3.01
CA ALA B 176 -31.45 -2.52 -3.08
C ALA B 176 -30.37 -3.38 -3.73
N ILE B 177 -29.67 -2.82 -4.71
CA ILE B 177 -28.66 -3.56 -5.47
C ILE B 177 -27.37 -2.77 -5.42
N SER B 178 -26.28 -3.44 -5.04
CA SER B 178 -24.99 -2.78 -5.00
C SER B 178 -24.52 -2.44 -6.41
N THR B 179 -23.89 -1.27 -6.55
CA THR B 179 -23.39 -0.82 -7.83
C THR B 179 -22.06 -1.49 -8.22
N HIS B 180 -21.50 -2.30 -7.34
CA HIS B 180 -20.21 -2.96 -7.57
C HIS B 180 -20.29 -4.44 -7.21
N ILE B 181 -19.15 -5.12 -7.19
CA ILE B 181 -19.13 -6.52 -6.80
C ILE B 181 -19.30 -6.64 -5.28
N ALA B 182 -19.74 -7.82 -4.86
CA ALA B 182 -20.01 -8.07 -3.45
C ALA B 182 -18.75 -8.57 -2.75
N ARG B 183 -18.51 -8.03 -1.55
CA ARG B 183 -17.33 -8.38 -0.76
C ARG B 183 -17.79 -8.76 0.65
N PRO B 184 -18.28 -9.98 0.84
CA PRO B 184 -18.72 -10.40 2.17
C PRO B 184 -17.54 -10.56 3.11
N GLU B 185 -17.82 -10.39 4.41
CA GLU B 185 -16.80 -10.43 5.44
C GLU B 185 -17.30 -11.24 6.63
N ILE B 186 -16.37 -11.65 7.48
CA ILE B 186 -16.67 -12.48 8.64
C ILE B 186 -16.01 -11.86 9.87
N ASP B 187 -16.77 -11.73 10.95
CA ASP B 187 -16.27 -11.22 12.22
C ASP B 187 -16.27 -12.32 13.26
N TYR B 188 -15.12 -12.53 13.91
CA TYR B 188 -14.97 -13.53 14.95
C TYR B 188 -15.09 -12.86 16.31
N PHE B 189 -16.03 -13.32 17.13
CA PHE B 189 -16.32 -12.69 18.41
C PHE B 189 -16.22 -13.72 19.52
N VAL B 190 -16.00 -13.21 20.73
CA VAL B 190 -15.98 -14.01 21.94
C VAL B 190 -16.88 -13.34 22.97
N ALA B 191 -17.42 -14.13 23.89
CA ALA B 191 -18.22 -13.64 24.99
C ALA B 191 -17.46 -13.87 26.30
N ALA B 192 -17.28 -12.82 27.07
CA ALA B 192 -16.46 -12.87 28.27
C ALA B 192 -17.31 -13.10 29.52
N ASP B 193 -16.71 -13.78 30.49
CA ASP B 193 -17.33 -13.98 31.80
C ASP B 193 -16.71 -13.00 32.79
N ASP B 194 -17.56 -12.38 33.60
CA ASP B 194 -17.09 -11.34 34.51
C ASP B 194 -16.15 -11.91 35.57
N VAL B 195 -16.51 -13.04 36.16
CA VAL B 195 -15.71 -13.61 37.26
C VAL B 195 -14.62 -14.51 36.69
N PRO B 196 -13.38 -14.35 37.09
CA PRO B 196 -12.30 -15.21 36.58
C PRO B 196 -12.42 -16.62 37.12
N GLY B 197 -11.80 -17.55 36.39
CA GLY B 197 -11.83 -18.95 36.79
C GLY B 197 -11.21 -19.83 35.74
N GLU B 198 -11.61 -21.10 35.75
CA GLU B 198 -11.07 -22.06 34.81
C GLU B 198 -11.44 -21.70 33.37
N ASP B 199 -12.67 -21.21 33.17
CA ASP B 199 -13.17 -20.80 31.86
C ASP B 199 -13.24 -21.96 30.88
N ALA B 200 -13.63 -21.68 29.64
CA ALA B 200 -13.77 -22.71 28.62
C ALA B 200 -12.39 -23.05 28.05
N GLY B 201 -12.38 -23.76 26.92
CA GLY B 201 -11.14 -24.14 26.28
C GLY B 201 -10.71 -23.18 25.18
N ALA B 202 -10.83 -23.62 23.92
CA ALA B 202 -10.46 -22.76 22.80
C ALA B 202 -11.33 -21.53 22.69
N GLY B 203 -12.48 -21.52 23.36
CA GLY B 203 -13.35 -20.37 23.35
C GLY B 203 -14.52 -20.55 22.40
N HIS B 204 -15.65 -19.93 22.75
CA HIS B 204 -16.86 -20.01 21.93
C HIS B 204 -16.80 -18.93 20.84
N ILE B 205 -15.88 -19.14 19.90
CA ILE B 205 -15.74 -18.25 18.76
C ILE B 205 -17.00 -18.35 17.92
N GLY B 206 -17.67 -17.22 17.71
CA GLY B 206 -18.78 -17.14 16.80
C GLY B 206 -18.36 -16.59 15.45
N GLU B 207 -19.35 -16.47 14.57
CA GLU B 207 -19.13 -15.94 13.23
C GLU B 207 -20.31 -15.03 12.87
N SER B 208 -20.05 -13.73 12.81
CA SER B 208 -21.02 -12.75 12.36
C SER B 208 -20.59 -12.23 11.00
N MET B 209 -21.51 -12.21 10.05
CA MET B 209 -21.23 -11.78 8.69
C MET B 209 -21.76 -10.37 8.46
N PHE B 210 -21.01 -9.59 7.68
CA PHE B 210 -21.40 -8.21 7.38
C PHE B 210 -20.78 -7.80 6.07
N ALA B 211 -21.28 -6.70 5.51
CA ALA B 211 -20.74 -6.16 4.27
C ALA B 211 -21.07 -4.68 4.19
N SER B 212 -20.31 -3.97 3.35
CA SER B 212 -20.55 -2.57 3.05
C SER B 212 -20.61 -2.38 1.54
N ALA B 213 -21.57 -1.61 1.07
CA ALA B 213 -21.74 -1.42 -0.37
C ALA B 213 -22.43 -0.10 -0.64
N CYS B 214 -22.24 0.40 -1.85
CA CYS B 214 -22.97 1.56 -2.35
C CYS B 214 -24.23 1.06 -3.03
N PHE B 215 -25.39 1.44 -2.49
CA PHE B 215 -26.66 0.86 -2.91
C PHE B 215 -27.41 1.83 -3.82
N TYR B 216 -27.91 1.30 -4.93
CA TYR B 216 -28.77 2.06 -5.84
C TYR B 216 -30.21 1.70 -5.51
N LYS B 217 -30.93 2.63 -4.90
CA LYS B 217 -32.32 2.44 -4.52
C LYS B 217 -33.24 3.07 -5.56
N TYR B 218 -34.44 2.50 -5.68
CA TYR B 218 -35.35 2.86 -6.75
C TYR B 218 -36.78 2.80 -6.21
N PHE B 219 -37.43 3.95 -6.14
CA PHE B 219 -38.79 4.09 -5.63
C PHE B 219 -39.69 4.63 -6.73
N SER B 220 -41.00 4.46 -6.54
CA SER B 220 -41.97 4.91 -7.52
C SER B 220 -43.35 5.01 -6.86
N ILE B 221 -43.95 6.19 -6.91
CA ILE B 221 -45.27 6.43 -6.34
C ILE B 221 -46.19 6.87 -7.47
N ASP B 222 -47.26 6.12 -7.68
CA ASP B 222 -48.26 6.46 -8.70
C ASP B 222 -49.29 7.39 -8.09
N TRP B 223 -49.33 8.63 -8.59
CA TRP B 223 -50.18 9.65 -7.97
C TRP B 223 -51.67 9.34 -8.18
N GLU B 224 -52.04 8.96 -9.40
CA GLU B 224 -53.45 8.74 -9.71
C GLU B 224 -54.05 7.62 -8.86
N GLN B 225 -53.33 6.50 -8.74
CA GLN B 225 -53.84 5.38 -7.97
C GLN B 225 -53.94 5.72 -6.49
N LEU B 226 -52.94 6.42 -5.95
CA LEU B 226 -53.00 6.82 -4.54
C LEU B 226 -54.17 7.77 -4.30
N VAL B 227 -54.41 8.71 -5.21
CA VAL B 227 -55.53 9.64 -5.06
C VAL B 227 -56.85 8.89 -5.12
N LYS B 228 -56.98 7.95 -6.07
CA LYS B 228 -58.21 7.17 -6.16
C LYS B 228 -58.42 6.34 -4.90
N ASN B 229 -57.35 5.77 -4.36
CA ASN B 229 -57.47 4.95 -3.15
C ASN B 229 -57.92 5.77 -1.95
N LEU B 230 -57.47 7.02 -1.84
CA LEU B 230 -57.88 7.91 -0.77
C LEU B 230 -59.12 8.71 -1.12
N LYS B 231 -59.92 8.24 -2.07
CA LYS B 231 -61.20 8.86 -2.43
C LYS B 231 -61.01 10.29 -2.92
N GLY B 232 -62.09 11.09 -2.87
CA GLY B 232 -62.06 12.44 -3.42
C GLY B 232 -61.06 13.38 -2.77
N ASP B 233 -60.59 13.06 -1.57
CA ASP B 233 -59.59 13.89 -0.92
C ASP B 233 -58.28 13.85 -1.68
N THR B 234 -57.62 15.01 -1.79
CA THR B 234 -56.37 15.12 -2.53
C THR B 234 -55.30 15.79 -1.67
N ASN B 235 -55.72 16.66 -0.76
CA ASN B 235 -54.77 17.26 0.18
C ASN B 235 -54.12 16.20 1.05
N LEU B 236 -54.91 15.20 1.48
CA LEU B 236 -54.35 14.11 2.25
C LEU B 236 -53.33 13.33 1.44
N ALA B 237 -53.61 13.11 0.15
CA ALA B 237 -52.66 12.41 -0.71
C ALA B 237 -51.37 13.21 -0.87
N ALA B 238 -51.47 14.53 -1.04
CA ALA B 238 -50.27 15.35 -1.16
C ALA B 238 -49.44 15.32 0.11
N HIS B 239 -50.10 15.40 1.27
CA HIS B 239 -49.39 15.28 2.54
C HIS B 239 -48.72 13.93 2.66
N THR B 240 -49.42 12.87 2.24
CA THR B 240 -48.84 11.53 2.31
C THR B 240 -47.60 11.42 1.43
N VAL B 241 -47.65 11.98 0.22
CA VAL B 241 -46.50 11.93 -0.68
C VAL B 241 -45.33 12.69 -0.10
N GLY B 242 -45.58 13.88 0.43
CA GLY B 242 -44.48 14.67 1.00
C GLY B 242 -43.85 13.99 2.20
N ALA B 243 -44.69 13.48 3.11
CA ALA B 243 -44.17 12.80 4.29
C ALA B 243 -43.44 11.52 3.90
N PHE B 244 -43.94 10.81 2.89
CA PHE B 244 -43.26 9.60 2.43
C PHE B 244 -41.89 9.92 1.86
N LEU B 245 -41.79 10.98 1.05
CA LEU B 245 -40.49 11.38 0.52
C LEU B 245 -39.52 11.74 1.64
N LEU B 246 -40.00 12.53 2.62
CA LEU B 246 -39.15 12.89 3.75
C LEU B 246 -38.68 11.66 4.50
N ALA B 247 -39.60 10.74 4.78
CA ALA B 247 -39.24 9.53 5.51
C ALA B 247 -38.24 8.69 4.75
N ALA B 248 -38.45 8.52 3.43
CA ALA B 248 -37.50 7.75 2.64
C ALA B 248 -36.12 8.39 2.68
N ALA B 249 -36.06 9.71 2.59
CA ALA B 249 -34.77 10.39 2.67
C ALA B 249 -34.13 10.23 4.04
N LYS B 250 -34.93 10.18 5.11
CA LYS B 250 -34.40 10.25 6.47
C LYS B 250 -34.88 9.08 7.33
N THR B 251 -34.77 7.85 6.81
CA THR B 251 -35.04 6.67 7.61
C THR B 251 -34.17 5.52 7.12
N ASN B 252 -33.83 4.62 8.03
CA ASN B 252 -32.99 3.46 7.72
C ASN B 252 -33.57 2.21 8.36
N PRO B 253 -33.29 1.04 7.77
CA PRO B 253 -33.73 -0.22 8.39
C PRO B 253 -33.13 -0.41 9.78
N SER B 254 -33.94 -0.97 10.68
CA SER B 254 -33.54 -1.15 12.08
C SER B 254 -33.05 -2.59 12.29
N GLY B 255 -31.94 -2.90 11.66
CA GLY B 255 -31.36 -4.22 11.78
C GLY B 255 -30.43 -4.31 12.97
N LYS B 256 -29.18 -4.71 12.76
CA LYS B 256 -28.19 -4.76 13.82
C LYS B 256 -27.62 -3.37 14.08
N GLN B 257 -28.54 -2.45 14.39
CA GLN B 257 -28.15 -1.05 14.50
C GLN B 257 -27.43 -0.76 15.80
N ASN B 258 -27.78 -1.46 16.89
CA ASN B 258 -27.07 -1.26 18.14
C ASN B 258 -25.62 -1.68 18.06
N SER B 259 -25.26 -2.48 17.06
CA SER B 259 -23.88 -2.88 16.83
C SER B 259 -23.24 -2.20 15.63
N PHE B 260 -24.03 -1.79 14.64
CA PHE B 260 -23.55 -1.04 13.49
C PHE B 260 -24.49 0.16 13.31
N ALA B 261 -24.05 1.34 13.73
CA ALA B 261 -24.86 2.54 13.58
C ALA B 261 -24.61 3.15 12.20
N ALA B 262 -25.16 2.46 11.19
CA ALA B 262 -25.04 2.91 9.81
C ALA B 262 -26.23 3.78 9.43
N HIS B 263 -26.21 5.01 9.95
CA HIS B 263 -27.28 5.98 9.75
C HIS B 263 -26.94 6.97 8.66
N ASN B 264 -26.23 6.54 7.63
CA ASN B 264 -25.83 7.42 6.55
C ASN B 264 -27.03 7.83 5.71
N TYR B 265 -26.93 9.02 5.13
CA TYR B 265 -27.98 9.57 4.29
C TYR B 265 -27.49 9.68 2.84
N PRO B 266 -28.38 9.59 1.86
CA PRO B 266 -27.95 9.48 0.47
C PRO B 266 -27.18 10.71 -0.01
N ASP B 267 -26.21 10.47 -0.89
CA ASP B 267 -25.39 11.51 -1.49
C ASP B 267 -25.94 12.00 -2.82
N GLY B 268 -27.02 11.43 -3.31
CA GLY B 268 -27.62 11.89 -4.54
C GLY B 268 -29.04 11.41 -4.74
N ILE B 269 -29.95 12.32 -5.07
CA ILE B 269 -31.34 12.00 -5.34
C ILE B 269 -31.74 12.61 -6.67
N LEU B 270 -32.33 11.80 -7.54
CA LEU B 270 -32.86 12.27 -8.81
C LEU B 270 -34.36 11.99 -8.84
N VAL B 271 -35.14 13.01 -9.13
CA VAL B 271 -36.59 12.93 -9.16
C VAL B 271 -37.06 13.27 -10.56
N GLU B 272 -37.80 12.36 -11.20
CA GLU B 272 -38.32 12.53 -12.52
C GLU B 272 -39.79 12.24 -12.62
N PHE B 273 -40.61 13.06 -13.30
CA PHE B 273 -42.06 12.90 -13.43
C PHE B 273 -42.36 12.33 -14.81
N LYS B 274 -42.70 11.06 -14.87
CA LYS B 274 -42.89 10.34 -16.12
C LYS B 274 -44.30 9.78 -16.19
N ASN B 275 -44.72 9.44 -17.41
CA ASN B 275 -46.00 8.80 -17.62
C ASN B 275 -45.90 7.28 -17.68
N SER B 276 -44.68 6.75 -17.65
CA SER B 276 -44.43 5.32 -17.76
C SER B 276 -43.29 4.95 -16.83
N PRO B 277 -43.33 3.76 -16.23
CA PRO B 277 -42.26 3.36 -15.32
C PRO B 277 -40.92 3.28 -16.03
N ILE B 278 -39.89 3.87 -15.42
CA ILE B 278 -38.54 3.85 -15.95
C ILE B 278 -37.57 3.58 -14.81
N SER B 279 -36.59 2.73 -15.06
CA SER B 279 -35.58 2.37 -14.08
C SER B 279 -34.20 2.59 -14.68
N TYR B 280 -33.21 2.77 -13.81
CA TYR B 280 -31.85 3.01 -14.24
C TYR B 280 -30.89 2.00 -13.63
N ALA B 281 -31.36 0.76 -13.46
CA ALA B 281 -30.54 -0.28 -12.85
C ALA B 281 -29.60 -0.97 -13.82
N ASN B 282 -29.79 -0.77 -15.13
CA ASN B 282 -28.92 -1.41 -16.11
C ASN B 282 -27.59 -0.68 -16.27
N ALA B 283 -27.44 0.50 -15.69
CA ALA B 283 -26.18 1.21 -15.75
C ALA B 283 -25.08 0.51 -14.96
N PHE B 284 -25.43 -0.48 -14.15
CA PHE B 284 -24.48 -1.15 -13.28
C PHE B 284 -24.29 -2.62 -13.67
N VAL B 285 -24.62 -2.98 -14.91
CA VAL B 285 -24.34 -4.32 -15.39
C VAL B 285 -22.84 -4.56 -15.45
N ARG B 286 -22.08 -3.51 -15.71
CA ARG B 286 -20.63 -3.55 -15.57
C ARG B 286 -20.26 -3.03 -14.19
N PRO B 287 -19.64 -3.85 -13.33
CA PRO B 287 -19.35 -3.39 -11.97
C PRO B 287 -18.39 -2.22 -11.95
N VAL B 288 -18.55 -1.37 -10.94
CA VAL B 288 -17.71 -0.20 -10.75
C VAL B 288 -16.41 -0.60 -10.08
N SER B 289 -15.29 -0.21 -10.67
CA SER B 289 -13.97 -0.45 -10.11
C SER B 289 -13.34 0.89 -9.75
N VAL B 290 -12.81 0.97 -8.53
CA VAL B 290 -12.29 2.22 -8.00
C VAL B 290 -10.93 2.50 -8.59
N VAL B 291 -10.74 3.71 -9.10
CA VAL B 291 -9.44 4.17 -9.58
C VAL B 291 -8.92 5.23 -8.61
N LYS B 292 -7.63 5.54 -8.73
CA LYS B 292 -7.00 6.44 -7.77
C LYS B 292 -7.60 7.84 -7.78
N GLU B 293 -8.08 8.31 -8.92
CA GLU B 293 -8.88 9.53 -8.95
C GLU B 293 -10.33 9.19 -8.71
N SER B 294 -11.08 10.16 -8.17
CA SER B 294 -12.50 10.00 -7.88
C SER B 294 -12.74 8.92 -6.84
N ASP B 295 -14.00 8.76 -6.44
CA ASP B 295 -14.39 7.77 -5.44
C ASP B 295 -15.58 6.96 -5.96
N LEU B 296 -16.06 6.05 -5.14
CA LEU B 296 -17.15 5.16 -5.56
C LEU B 296 -18.42 5.93 -5.86
N VAL B 297 -18.77 6.90 -5.02
CA VAL B 297 -20.03 7.62 -5.19
C VAL B 297 -20.02 8.45 -6.46
N GLU B 298 -18.91 9.14 -6.72
CA GLU B 298 -18.83 9.99 -7.91
C GLU B 298 -18.83 9.15 -9.18
N GLN B 299 -18.11 8.01 -9.18
CA GLN B 299 -18.13 7.14 -10.33
C GLN B 299 -19.52 6.56 -10.57
N SER B 300 -20.22 6.18 -9.50
CA SER B 300 -21.58 5.69 -9.64
C SER B 300 -22.50 6.75 -10.21
N ILE B 301 -22.38 7.99 -9.74
CA ILE B 301 -23.20 9.07 -10.26
C ILE B 301 -22.86 9.36 -11.72
N GLY B 302 -21.59 9.25 -12.08
CA GLY B 302 -21.21 9.44 -13.48
C GLY B 302 -21.80 8.38 -14.39
N GLN B 303 -21.75 7.12 -13.96
CA GLN B 303 -22.38 6.06 -14.75
C GLN B 303 -23.88 6.28 -14.84
N LEU B 304 -24.51 6.73 -13.75
CA LEU B 304 -25.93 7.04 -13.78
C LEU B 304 -26.22 8.14 -14.79
N SER B 305 -25.39 9.19 -14.82
CA SER B 305 -25.60 10.29 -15.76
C SER B 305 -25.46 9.80 -17.20
N ASN B 306 -24.48 8.94 -17.45
CA ASN B 306 -24.36 8.36 -18.78
C ASN B 306 -25.61 7.59 -19.17
N TYR B 307 -26.13 6.76 -18.27
CA TYR B 307 -27.31 5.98 -18.60
C TYR B 307 -28.53 6.88 -18.86
N VAL B 308 -28.71 7.91 -18.01
CA VAL B 308 -29.90 8.77 -18.17
C VAL B 308 -29.82 9.55 -19.47
N ASN B 309 -28.64 10.11 -19.80
CA ASN B 309 -28.58 10.89 -21.01
C ASN B 309 -28.66 9.99 -22.25
N ASP B 310 -28.20 8.74 -22.13
CA ASP B 310 -28.40 7.78 -23.21
C ASP B 310 -29.89 7.51 -23.43
N ILE B 311 -30.63 7.27 -22.34
CA ILE B 311 -32.06 7.01 -22.45
C ILE B 311 -32.77 8.23 -23.03
N ARG B 312 -32.37 9.43 -22.61
CA ARG B 312 -33.01 10.65 -23.09
C ARG B 312 -32.75 10.85 -24.58
N LEU B 313 -31.49 10.77 -25.01
CA LEU B 313 -31.16 10.86 -26.41
C LEU B 313 -31.56 9.62 -27.20
N GLY B 314 -32.18 8.66 -26.53
CA GLY B 314 -32.87 7.57 -27.19
C GLY B 314 -34.34 7.90 -27.29
N TYR B 315 -35.14 7.39 -26.34
CA TYR B 315 -36.58 7.61 -26.39
C TYR B 315 -36.93 9.03 -25.96
N TYR B 316 -37.65 9.75 -26.82
CA TYR B 316 -38.07 11.11 -26.53
C TYR B 316 -39.35 11.43 -27.31
N ASP B 317 -40.23 12.22 -26.70
CA ASP B 317 -41.49 12.63 -27.31
C ASP B 317 -41.71 14.11 -27.09
N GLU B 318 -42.32 14.77 -28.08
CA GLU B 318 -42.64 16.18 -27.98
C GLU B 318 -44.01 16.43 -27.35
N GLN B 319 -44.95 15.51 -27.52
CA GLN B 319 -46.29 15.68 -26.98
C GLN B 319 -46.36 15.43 -25.47
N SER B 320 -45.31 14.88 -24.87
CA SER B 320 -45.28 14.62 -23.43
C SER B 320 -43.87 14.88 -22.92
N PRO B 321 -43.55 16.12 -22.59
CA PRO B 321 -42.22 16.44 -22.05
C PRO B 321 -42.12 16.08 -20.58
N VAL B 322 -40.88 15.88 -20.14
CA VAL B 322 -40.59 15.52 -18.76
C VAL B 322 -39.47 16.42 -18.24
N ILE B 323 -39.47 16.64 -16.93
CA ILE B 323 -38.44 17.43 -16.26
C ILE B 323 -37.99 16.69 -15.01
N GLY B 324 -36.82 17.08 -14.51
CA GLY B 324 -36.28 16.46 -13.32
C GLY B 324 -35.54 17.47 -12.46
N PHE B 325 -35.42 17.12 -11.18
CA PHE B 325 -34.60 17.86 -10.22
C PHE B 325 -33.55 16.92 -9.64
N TRP B 326 -32.30 17.37 -9.61
CA TRP B 326 -31.22 16.61 -9.03
C TRP B 326 -30.84 17.23 -7.69
N PHE B 327 -30.88 16.43 -6.64
CA PHE B 327 -30.59 16.88 -5.30
C PHE B 327 -29.31 16.23 -4.78
N SER B 328 -28.32 17.05 -4.46
CA SER B 328 -27.14 16.64 -3.74
C SER B 328 -26.96 17.66 -2.64
N PRO B 329 -26.57 17.23 -1.44
CA PRO B 329 -26.46 18.17 -0.31
C PRO B 329 -25.52 19.33 -0.60
N ASN B 330 -26.08 20.54 -0.66
CA ASN B 330 -25.31 21.77 -0.89
C ASN B 330 -24.55 21.73 -2.20
N ASN B 331 -25.08 21.00 -3.18
CA ASN B 331 -24.51 20.92 -4.53
C ASN B 331 -23.05 20.46 -4.50
N ARG B 332 -22.84 19.25 -4.01
CA ARG B 332 -21.51 18.68 -3.93
C ARG B 332 -21.25 17.59 -4.97
N TYR B 333 -22.30 16.94 -5.47
CA TYR B 333 -22.15 15.87 -6.48
C TYR B 333 -23.08 16.18 -7.64
N PRO B 334 -22.57 16.79 -8.70
CA PRO B 334 -23.43 17.13 -9.85
C PRO B 334 -23.63 15.97 -10.80
N LEU B 335 -24.86 15.81 -11.30
CA LEU B 335 -25.14 14.77 -12.28
C LEU B 335 -24.63 15.18 -13.66
N GLY B 336 -25.15 16.28 -14.20
CA GLY B 336 -24.62 16.84 -15.42
C GLY B 336 -23.44 17.72 -15.13
N TYR B 337 -22.32 17.10 -14.77
CA TYR B 337 -21.19 17.86 -14.23
C TYR B 337 -20.44 18.63 -15.31
N LYS B 338 -20.40 18.13 -16.54
CA LYS B 338 -19.59 18.80 -17.56
C LYS B 338 -20.35 19.98 -18.18
N HIS B 339 -21.40 19.70 -18.93
CA HIS B 339 -22.24 20.75 -19.49
C HIS B 339 -23.74 20.48 -19.45
N SER B 340 -24.17 19.22 -19.38
CA SER B 340 -25.56 18.88 -19.63
C SER B 340 -26.46 19.33 -18.49
N LYS B 341 -27.51 20.07 -18.83
CA LYS B 341 -28.52 20.47 -17.87
C LYS B 341 -29.74 19.56 -17.99
N LEU B 342 -29.52 18.30 -17.58
CA LEU B 342 -30.61 17.33 -17.61
C LEU B 342 -31.74 17.73 -16.68
N ALA B 343 -31.41 18.22 -15.49
CA ALA B 343 -32.39 18.76 -14.58
C ALA B 343 -32.64 20.24 -14.87
N SER B 344 -33.73 20.77 -14.32
CA SER B 344 -34.13 22.14 -14.59
C SER B 344 -34.07 23.05 -13.37
N ARG B 345 -34.28 22.52 -12.18
CA ARG B 345 -34.40 23.30 -10.95
C ARG B 345 -33.57 22.67 -9.84
N ASN B 346 -32.28 22.43 -10.12
CA ASN B 346 -31.41 21.76 -9.16
C ASN B 346 -31.46 22.40 -7.79
N ILE B 347 -31.58 21.56 -6.75
CA ILE B 347 -31.74 22.01 -5.37
C ILE B 347 -30.62 21.43 -4.52
N GLY B 348 -30.16 22.22 -3.55
CA GLY B 348 -29.31 21.74 -2.48
C GLY B 348 -30.03 21.55 -1.17
N ASN B 349 -31.36 21.56 -1.16
CA ASN B 349 -32.16 21.39 0.05
C ASN B 349 -33.28 20.39 -0.22
N LEU B 350 -33.66 19.66 0.82
CA LEU B 350 -34.70 18.64 0.71
C LEU B 350 -36.09 19.21 0.96
N ASN B 351 -36.21 20.20 1.86
CA ASN B 351 -37.49 20.87 2.04
C ASN B 351 -37.93 21.57 0.76
N GLU B 352 -36.98 22.22 0.08
CA GLU B 352 -37.30 22.83 -1.21
C GLU B 352 -37.60 21.77 -2.26
N LEU B 353 -37.04 20.57 -2.12
CA LEU B 353 -37.41 19.47 -3.01
C LEU B 353 -38.87 19.10 -2.81
N VAL B 354 -39.31 18.98 -1.56
CA VAL B 354 -40.72 18.70 -1.30
C VAL B 354 -41.59 19.82 -1.83
N GLY B 355 -41.15 21.07 -1.65
CA GLY B 355 -41.91 22.19 -2.17
C GLY B 355 -42.06 22.16 -3.68
N ALA B 356 -40.97 21.90 -4.39
CA ALA B 356 -41.04 21.83 -5.84
C ALA B 356 -41.91 20.68 -6.31
N VAL B 357 -41.81 19.51 -5.67
CA VAL B 357 -42.65 18.38 -6.04
C VAL B 357 -44.11 18.72 -5.83
N LEU B 358 -44.44 19.32 -4.69
CA LEU B 358 -45.84 19.67 -4.41
C LEU B 358 -46.35 20.72 -5.37
N ASP B 359 -45.52 21.70 -5.73
CA ASP B 359 -45.93 22.72 -6.67
C ASP B 359 -46.18 22.14 -8.06
N TYR B 360 -45.34 21.18 -8.48
CA TYR B 360 -45.58 20.51 -9.75
C TYR B 360 -46.86 19.68 -9.69
N ILE B 361 -47.14 19.05 -8.54
CA ILE B 361 -48.36 18.29 -8.39
C ILE B 361 -49.58 19.20 -8.52
N GLY B 362 -49.53 20.35 -7.86
CA GLY B 362 -50.65 21.27 -7.90
C GLY B 362 -50.45 22.42 -6.93
N GLY B 363 -51.52 23.14 -6.66
CA GLY B 363 -51.45 24.24 -5.71
C GLY B 363 -51.39 23.79 -4.28
N PHE B 364 -50.41 22.96 -3.94
CA PHE B 364 -50.26 22.40 -2.60
C PHE B 364 -49.03 23.00 -1.93
N LYS B 365 -49.24 23.65 -0.79
CA LYS B 365 -48.17 24.04 0.11
C LYS B 365 -48.14 23.07 1.29
N TRP B 366 -46.94 22.83 1.82
CA TRP B 366 -46.78 21.79 2.83
C TRP B 366 -47.61 22.10 4.08
N GLU B 367 -47.55 23.34 4.55
CA GLU B 367 -48.33 23.70 5.73
C GLU B 367 -49.82 23.60 5.47
N GLU B 368 -50.25 23.85 4.23
CA GLU B 368 -51.65 23.71 3.90
C GLU B 368 -52.13 22.27 4.03
N VAL B 369 -51.30 21.31 3.59
CA VAL B 369 -51.70 19.91 3.64
C VAL B 369 -51.34 19.23 4.95
N GLN B 370 -50.61 19.89 5.84
CA GLN B 370 -50.39 19.36 7.19
C GLN B 370 -51.60 19.66 8.08
N LYS B 371 -52.78 19.31 7.58
CA LYS B 371 -54.02 19.51 8.30
C LYS B 371 -54.97 18.32 8.20
N SER B 372 -54.60 17.27 7.46
CA SER B 372 -55.45 16.09 7.32
C SER B 372 -54.71 14.84 7.78
N MET C 1 -35.03 13.36 22.18
CA MET C 1 -33.73 13.99 22.38
C MET C 1 -32.61 12.96 22.33
N LEU C 2 -31.64 13.19 21.45
CA LEU C 2 -30.51 12.30 21.26
C LEU C 2 -29.22 13.09 21.48
N ILE C 3 -28.31 12.53 22.26
CA ILE C 3 -26.97 13.09 22.44
C ILE C 3 -26.01 12.27 21.60
N GLU C 4 -25.37 12.91 20.63
CA GLU C 4 -24.48 12.24 19.69
C GLU C 4 -23.07 12.77 19.86
N ILE C 5 -22.09 11.87 19.77
CA ILE C 5 -20.69 12.20 19.93
C ILE C 5 -19.93 11.70 18.71
N HIS C 6 -19.20 12.60 18.04
CA HIS C 6 -18.33 12.25 16.93
C HIS C 6 -16.89 12.58 17.31
N MET C 7 -15.99 11.65 17.08
CA MET C 7 -14.60 11.81 17.50
C MET C 7 -13.67 11.43 16.36
N ILE C 8 -12.56 12.16 16.24
CA ILE C 8 -11.48 11.84 15.32
C ILE C 8 -10.25 11.55 16.16
N GLN C 9 -9.65 10.37 15.97
CA GLN C 9 -8.56 9.91 16.81
C GLN C 9 -7.50 9.25 15.95
N ASN C 10 -6.24 9.55 16.23
CA ASN C 10 -5.10 8.95 15.55
C ASN C 10 -4.32 8.09 16.52
N HIS C 11 -3.93 6.90 16.07
CA HIS C 11 -3.33 5.91 16.94
C HIS C 11 -1.93 5.52 16.46
N SER C 12 -1.07 5.23 17.41
CA SER C 12 0.26 4.73 17.12
C SER C 12 0.19 3.30 16.60
N PRO C 13 1.26 2.81 15.96
CA PRO C 13 1.28 1.40 15.53
C PRO C 13 0.91 0.43 16.64
N ALA C 14 -0.22 -0.26 16.48
CA ALA C 14 -0.75 -1.12 17.53
C ALA C 14 -1.67 -2.16 16.92
N ASN C 15 -2.00 -3.16 17.73
CA ASN C 15 -2.96 -4.20 17.36
C ASN C 15 -4.03 -4.23 18.44
N LEU C 16 -5.04 -3.37 18.30
CA LEU C 16 -6.06 -3.20 19.33
C LEU C 16 -7.19 -4.21 19.24
N ASN C 17 -7.31 -4.92 18.12
CA ASN C 17 -8.38 -5.89 17.93
C ASN C 17 -7.98 -6.83 16.82
N ARG C 18 -7.86 -8.12 17.13
CA ARG C 18 -7.39 -9.12 16.17
C ARG C 18 -8.39 -10.25 16.04
N ASP C 19 -8.19 -11.06 15.00
CA ASP C 19 -9.02 -12.21 14.70
C ASP C 19 -8.33 -13.49 15.16
N ASP C 20 -8.88 -14.64 14.75
CA ASP C 20 -8.33 -15.92 15.19
C ASP C 20 -6.90 -16.13 14.70
N LEU C 21 -6.59 -15.68 13.49
CA LEU C 21 -5.25 -15.87 12.93
C LEU C 21 -4.23 -14.89 13.47
N GLY C 22 -4.65 -13.88 14.23
CA GLY C 22 -3.74 -12.93 14.81
C GLY C 22 -3.54 -11.64 14.03
N ALA C 23 -4.38 -11.36 13.06
CA ALA C 23 -4.24 -10.17 12.24
C ALA C 23 -5.22 -9.09 12.65
N PRO C 24 -4.85 -7.82 12.52
CA PRO C 24 -5.79 -6.74 12.86
C PRO C 24 -7.03 -6.77 11.98
N LYS C 25 -8.16 -6.39 12.57
CA LYS C 25 -9.42 -6.41 11.84
C LYS C 25 -9.43 -5.34 10.75
N THR C 26 -10.00 -5.69 9.60
CA THR C 26 -10.07 -4.82 8.44
C THR C 26 -11.48 -4.85 7.86
N CYS C 27 -11.74 -3.91 6.96
CA CYS C 27 -13.03 -3.83 6.29
C CYS C 27 -12.87 -3.09 4.97
N TYR C 28 -13.87 -3.21 4.12
CA TYR C 28 -13.92 -2.51 2.84
C TYR C 28 -14.91 -1.37 2.94
N PHE C 29 -14.46 -0.16 2.62
CA PHE C 29 -15.29 1.03 2.68
C PHE C 29 -14.95 1.91 1.49
N GLY C 30 -15.89 2.04 0.56
CA GLY C 30 -15.62 2.79 -0.65
C GLY C 30 -14.75 2.07 -1.64
N GLY C 31 -14.64 0.75 -1.53
CA GLY C 31 -13.82 -0.04 -2.43
C GLY C 31 -12.36 -0.17 -2.03
N VAL C 32 -11.97 0.37 -0.88
CA VAL C 32 -10.59 0.33 -0.43
C VAL C 32 -10.53 -0.28 0.96
N LEU C 33 -9.36 -0.82 1.30
CA LEU C 33 -9.17 -1.50 2.57
C LEU C 33 -8.98 -0.49 3.70
N ARG C 34 -9.69 -0.72 4.80
CA ARG C 34 -9.60 0.13 5.98
C ARG C 34 -9.31 -0.74 7.20
N SER C 35 -8.81 -0.09 8.26
CA SER C 35 -8.68 -0.74 9.55
C SER C 35 -10.00 -0.61 10.32
N ARG C 36 -10.19 -1.51 11.30
CA ARG C 36 -11.46 -1.57 11.99
C ARG C 36 -11.26 -1.97 13.45
N ILE C 37 -12.05 -1.36 14.34
CA ILE C 37 -12.17 -1.79 15.73
C ILE C 37 -13.65 -2.09 15.99
N SER C 38 -13.91 -3.26 16.58
CA SER C 38 -15.29 -3.71 16.77
C SER C 38 -15.99 -2.88 17.86
N SER C 39 -17.32 -2.84 17.76
CA SER C 39 -18.10 -2.06 18.71
C SER C 39 -18.19 -2.72 20.07
N GLN C 40 -18.21 -4.05 20.11
CA GLN C 40 -18.25 -4.75 21.38
C GLN C 40 -17.00 -4.48 22.20
N CYS C 41 -15.85 -4.37 21.54
CA CYS C 41 -14.62 -4.01 22.23
C CYS C 41 -14.73 -2.64 22.89
N ILE C 42 -15.27 -1.66 22.16
CA ILE C 42 -15.43 -0.31 22.71
C ILE C 42 -16.40 -0.33 23.88
N LYS C 43 -17.51 -1.05 23.74
CA LYS C 43 -18.50 -1.12 24.81
C LYS C 43 -17.91 -1.75 26.06
N ARG C 44 -17.17 -2.84 25.92
CA ARG C 44 -16.56 -3.49 27.08
C ARG C 44 -15.50 -2.61 27.71
N SER C 45 -14.73 -1.88 26.89
CA SER C 45 -13.72 -0.99 27.44
C SER C 45 -14.36 0.16 28.22
N ILE C 46 -15.47 0.71 27.72
CA ILE C 46 -16.15 1.77 28.44
C ILE C 46 -16.78 1.24 29.73
N ARG C 47 -17.37 0.04 29.67
CA ARG C 47 -18.02 -0.52 30.85
C ARG C 47 -17.02 -0.77 31.98
N THR C 48 -15.87 -1.33 31.67
CA THR C 48 -14.86 -1.63 32.69
C THR C 48 -13.80 -0.52 32.71
N SER C 49 -14.24 0.67 33.08
CA SER C 49 -13.39 1.85 33.09
C SER C 49 -13.48 2.54 34.45
N ASN C 50 -12.43 3.31 34.76
CA ASN C 50 -12.38 4.02 36.04
C ASN C 50 -13.49 5.06 36.13
N ASP C 51 -13.73 5.79 35.05
CA ASP C 51 -14.76 6.82 35.06
C ASP C 51 -16.17 6.25 35.16
N PHE C 52 -16.34 4.95 34.92
CA PHE C 52 -17.62 4.28 35.04
C PHE C 52 -17.71 3.40 36.27
N LYS C 53 -16.76 3.52 37.20
CA LYS C 53 -16.69 2.61 38.35
C LYS C 53 -17.92 2.73 39.23
N ALA C 54 -18.35 3.96 39.53
CA ALA C 54 -19.45 4.17 40.46
C ALA C 54 -20.76 3.60 39.93
N LEU C 55 -21.03 3.79 38.64
CA LEU C 55 -22.30 3.39 38.05
C LEU C 55 -22.24 1.99 37.46
N LEU C 56 -21.75 1.04 38.24
CA LEU C 56 -21.75 -0.38 37.89
C LEU C 56 -22.71 -1.11 38.81
N GLY C 57 -22.77 -2.43 38.66
CA GLY C 57 -23.69 -3.21 39.46
C GLY C 57 -24.34 -4.35 38.71
N GLY C 58 -24.00 -4.49 37.43
CA GLY C 58 -24.47 -5.61 36.63
C GLY C 58 -23.38 -6.66 36.50
N VAL C 59 -23.80 -7.92 36.44
CA VAL C 59 -22.90 -9.04 36.20
C VAL C 59 -23.45 -9.88 35.06
N ARG C 60 -22.57 -10.28 34.15
CA ARG C 60 -22.91 -11.14 33.01
C ARG C 60 -22.06 -12.40 33.15
N THR C 61 -22.63 -13.44 33.75
CA THR C 61 -21.83 -14.60 34.13
C THR C 61 -22.59 -15.89 33.86
N ARG C 62 -21.84 -16.98 33.80
CA ARG C 62 -22.37 -18.33 33.71
C ARG C 62 -22.26 -19.08 35.02
N ARG C 63 -21.75 -18.45 36.07
CA ARG C 63 -21.35 -19.11 37.31
C ARG C 63 -22.01 -18.43 38.51
N LEU C 64 -23.33 -18.23 38.43
CA LEU C 64 -24.07 -17.67 39.54
C LEU C 64 -23.97 -18.52 40.79
N ALA C 65 -23.71 -19.82 40.66
CA ALA C 65 -23.61 -20.70 41.82
C ALA C 65 -22.46 -20.29 42.72
N ASP C 66 -21.33 -19.90 42.14
CA ASP C 66 -20.20 -19.44 42.96
C ASP C 66 -20.56 -18.21 43.77
N LEU C 67 -21.23 -17.24 43.14
CA LEU C 67 -21.62 -16.04 43.86
C LEU C 67 -22.63 -16.35 44.95
N ILE C 68 -23.58 -17.24 44.66
CA ILE C 68 -24.57 -17.63 45.65
C ILE C 68 -23.89 -18.28 46.85
N GLN C 69 -22.94 -19.18 46.59
CA GLN C 69 -22.22 -19.82 47.69
C GLN C 69 -21.38 -18.84 48.48
N GLN C 70 -20.70 -17.91 47.83
CA GLN C 70 -19.82 -16.98 48.53
C GLN C 70 -20.57 -15.84 49.20
N GLU C 71 -21.85 -15.65 48.89
CA GLU C 71 -22.68 -14.70 49.61
C GLU C 71 -23.63 -15.35 50.60
N ALA C 72 -23.78 -16.67 50.55
CA ALA C 72 -24.55 -17.39 51.58
C ALA C 72 -23.66 -17.64 52.79
N GLY C 73 -22.44 -18.11 52.55
CA GLY C 73 -21.51 -18.33 53.63
C GLY C 73 -20.97 -19.74 53.68
N GLU C 74 -21.03 -20.37 54.86
CA GLU C 74 -20.54 -21.72 55.06
C GLU C 74 -21.64 -22.77 55.01
N THR C 75 -22.89 -22.37 54.77
CA THR C 75 -24.00 -23.33 54.82
C THR C 75 -24.16 -24.05 53.47
N GLU C 76 -23.06 -24.62 52.98
CA GLU C 76 -23.05 -25.42 51.76
C GLU C 76 -23.85 -24.79 50.63
N CYS C 77 -25.01 -25.38 50.34
CA CYS C 77 -25.98 -24.86 49.36
C CYS C 77 -25.32 -24.57 48.01
N TRP C 78 -24.40 -25.45 47.61
CA TRP C 78 -23.78 -25.38 46.30
C TRP C 78 -24.42 -26.33 45.30
N LYS C 79 -24.47 -27.63 45.62
CA LYS C 79 -25.17 -28.57 44.75
C LYS C 79 -26.66 -28.25 44.69
N LYS C 80 -27.25 -27.84 45.81
CA LYS C 80 -28.66 -27.46 45.80
C LYS C 80 -28.91 -26.27 44.90
N ALA C 81 -28.01 -25.27 44.95
CA ALA C 81 -28.13 -24.11 44.07
C ALA C 81 -28.00 -24.52 42.61
N GLN C 82 -27.07 -25.44 42.32
CA GLN C 82 -26.93 -25.91 40.95
C GLN C 82 -28.19 -26.62 40.47
N GLU C 83 -28.78 -27.46 41.33
CA GLU C 83 -30.01 -28.14 40.93
C GLU C 83 -31.15 -27.16 40.69
N ILE C 84 -31.28 -26.15 41.55
CA ILE C 84 -32.31 -25.14 41.33
C ILE C 84 -32.07 -24.39 40.02
N LEU C 85 -30.82 -24.03 39.75
CA LEU C 85 -30.50 -23.31 38.52
C LEU C 85 -30.76 -24.13 37.27
N ASN C 86 -30.43 -25.42 37.27
CA ASN C 86 -30.73 -26.28 36.13
C ASN C 86 -32.20 -26.62 36.04
N LYS C 87 -32.95 -26.51 37.13
CA LYS C 87 -34.41 -26.59 37.06
C LYS C 87 -35.03 -25.33 36.50
N CYS C 88 -34.38 -24.18 36.68
CA CYS C 88 -34.88 -22.94 36.08
C CYS C 88 -34.87 -23.03 34.56
N GLY C 89 -33.88 -23.70 34.00
CA GLY C 89 -33.82 -23.86 32.55
C GLY C 89 -32.55 -23.29 31.92
N PHE C 90 -31.46 -23.30 32.68
CA PHE C 90 -30.16 -22.88 32.13
C PHE C 90 -29.58 -24.05 31.32
N LYS C 91 -29.98 -24.08 30.05
CA LYS C 91 -29.72 -25.19 29.14
C LYS C 91 -28.27 -25.64 29.12
N ASN C 92 -28.03 -26.95 29.15
CA ASN C 92 -26.70 -27.52 29.11
C ASN C 92 -26.49 -28.37 27.87
N LYS C 93 -26.97 -27.90 26.72
CA LYS C 93 -26.78 -28.65 25.47
C LYS C 93 -25.31 -28.71 25.10
N ASP C 94 -24.92 -29.85 24.51
CA ASP C 94 -23.51 -30.13 24.21
C ASP C 94 -22.66 -30.05 25.47
N ASP C 95 -23.24 -30.49 26.59
CA ASP C 95 -22.56 -30.61 27.89
C ASP C 95 -21.86 -29.34 28.32
N ASN C 96 -22.21 -28.20 27.70
CA ASN C 96 -21.59 -26.91 27.99
C ASN C 96 -22.64 -25.99 28.59
N THR C 97 -22.49 -25.68 29.88
CA THR C 97 -23.37 -24.71 30.50
C THR C 97 -23.16 -23.35 29.86
N LYS C 98 -24.27 -22.67 29.56
CA LYS C 98 -24.23 -21.45 28.77
C LYS C 98 -25.40 -20.57 29.22
N MET C 99 -25.80 -19.64 28.35
CA MET C 99 -26.87 -18.70 28.63
C MET C 99 -26.49 -17.79 29.81
N LEU C 100 -25.44 -17.02 29.56
CA LEU C 100 -24.98 -16.01 30.51
C LEU C 100 -26.15 -15.17 31.00
N VAL C 101 -26.24 -14.97 32.30
CA VAL C 101 -27.33 -14.24 32.94
C VAL C 101 -26.84 -12.83 33.23
N PHE C 102 -27.65 -11.85 32.86
CA PHE C 102 -27.33 -10.43 33.04
C PHE C 102 -28.28 -9.86 34.08
N MET C 103 -27.76 -9.61 35.28
CA MET C 103 -28.61 -9.24 36.40
C MET C 103 -27.85 -8.31 37.34
N SER C 104 -28.61 -7.62 38.18
CA SER C 104 -28.02 -6.69 39.14
C SER C 104 -27.26 -7.45 40.22
N LYS C 105 -26.32 -6.75 40.85
CA LYS C 105 -25.46 -7.34 41.86
C LYS C 105 -26.06 -7.31 43.27
N ASP C 106 -27.22 -6.69 43.45
CA ASP C 106 -27.83 -6.56 44.76
C ASP C 106 -28.87 -7.65 45.05
N LYS C 107 -29.22 -8.47 44.08
CA LYS C 107 -30.21 -9.52 44.26
C LYS C 107 -29.59 -10.87 44.57
N ILE C 108 -28.26 -10.94 44.63
CA ILE C 108 -27.60 -12.17 45.05
C ILE C 108 -27.94 -12.47 46.51
N LYS C 109 -28.20 -11.43 47.31
CA LYS C 109 -28.65 -11.64 48.67
C LYS C 109 -29.99 -12.36 48.69
N ASP C 110 -30.92 -11.92 47.85
CA ASP C 110 -32.21 -12.59 47.77
C ASP C 110 -32.04 -14.02 47.30
N LEU C 111 -31.18 -14.24 46.30
CA LEU C 111 -30.95 -15.59 45.79
C LEU C 111 -30.38 -16.51 46.87
N ALA C 112 -29.42 -16.01 47.65
CA ALA C 112 -28.84 -16.83 48.71
C ALA C 112 -29.88 -17.14 49.78
N ARG C 113 -30.66 -16.13 50.17
CA ARG C 113 -31.69 -16.34 51.19
C ARG C 113 -32.69 -17.39 50.73
N ILE C 114 -33.09 -17.34 49.46
CA ILE C 114 -34.12 -18.25 48.97
C ILE C 114 -33.57 -19.65 48.77
N VAL C 115 -32.30 -19.76 48.36
CA VAL C 115 -31.71 -21.09 48.21
C VAL C 115 -31.41 -21.70 49.57
N LEU C 116 -31.34 -20.86 50.61
CA LEU C 116 -31.15 -21.37 51.96
C LEU C 116 -32.47 -21.59 52.65
N ASP C 117 -33.54 -21.81 51.89
CA ASP C 117 -34.86 -22.08 52.42
C ASP C 117 -35.19 -23.56 52.32
N ASN C 118 -35.85 -24.08 53.35
CA ASN C 118 -36.20 -25.50 53.41
C ASN C 118 -37.69 -25.77 53.27
N SER C 119 -38.54 -24.74 53.32
CA SER C 119 -39.98 -24.97 53.22
C SER C 119 -40.37 -25.43 51.82
N LEU C 120 -39.88 -24.77 50.79
CA LEU C 120 -40.26 -25.10 49.43
C LEU C 120 -39.41 -26.26 48.91
N GLY C 121 -39.88 -26.85 47.80
CA GLY C 121 -39.18 -27.95 47.18
C GLY C 121 -38.16 -27.47 46.15
N LEU C 122 -38.32 -27.90 44.91
CA LEU C 122 -37.46 -27.47 43.81
C LEU C 122 -38.17 -26.59 42.80
N THR C 123 -39.38 -26.96 42.38
CA THR C 123 -40.08 -26.17 41.38
C THR C 123 -40.52 -24.81 41.93
N GLU C 124 -40.97 -24.78 43.18
CA GLU C 124 -41.39 -23.51 43.78
C GLU C 124 -40.20 -22.57 43.94
N ALA C 125 -39.10 -23.06 44.50
CA ALA C 125 -37.91 -22.25 44.64
C ALA C 125 -37.37 -21.82 43.28
N ALA C 126 -37.42 -22.70 42.28
CA ALA C 126 -36.95 -22.33 40.95
C ALA C 126 -37.80 -21.21 40.36
N GLN C 127 -39.13 -21.29 40.50
CA GLN C 127 -39.97 -20.23 39.98
C GLN C 127 -39.71 -18.92 40.69
N GLN C 128 -39.53 -18.94 42.01
CA GLN C 128 -39.27 -17.71 42.73
C GLN C 128 -37.90 -17.13 42.36
N VAL C 129 -36.91 -17.99 42.14
CA VAL C 129 -35.60 -17.54 41.69
C VAL C 129 -35.70 -16.91 40.30
N ALA C 130 -36.52 -17.50 39.42
CA ALA C 130 -36.73 -16.93 38.10
C ALA C 130 -37.39 -15.56 38.20
N ASN C 131 -38.34 -15.41 39.12
CA ASN C 131 -38.95 -14.10 39.35
C ASN C 131 -37.92 -13.08 39.80
N VAL C 132 -37.04 -13.48 40.72
CA VAL C 132 -36.00 -12.57 41.19
C VAL C 132 -35.08 -12.17 40.05
N ILE C 133 -34.69 -13.13 39.21
CA ILE C 133 -33.79 -12.85 38.10
C ILE C 133 -34.44 -11.92 37.09
N ALA C 134 -35.71 -12.16 36.75
CA ALA C 134 -36.42 -11.34 35.79
C ALA C 134 -36.84 -9.99 36.35
N GLN C 135 -36.76 -9.79 37.67
CA GLN C 135 -37.11 -8.52 38.28
C GLN C 135 -35.87 -7.75 38.76
N ALA C 136 -34.73 -7.93 38.09
CA ALA C 136 -33.48 -7.26 38.46
C ALA C 136 -32.90 -6.60 37.21
N THR C 137 -33.36 -5.40 36.90
CA THR C 137 -32.87 -4.61 35.77
C THR C 137 -32.67 -3.17 36.20
N LEU C 138 -32.01 -2.95 37.33
CA LEU C 138 -31.90 -1.60 37.88
C LEU C 138 -30.43 -1.18 37.98
N ALA C 139 -29.67 -1.43 36.92
CA ALA C 139 -28.31 -0.95 36.83
C ALA C 139 -28.13 -0.11 35.57
N PRO C 140 -27.46 1.03 35.67
CA PRO C 140 -27.27 1.87 34.48
C PRO C 140 -26.54 1.18 33.34
N ASP C 141 -25.62 0.26 33.65
CA ASP C 141 -24.94 -0.48 32.59
C ASP C 141 -25.91 -1.38 31.83
N ILE C 142 -26.86 -1.99 32.53
CA ILE C 142 -27.92 -2.74 31.86
C ILE C 142 -28.84 -1.80 31.10
N ALA C 143 -29.11 -0.62 31.67
CA ALA C 143 -29.96 0.36 31.00
C ALA C 143 -29.33 0.84 29.70
N LEU C 144 -28.01 0.83 29.61
CA LEU C 144 -27.32 1.23 28.39
C LEU C 144 -27.20 0.06 27.41
N CYS C 145 -26.59 -1.05 27.84
CA CYS C 145 -26.30 -2.15 26.93
C CYS C 145 -27.54 -3.00 26.63
N GLY C 146 -28.38 -3.26 27.63
CA GLY C 146 -29.56 -4.07 27.42
C GLY C 146 -29.31 -5.54 27.73
N ARG C 147 -30.37 -6.33 27.55
CA ARG C 147 -30.33 -7.74 27.91
C ARG C 147 -31.40 -8.51 27.15
N MET C 148 -31.06 -9.72 26.73
CA MET C 148 -32.05 -10.73 26.34
C MET C 148 -31.66 -12.02 27.05
N LEU C 149 -32.67 -12.74 27.54
CA LEU C 149 -32.44 -13.99 28.26
C LEU C 149 -33.53 -14.97 27.80
N GLU C 150 -33.14 -15.92 26.96
CA GLU C 150 -34.09 -16.93 26.47
C GLU C 150 -33.76 -18.32 26.99
N PRO C 151 -34.51 -18.83 27.95
CA PRO C 151 -34.32 -20.22 28.37
C PRO C 151 -34.85 -21.19 27.33
N ASN C 152 -34.28 -22.39 27.33
CA ASN C 152 -34.71 -23.46 26.44
C ASN C 152 -35.75 -24.32 27.14
N ASP C 153 -36.90 -24.49 26.49
CA ASP C 153 -38.01 -25.21 27.08
C ASP C 153 -37.82 -26.72 27.10
N LYS C 154 -36.79 -27.24 26.44
CA LYS C 154 -36.56 -28.67 26.35
C LYS C 154 -35.72 -29.21 27.50
N ASP C 155 -35.32 -28.37 28.46
CA ASP C 155 -34.51 -28.82 29.58
C ASP C 155 -35.14 -28.42 30.90
N LYS C 156 -35.85 -27.31 30.91
CA LYS C 156 -36.49 -26.82 32.12
C LYS C 156 -37.70 -27.68 32.48
N ASP C 157 -38.04 -27.68 33.77
CA ASP C 157 -39.28 -28.30 34.20
C ASP C 157 -40.48 -27.51 33.70
N LYS C 158 -41.56 -28.22 33.43
CA LYS C 158 -42.73 -27.60 32.80
C LYS C 158 -43.45 -26.65 33.76
N LYS C 159 -43.30 -26.83 35.06
CA LYS C 159 -44.02 -26.02 36.03
C LYS C 159 -43.21 -24.80 36.46
N VAL C 160 -42.69 -24.07 35.48
CA VAL C 160 -42.00 -22.80 35.73
C VAL C 160 -42.30 -21.86 34.58
N LYS C 161 -42.87 -20.70 34.88
CA LYS C 161 -43.23 -19.69 33.88
C LYS C 161 -42.36 -18.47 34.06
N TRP C 162 -41.75 -18.00 32.97
CA TRP C 162 -40.85 -16.86 33.00
C TRP C 162 -41.60 -15.59 32.62
N SER C 163 -41.34 -14.52 33.37
CA SER C 163 -41.88 -13.21 33.05
C SER C 163 -41.00 -12.55 32.00
N ASN C 164 -41.20 -11.26 31.77
CA ASN C 164 -40.42 -10.53 30.77
C ASN C 164 -39.00 -10.31 31.28
N THR C 165 -38.02 -10.69 30.47
CA THR C 165 -36.60 -10.55 30.80
C THR C 165 -35.86 -9.77 29.72
N THR C 166 -36.54 -8.83 29.07
CA THR C 166 -35.96 -8.05 27.99
C THR C 166 -35.94 -6.58 28.36
N VAL C 167 -34.76 -5.96 28.25
CA VAL C 167 -34.61 -4.52 28.44
C VAL C 167 -33.95 -3.94 27.20
N GLU C 168 -34.57 -2.91 26.63
CA GLU C 168 -34.07 -2.32 25.39
C GLU C 168 -32.89 -1.41 25.66
N ALA C 169 -31.91 -1.45 24.76
CA ALA C 169 -30.70 -0.67 24.94
C ALA C 169 -30.95 0.81 24.65
N ALA C 170 -30.30 1.67 25.43
CA ALA C 170 -30.38 3.11 25.25
C ALA C 170 -29.10 3.69 24.67
N LEU C 171 -28.20 2.85 24.16
CA LEU C 171 -26.94 3.30 23.56
C LEU C 171 -26.72 2.58 22.24
N GLN C 172 -26.20 3.31 21.26
CA GLN C 172 -25.85 2.75 19.96
C GLN C 172 -24.42 3.14 19.62
N VAL C 173 -23.58 2.15 19.31
CA VAL C 173 -22.18 2.37 18.99
C VAL C 173 -21.87 1.67 17.68
N ALA C 174 -21.15 2.37 16.79
CA ALA C 174 -20.76 1.84 15.49
C ALA C 174 -19.31 1.41 15.48
N HIS C 175 -18.98 0.54 14.53
CA HIS C 175 -17.60 0.08 14.37
C HIS C 175 -16.72 1.22 13.89
N ALA C 176 -15.50 1.27 14.42
CA ALA C 176 -14.55 2.30 14.02
C ALA C 176 -13.91 1.94 12.69
N ILE C 177 -13.75 2.93 11.82
CA ILE C 177 -13.11 2.76 10.53
C ILE C 177 -12.09 3.87 10.33
N SER C 178 -11.10 3.60 9.48
CA SER C 178 -10.03 4.55 9.22
C SER C 178 -10.41 5.51 8.11
N THR C 179 -9.80 6.68 8.13
CA THR C 179 -10.04 7.73 7.15
C THR C 179 -9.16 7.60 5.91
N HIS C 180 -8.28 6.60 5.85
CA HIS C 180 -7.37 6.41 4.74
C HIS C 180 -7.30 4.93 4.42
N ILE C 181 -6.45 4.60 3.43
CA ILE C 181 -6.28 3.22 3.02
C ILE C 181 -5.45 2.47 4.05
N ALA C 182 -5.82 1.22 4.32
CA ALA C 182 -5.13 0.42 5.31
C ALA C 182 -3.74 0.06 4.83
N ARG C 183 -2.80 0.00 5.76
CA ARG C 183 -1.41 -0.37 5.47
C ARG C 183 -0.96 -1.43 6.46
N PRO C 184 -1.42 -2.67 6.29
CA PRO C 184 -0.97 -3.75 7.17
C PRO C 184 0.51 -4.02 7.01
N GLU C 185 1.15 -4.36 8.11
CA GLU C 185 2.59 -4.56 8.15
C GLU C 185 2.91 -5.81 8.95
N ILE C 186 4.08 -6.38 8.67
CA ILE C 186 4.52 -7.64 9.28
C ILE C 186 5.75 -7.37 10.12
N ASP C 187 5.74 -7.85 11.36
CA ASP C 187 6.88 -7.76 12.26
C ASP C 187 7.47 -9.14 12.43
N TYR C 188 8.77 -9.28 12.16
CA TYR C 188 9.47 -10.54 12.31
C TYR C 188 10.13 -10.58 13.68
N PHE C 189 9.74 -11.55 14.50
CA PHE C 189 10.24 -11.65 15.86
C PHE C 189 10.93 -12.98 16.09
N VAL C 190 11.89 -12.97 17.01
CA VAL C 190 12.65 -14.15 17.38
C VAL C 190 12.70 -14.23 18.90
N ALA C 191 12.35 -15.38 19.45
CA ALA C 191 12.39 -15.60 20.89
C ALA C 191 13.76 -16.14 21.28
N ALA C 192 14.49 -15.36 22.07
CA ALA C 192 15.84 -15.74 22.45
C ALA C 192 15.83 -16.67 23.66
N ASP C 193 16.88 -17.47 23.76
CA ASP C 193 17.10 -18.37 24.88
C ASP C 193 18.33 -17.89 25.65
N ASP C 194 18.17 -17.69 26.95
CA ASP C 194 19.26 -17.12 27.75
C ASP C 194 20.47 -18.04 27.81
N VAL C 195 20.25 -19.35 27.93
CA VAL C 195 21.34 -20.31 27.99
C VAL C 195 22.00 -20.39 26.62
N PRO C 196 23.32 -20.19 26.53
CA PRO C 196 23.97 -20.25 25.21
C PRO C 196 23.88 -21.61 24.56
N GLY C 197 24.33 -22.66 25.25
CA GLY C 197 24.27 -24.00 24.70
C GLY C 197 25.36 -24.29 23.69
N HIS C 204 11.83 -20.95 14.60
CA HIS C 204 12.84 -19.96 14.22
C HIS C 204 12.23 -18.57 14.13
N ILE C 205 11.91 -18.14 12.91
CA ILE C 205 11.37 -16.82 12.66
C ILE C 205 9.85 -16.87 12.74
N GLY C 206 9.26 -16.04 13.59
CA GLY C 206 7.83 -15.86 13.65
C GLY C 206 7.39 -14.62 12.90
N GLU C 207 6.08 -14.37 12.96
CA GLU C 207 5.50 -13.20 12.32
C GLU C 207 4.40 -12.62 13.20
N SER C 208 4.37 -11.30 13.31
CA SER C 208 3.30 -10.58 13.96
C SER C 208 2.84 -9.46 13.05
N MET C 209 1.57 -9.10 13.15
CA MET C 209 0.96 -8.09 12.29
C MET C 209 0.55 -6.87 13.10
N PHE C 210 0.76 -5.69 12.54
CA PHE C 210 0.41 -4.44 13.20
C PHE C 210 0.08 -3.40 12.14
N ALA C 211 -0.61 -2.34 12.58
CA ALA C 211 -1.00 -1.26 11.68
C ALA C 211 -1.22 0.00 12.48
N SER C 212 -1.21 1.13 11.78
CA SER C 212 -1.51 2.45 12.35
C SER C 212 -2.53 3.15 11.47
N ALA C 213 -3.48 3.85 12.09
CA ALA C 213 -4.54 4.49 11.34
C ALA C 213 -5.14 5.62 12.17
N CYS C 214 -5.90 6.47 11.49
CA CYS C 214 -6.68 7.54 12.10
C CYS C 214 -8.15 7.16 12.00
N PHE C 215 -8.81 7.04 13.14
CA PHE C 215 -10.15 6.45 13.21
C PHE C 215 -11.22 7.52 13.36
N TYR C 216 -12.44 7.14 12.97
CA TYR C 216 -13.64 7.95 13.20
C TYR C 216 -14.63 7.14 14.02
N LYS C 217 -15.09 7.71 15.11
CA LYS C 217 -15.99 7.03 16.04
C LYS C 217 -17.34 7.75 16.09
N TYR C 218 -18.36 7.01 16.54
CA TYR C 218 -19.72 7.53 16.58
C TYR C 218 -20.50 6.86 17.70
N PHE C 219 -21.14 7.66 18.54
CA PHE C 219 -21.97 7.18 19.64
C PHE C 219 -23.36 7.80 19.54
N SER C 220 -24.29 7.25 20.30
CA SER C 220 -25.67 7.76 20.30
C SER C 220 -26.36 7.29 21.57
N ILE C 221 -26.89 8.24 22.34
CA ILE C 221 -27.55 7.97 23.61
C ILE C 221 -28.95 8.54 23.55
N ASP C 222 -29.95 7.75 23.97
CA ASP C 222 -31.33 8.18 24.01
C ASP C 222 -31.68 8.59 25.44
N TRP C 223 -31.93 9.89 25.64
CA TRP C 223 -32.21 10.39 26.98
C TRP C 223 -33.51 9.84 27.53
N GLU C 224 -34.55 9.82 26.72
CA GLU C 224 -35.86 9.36 27.18
C GLU C 224 -35.81 7.89 27.59
N GLN C 225 -35.21 7.05 26.75
CA GLN C 225 -35.14 5.62 27.07
C GLN C 225 -34.24 5.36 28.27
N LEU C 226 -33.12 6.08 28.38
CA LEU C 226 -32.24 5.89 29.53
C LEU C 226 -32.94 6.30 30.83
N VAL C 227 -33.70 7.40 30.79
CA VAL C 227 -34.48 7.79 31.97
C VAL C 227 -35.55 6.74 32.27
N LYS C 228 -36.20 6.22 31.23
CA LYS C 228 -37.25 5.23 31.42
C LYS C 228 -36.71 3.95 32.06
N ASN C 229 -35.51 3.54 31.67
CA ASN C 229 -34.98 2.27 32.15
C ASN C 229 -34.62 2.33 33.63
N LEU C 230 -34.26 3.50 34.14
CA LEU C 230 -33.91 3.66 35.54
C LEU C 230 -35.10 4.11 36.40
N LYS C 231 -36.32 3.83 35.96
CA LYS C 231 -37.53 4.15 36.71
C LYS C 231 -37.64 5.64 37.01
N GLY C 232 -37.26 6.47 36.04
CA GLY C 232 -37.46 7.90 36.14
C GLY C 232 -36.44 8.66 36.95
N ASP C 233 -35.31 8.04 37.31
CA ASP C 233 -34.28 8.73 38.08
C ASP C 233 -33.49 9.62 37.14
N THR C 234 -33.80 10.92 37.16
CA THR C 234 -33.17 11.87 36.24
C THR C 234 -31.72 12.16 36.63
N ASN C 235 -31.46 12.32 37.93
CA ASN C 235 -30.11 12.61 38.38
C ASN C 235 -29.16 11.46 38.04
N LEU C 236 -29.62 10.23 38.23
CA LEU C 236 -28.81 9.07 37.86
C LEU C 236 -28.54 9.03 36.36
N ALA C 237 -29.54 9.42 35.55
CA ALA C 237 -29.34 9.47 34.11
C ALA C 237 -28.31 10.52 33.70
N ALA C 238 -28.35 11.70 34.35
CA ALA C 238 -27.36 12.72 34.06
C ALA C 238 -25.96 12.26 34.46
N HIS C 239 -25.84 11.61 35.62
CA HIS C 239 -24.57 11.03 36.02
C HIS C 239 -24.09 10.01 35.00
N THR C 240 -25.02 9.19 34.49
CA THR C 240 -24.66 8.19 33.50
C THR C 240 -24.14 8.83 32.22
N VAL C 241 -24.79 9.88 31.75
CA VAL C 241 -24.36 10.54 30.52
C VAL C 241 -22.98 11.16 30.70
N GLY C 242 -22.78 11.85 31.83
CA GLY C 242 -21.48 12.46 32.08
C GLY C 242 -20.36 11.42 32.19
N ALA C 243 -20.62 10.34 32.92
CA ALA C 243 -19.61 9.30 33.07
C ALA C 243 -19.32 8.62 31.74
N PHE C 244 -20.36 8.42 30.91
CA PHE C 244 -20.14 7.83 29.60
C PHE C 244 -19.28 8.73 28.74
N LEU C 245 -19.55 10.04 28.75
CA LEU C 245 -18.72 10.97 27.98
C LEU C 245 -17.27 10.92 28.44
N LEU C 246 -17.05 10.97 29.75
CA LEU C 246 -15.70 10.93 30.28
C LEU C 246 -14.98 9.63 29.89
N ALA C 247 -15.66 8.49 30.06
CA ALA C 247 -15.05 7.21 29.75
C ALA C 247 -14.74 7.07 28.28
N ALA C 248 -15.68 7.46 27.40
CA ALA C 248 -15.44 7.36 25.97
C ALA C 248 -14.31 8.27 25.54
N ALA C 249 -14.17 9.43 26.17
CA ALA C 249 -13.07 10.32 25.80
C ALA C 249 -11.73 9.86 26.35
N LYS C 250 -11.72 9.11 27.46
CA LYS C 250 -10.49 8.84 28.18
C LYS C 250 -10.12 7.36 28.29
N THR C 251 -10.73 6.48 27.49
CA THR C 251 -10.44 5.06 27.58
C THR C 251 -10.20 4.47 26.21
N ASN C 252 -9.32 3.47 26.15
CA ASN C 252 -8.93 2.79 24.93
C ASN C 252 -9.01 1.29 25.12
N PRO C 253 -9.23 0.53 24.04
CA PRO C 253 -9.25 -0.93 24.15
C PRO C 253 -7.92 -1.49 24.64
N SER C 254 -8.00 -2.58 25.39
CA SER C 254 -6.85 -3.20 26.03
C SER C 254 -6.55 -4.52 25.31
N GLY C 255 -5.76 -4.42 24.24
CA GLY C 255 -5.32 -5.60 23.51
C GLY C 255 -3.94 -5.40 22.94
N LYS C 256 -3.00 -6.28 23.29
CA LYS C 256 -1.59 -6.16 22.91
C LYS C 256 -0.99 -4.83 23.35
N GLN C 257 -1.55 -4.22 24.39
CA GLN C 257 -1.10 -2.89 24.80
C GLN C 257 0.25 -2.95 25.50
N ASN C 258 0.56 -4.07 26.15
CA ASN C 258 1.86 -4.21 26.80
C ASN C 258 3.01 -4.20 25.79
N SER C 259 2.72 -4.48 24.53
CA SER C 259 3.72 -4.42 23.47
C SER C 259 3.61 -3.17 22.61
N PHE C 260 2.40 -2.66 22.39
CA PHE C 260 2.17 -1.39 21.71
C PHE C 260 1.35 -0.51 22.66
N ALA C 261 2.01 0.43 23.34
CA ALA C 261 1.34 1.29 24.31
C ALA C 261 0.74 2.48 23.57
N ALA C 262 -0.42 2.25 22.95
CA ALA C 262 -1.12 3.27 22.20
C ALA C 262 -2.21 3.87 23.09
N HIS C 263 -1.88 4.97 23.75
CA HIS C 263 -2.77 5.65 24.67
C HIS C 263 -3.05 7.08 24.19
N ASN C 264 -3.38 7.21 22.91
CA ASN C 264 -3.60 8.52 22.31
C ASN C 264 -5.00 9.01 22.55
N TYR C 265 -5.13 10.30 22.90
CA TYR C 265 -6.38 11.00 23.17
C TYR C 265 -6.95 11.60 21.90
N PRO C 266 -8.27 11.74 21.80
CA PRO C 266 -8.86 12.31 20.58
C PRO C 266 -8.46 13.76 20.38
N ASP C 267 -8.28 14.14 19.12
CA ASP C 267 -7.93 15.49 18.73
C ASP C 267 -9.14 16.34 18.35
N GLY C 268 -10.34 15.77 18.39
CA GLY C 268 -11.53 16.54 18.13
C GLY C 268 -12.80 15.79 18.50
N ILE C 269 -13.68 16.43 19.27
CA ILE C 269 -14.95 15.85 19.68
C ILE C 269 -16.05 16.83 19.33
N LEU C 270 -17.05 16.36 18.61
CA LEU C 270 -18.23 17.14 18.27
C LEU C 270 -19.45 16.53 18.93
N VAL C 271 -20.11 17.28 19.80
CA VAL C 271 -21.29 16.82 20.53
C VAL C 271 -22.48 17.58 20.00
N GLU C 272 -23.46 16.86 19.47
CA GLU C 272 -24.63 17.46 18.85
C GLU C 272 -25.90 16.91 19.49
N PHE C 273 -26.95 17.73 19.48
CA PHE C 273 -28.24 17.36 20.02
C PHE C 273 -29.27 17.44 18.91
N LYS C 274 -29.89 16.31 18.58
CA LYS C 274 -30.84 16.23 17.48
C LYS C 274 -31.86 15.15 17.79
N ASN C 275 -32.98 15.20 17.09
CA ASN C 275 -34.06 14.24 17.28
C ASN C 275 -33.94 13.00 16.39
N SER C 276 -32.97 12.97 15.48
CA SER C 276 -32.76 11.83 14.61
C SER C 276 -31.27 11.54 14.54
N PRO C 277 -30.88 10.27 14.41
CA PRO C 277 -29.46 9.94 14.33
C PRO C 277 -28.89 10.15 12.93
N ILE C 278 -27.72 10.78 12.88
CA ILE C 278 -27.02 11.05 11.64
C ILE C 278 -25.53 10.78 11.86
N SER C 279 -24.91 10.09 10.91
CA SER C 279 -23.52 9.68 11.00
C SER C 279 -22.70 10.38 9.92
N TYR C 280 -21.56 10.94 10.32
CA TYR C 280 -20.64 11.61 9.39
C TYR C 280 -19.56 10.66 8.89
N ALA C 281 -19.96 9.51 8.35
CA ALA C 281 -19.01 8.51 7.90
C ALA C 281 -18.69 8.60 6.41
N ASN C 282 -19.62 9.10 5.60
CA ASN C 282 -19.41 9.20 4.17
C ASN C 282 -18.44 10.32 3.81
N ALA C 283 -18.02 11.13 4.77
CA ALA C 283 -17.02 12.15 4.50
C ALA C 283 -15.68 11.56 4.09
N PHE C 284 -15.47 10.27 4.36
CA PHE C 284 -14.21 9.60 4.07
C PHE C 284 -14.40 8.46 3.06
N VAL C 285 -15.42 8.55 2.22
CA VAL C 285 -15.56 7.59 1.13
C VAL C 285 -14.40 7.72 0.16
N ARG C 286 -13.89 8.94 -0.04
CA ARG C 286 -12.63 9.14 -0.73
C ARG C 286 -11.51 9.18 0.28
N PRO C 287 -10.57 8.24 0.26
CA PRO C 287 -9.55 8.20 1.29
C PRO C 287 -8.67 9.44 1.29
N VAL C 288 -8.19 9.81 2.47
CA VAL C 288 -7.37 11.00 2.63
C VAL C 288 -5.94 10.67 2.23
N SER C 289 -5.38 11.46 1.33
CA SER C 289 -3.99 11.31 0.89
C SER C 289 -3.19 12.50 1.42
N VAL C 290 -2.09 12.20 2.10
CA VAL C 290 -1.33 13.24 2.78
C VAL C 290 -0.54 14.07 1.77
N VAL C 291 -0.59 15.38 1.92
CA VAL C 291 0.18 16.30 1.12
C VAL C 291 1.27 16.92 1.99
N LYS C 292 2.25 17.55 1.34
CA LYS C 292 3.40 18.09 2.05
C LYS C 292 3.07 19.35 2.85
N GLU C 293 1.90 19.96 2.63
CA GLU C 293 1.56 21.20 3.29
C GLU C 293 0.74 21.02 4.56
N SER C 294 0.29 19.80 4.87
CA SER C 294 -0.54 19.57 6.05
C SER C 294 -0.25 18.16 6.56
N ASP C 295 -1.15 17.66 7.42
CA ASP C 295 -1.01 16.33 8.00
C ASP C 295 -2.35 15.60 7.89
N LEU C 296 -2.36 14.36 8.36
CA LEU C 296 -3.54 13.51 8.26
C LEU C 296 -4.70 14.06 9.09
N VAL C 297 -4.41 14.51 10.31
CA VAL C 297 -5.48 14.95 11.22
C VAL C 297 -6.16 16.21 10.69
N GLU C 298 -5.38 17.17 10.21
CA GLU C 298 -5.97 18.41 9.70
C GLU C 298 -6.82 18.15 8.47
N GLN C 299 -6.35 17.30 7.56
CA GLN C 299 -7.13 16.98 6.37
C GLN C 299 -8.40 16.22 6.72
N SER C 300 -8.32 15.29 7.68
CA SER C 300 -9.51 14.58 8.11
C SER C 300 -10.53 15.53 8.71
N ILE C 301 -10.07 16.46 9.56
CA ILE C 301 -10.99 17.42 10.17
C ILE C 301 -11.57 18.36 9.12
N GLY C 302 -10.78 18.71 8.10
CA GLY C 302 -11.30 19.54 7.03
C GLY C 302 -12.38 18.85 6.23
N GLN C 303 -12.17 17.58 5.87
CA GLN C 303 -13.20 16.83 5.17
C GLN C 303 -14.44 16.66 6.04
N LEU C 304 -14.26 16.42 7.33
CA LEU C 304 -15.39 16.32 8.24
C LEU C 304 -16.17 17.63 8.29
N SER C 305 -15.46 18.76 8.32
CA SER C 305 -16.13 20.05 8.35
C SER C 305 -16.91 20.31 7.07
N ASN C 306 -16.33 19.95 5.93
CA ASN C 306 -17.04 20.10 4.67
C ASN C 306 -18.33 19.28 4.66
N TYR C 307 -18.24 18.03 5.12
CA TYR C 307 -19.43 17.19 5.17
C TYR C 307 -20.47 17.74 6.14
N VAL C 308 -20.02 18.23 7.29
CA VAL C 308 -20.95 18.75 8.29
C VAL C 308 -21.70 19.96 7.74
N ASN C 309 -20.97 20.88 7.10
CA ASN C 309 -21.60 22.03 6.49
C ASN C 309 -22.57 21.62 5.40
N ASP C 310 -22.19 20.63 4.59
CA ASP C 310 -23.06 20.17 3.52
C ASP C 310 -24.35 19.59 4.07
N ILE C 311 -24.27 18.77 5.12
CA ILE C 311 -25.46 18.17 5.71
C ILE C 311 -26.35 19.26 6.30
N ARG C 312 -25.73 20.21 7.02
CA ARG C 312 -26.48 21.26 7.69
C ARG C 312 -27.25 22.12 6.70
N LEU C 313 -26.64 22.46 5.57
CA LEU C 313 -27.35 23.21 4.55
C LEU C 313 -28.15 22.34 3.60
N GLY C 314 -28.05 21.01 3.72
CA GLY C 314 -28.80 20.13 2.85
C GLY C 314 -30.15 19.73 3.39
N TYR C 315 -30.21 19.20 4.61
CA TYR C 315 -31.52 18.86 5.17
C TYR C 315 -31.68 19.19 6.64
N TYR C 316 -30.71 19.85 7.26
CA TYR C 316 -30.83 20.18 8.67
C TYR C 316 -31.53 21.51 8.92
N ASP C 317 -31.99 22.19 7.86
CA ASP C 317 -32.63 23.49 8.03
C ASP C 317 -34.15 23.33 8.04
N GLU C 318 -34.63 22.69 9.10
CA GLU C 318 -36.06 22.54 9.35
C GLU C 318 -36.47 23.51 10.46
N GLN C 319 -37.73 23.41 10.88
CA GLN C 319 -38.21 24.25 11.99
C GLN C 319 -37.55 23.87 13.31
N SER C 320 -36.97 22.68 13.41
CA SER C 320 -36.28 22.26 14.61
C SER C 320 -34.78 22.47 14.45
N PRO C 321 -34.17 23.38 15.21
CA PRO C 321 -32.75 23.65 15.03
C PRO C 321 -31.88 22.59 15.67
N VAL C 322 -30.58 22.67 15.38
CA VAL C 322 -29.58 21.74 15.91
C VAL C 322 -28.48 22.56 16.57
N ILE C 323 -28.10 22.19 17.79
CA ILE C 323 -27.10 22.89 18.57
C ILE C 323 -25.96 21.92 18.86
N GLY C 324 -24.74 22.33 18.58
CA GLY C 324 -23.58 21.48 18.81
C GLY C 324 -22.41 22.27 19.34
N PHE C 325 -21.57 21.58 20.10
CA PHE C 325 -20.33 22.14 20.63
C PHE C 325 -19.15 21.40 20.04
N TRP C 326 -18.10 22.15 19.73
CA TRP C 326 -16.86 21.59 19.18
C TRP C 326 -15.76 21.70 20.22
N PHE C 327 -15.12 20.57 20.51
CA PHE C 327 -14.03 20.52 21.47
C PHE C 327 -12.74 20.10 20.78
N SER C 328 -11.69 20.88 20.98
CA SER C 328 -10.34 20.53 20.60
C SER C 328 -9.45 20.94 21.77
N PRO C 329 -8.42 20.17 22.08
CA PRO C 329 -7.54 20.52 23.19
C PRO C 329 -6.89 21.89 23.02
N ASN C 330 -7.27 22.85 23.87
CA ASN C 330 -6.74 24.20 23.84
C ASN C 330 -6.92 24.84 22.47
N ASN C 331 -8.03 24.52 21.81
CA ASN C 331 -8.35 25.03 20.48
C ASN C 331 -7.23 24.75 19.49
N ARG C 332 -6.69 23.52 19.53
CA ARG C 332 -5.58 23.16 18.66
C ARG C 332 -6.03 23.07 17.21
N TYR C 333 -7.12 22.35 16.95
CA TYR C 333 -7.58 22.09 15.59
C TYR C 333 -8.95 22.71 15.39
N PRO C 334 -9.04 23.89 14.78
CA PRO C 334 -10.35 24.47 14.49
C PRO C 334 -11.06 23.71 13.38
N LEU C 335 -12.37 23.93 13.31
CA LEU C 335 -13.22 23.30 12.31
C LEU C 335 -13.05 24.03 10.99
N GLY C 336 -14.01 23.87 10.09
CA GLY C 336 -13.99 24.51 8.78
C GLY C 336 -13.56 25.96 8.77
N TYR C 337 -12.48 26.25 8.03
CA TYR C 337 -11.95 27.60 7.98
C TYR C 337 -12.87 28.54 7.20
N LYS C 338 -13.64 28.01 6.26
CA LYS C 338 -14.50 28.84 5.41
C LYS C 338 -15.91 28.98 5.96
N HIS C 339 -16.22 28.40 7.12
CA HIS C 339 -17.54 28.52 7.71
C HIS C 339 -17.52 29.30 9.02
N SER C 340 -16.71 28.87 9.98
CA SER C 340 -16.57 29.50 11.30
C SER C 340 -17.90 29.71 12.01
N LYS C 341 -18.94 28.96 11.61
CA LYS C 341 -20.23 29.06 12.26
C LYS C 341 -20.93 27.72 12.43
N LEU C 342 -20.30 26.61 12.07
CA LEU C 342 -20.94 25.31 12.19
C LEU C 342 -21.13 24.91 13.66
N ALA C 343 -20.25 25.36 14.53
CA ALA C 343 -20.32 25.05 15.96
C ALA C 343 -20.93 26.23 16.71
N SER C 344 -21.96 25.96 17.50
CA SER C 344 -22.57 27.01 18.30
C SER C 344 -21.60 27.56 19.34
N ARG C 345 -20.71 26.73 19.85
CA ARG C 345 -19.71 27.17 20.82
C ARG C 345 -18.43 26.39 20.59
N ASN C 346 -17.32 27.00 20.98
CA ASN C 346 -16.00 26.38 20.90
C ASN C 346 -15.44 26.27 22.31
N ILE C 347 -15.14 25.05 22.75
CA ILE C 347 -14.71 24.77 24.10
C ILE C 347 -13.36 24.08 24.06
N GLY C 348 -12.44 24.54 24.90
CA GLY C 348 -11.13 23.93 24.98
C GLY C 348 -10.92 23.09 26.22
N ASN C 349 -12.00 22.66 26.87
CA ASN C 349 -11.91 21.82 28.05
C ASN C 349 -13.03 20.78 28.03
N LEU C 350 -12.72 19.59 28.55
CA LEU C 350 -13.68 18.49 28.57
C LEU C 350 -14.72 18.69 29.68
N ASN C 351 -14.29 19.16 30.85
CA ASN C 351 -15.23 19.37 31.94
C ASN C 351 -16.21 20.49 31.63
N GLU C 352 -15.75 21.52 30.92
CA GLU C 352 -16.67 22.56 30.47
C GLU C 352 -17.67 22.01 29.47
N LEU C 353 -17.23 21.09 28.61
CA LEU C 353 -18.16 20.43 27.70
C LEU C 353 -19.21 19.62 28.46
N VAL C 354 -18.79 18.90 29.50
CA VAL C 354 -19.74 18.13 30.29
C VAL C 354 -20.75 19.06 30.97
N GLY C 355 -20.26 20.16 31.55
CA GLY C 355 -21.16 21.11 32.17
C GLY C 355 -22.14 21.70 31.18
N ALA C 356 -21.67 22.05 29.99
CA ALA C 356 -22.55 22.63 28.97
C ALA C 356 -23.60 21.63 28.52
N VAL C 357 -23.22 20.38 28.31
CA VAL C 357 -24.20 19.40 27.83
C VAL C 357 -25.22 19.09 28.91
N LEU C 358 -24.79 18.99 30.18
CA LEU C 358 -25.75 18.76 31.25
C LEU C 358 -26.71 19.93 31.40
N ASP C 359 -26.19 21.16 31.32
CA ASP C 359 -27.05 22.34 31.38
C ASP C 359 -28.03 22.38 30.21
N TYR C 360 -27.61 21.90 29.04
CA TYR C 360 -28.53 21.86 27.92
C TYR C 360 -29.61 20.82 28.12
N ILE C 361 -29.27 19.66 28.70
CA ILE C 361 -30.30 18.66 28.98
C ILE C 361 -31.32 19.23 29.97
N GLY C 362 -30.90 19.49 31.19
CA GLY C 362 -31.87 20.03 32.13
C GLY C 362 -31.35 21.02 33.13
N GLY C 363 -30.05 21.28 33.11
CA GLY C 363 -29.45 22.13 34.11
C GLY C 363 -28.99 21.23 35.24
N PHE C 364 -27.71 20.94 35.32
CA PHE C 364 -27.23 19.93 36.26
C PHE C 364 -25.84 20.34 36.75
N LYS C 365 -25.74 20.67 38.02
CA LYS C 365 -24.43 20.82 38.64
C LYS C 365 -23.75 19.45 38.71
N TRP C 366 -22.45 19.44 38.45
CA TRP C 366 -21.72 18.18 38.40
C TRP C 366 -21.74 17.47 39.75
N GLU C 367 -21.49 18.22 40.84
CA GLU C 367 -21.43 17.59 42.16
C GLU C 367 -22.78 17.04 42.59
N GLU C 368 -23.86 17.77 42.29
CA GLU C 368 -25.19 17.33 42.69
C GLU C 368 -25.55 16.00 42.04
N VAL C 369 -25.17 15.80 40.79
CA VAL C 369 -25.45 14.53 40.14
C VAL C 369 -24.44 13.45 40.50
N GLN C 370 -23.22 13.81 40.93
CA GLN C 370 -22.36 12.81 41.55
C GLN C 370 -22.95 12.31 42.86
N LYS C 371 -23.71 13.14 43.56
CA LYS C 371 -24.31 12.68 44.81
C LYS C 371 -25.50 11.73 44.59
N SER C 372 -25.74 11.24 43.37
CA SER C 372 -26.86 10.36 43.09
C SER C 372 -26.53 8.88 43.26
N LYS C 373 -25.27 8.53 43.47
CA LYS C 373 -24.87 7.14 43.65
C LYS C 373 -23.52 7.04 44.34
N MET D 1 -1.48 5.43 40.93
CA MET D 1 -0.36 6.27 40.50
C MET D 1 0.42 5.60 39.40
N LEU D 2 0.55 6.29 38.26
CA LEU D 2 1.24 5.77 37.09
C LEU D 2 2.43 6.66 36.78
N ILE D 3 3.58 6.06 36.55
CA ILE D 3 4.81 6.77 36.19
C ILE D 3 5.01 6.66 34.69
N GLU D 4 5.11 7.80 34.02
CA GLU D 4 5.30 7.85 32.57
C GLU D 4 6.66 8.45 32.25
N ILE D 5 7.33 7.88 31.26
CA ILE D 5 8.63 8.34 30.81
C ILE D 5 8.58 8.58 29.32
N HIS D 6 8.86 9.81 28.89
CA HIS D 6 8.96 10.17 27.48
C HIS D 6 10.39 10.58 27.17
N MET D 7 10.89 10.18 26.00
CA MET D 7 12.26 10.46 25.61
C MET D 7 12.31 10.96 24.17
N ILE D 8 13.29 11.82 23.90
CA ILE D 8 13.62 12.26 22.55
C ILE D 8 15.10 12.03 22.35
N GLN D 9 15.47 11.35 21.26
CA GLN D 9 16.83 10.88 21.09
C GLN D 9 17.19 10.85 19.60
N ASN D 10 18.43 11.24 19.29
CA ASN D 10 18.94 11.24 17.94
C ASN D 10 20.04 10.19 17.80
N HIS D 11 20.12 9.56 16.63
CA HIS D 11 21.03 8.46 16.40
C HIS D 11 21.88 8.70 15.15
N SER D 12 23.11 8.23 15.22
CA SER D 12 24.02 8.28 14.09
C SER D 12 23.61 7.24 13.06
N PRO D 13 24.12 7.34 11.81
CA PRO D 13 23.81 6.32 10.81
C PRO D 13 24.11 4.91 11.30
N ALA D 14 23.10 4.07 11.42
CA ALA D 14 23.26 2.76 12.03
C ALA D 14 22.14 1.84 11.58
N ASN D 15 22.19 0.61 12.08
CA ASN D 15 21.16 -0.41 11.84
C ASN D 15 20.94 -1.15 13.17
N LEU D 16 19.97 -0.69 13.94
CA LEU D 16 19.70 -1.26 15.25
C LEU D 16 18.73 -2.44 15.20
N ASN D 17 17.88 -2.49 14.19
CA ASN D 17 16.93 -3.58 14.02
C ASN D 17 16.81 -3.90 12.53
N ARG D 18 16.71 -5.18 12.19
CA ARG D 18 16.59 -5.61 10.81
C ARG D 18 15.45 -6.60 10.67
N ASP D 19 14.94 -6.70 9.45
CA ASP D 19 13.93 -7.69 9.09
C ASP D 19 14.63 -8.95 8.56
N ASP D 20 13.86 -9.84 7.93
CA ASP D 20 14.43 -11.07 7.41
C ASP D 20 15.39 -10.81 6.26
N LEU D 21 15.12 -9.79 5.43
CA LEU D 21 15.98 -9.52 4.29
C LEU D 21 17.29 -8.87 4.71
N GLY D 22 17.26 -8.05 5.75
CA GLY D 22 18.46 -7.39 6.21
C GLY D 22 18.36 -5.89 6.13
N ALA D 23 17.14 -5.36 6.14
CA ALA D 23 16.88 -3.94 6.05
C ALA D 23 16.38 -3.40 7.38
N PRO D 24 16.70 -2.14 7.70
CA PRO D 24 16.17 -1.56 8.94
C PRO D 24 14.66 -1.51 8.94
N LYS D 25 14.07 -1.75 10.11
CA LYS D 25 12.63 -1.82 10.25
C LYS D 25 11.99 -0.45 10.01
N THR D 26 10.79 -0.47 9.44
CA THR D 26 10.09 0.75 9.08
C THR D 26 8.61 0.59 9.38
N CYS D 27 7.92 1.72 9.49
CA CYS D 27 6.49 1.74 9.73
C CYS D 27 5.90 3.00 9.13
N TYR D 28 4.58 2.99 8.95
CA TYR D 28 3.85 4.13 8.43
C TYR D 28 3.10 4.81 9.57
N PHE D 29 3.41 6.07 9.83
CA PHE D 29 2.75 6.86 10.86
C PHE D 29 2.43 8.23 10.28
N GLY D 30 1.15 8.59 10.27
CA GLY D 30 0.75 9.85 9.69
C GLY D 30 0.75 9.88 8.19
N GLY D 31 0.75 8.73 7.53
CA GLY D 31 0.77 8.66 6.08
C GLY D 31 2.14 8.68 5.46
N VAL D 32 3.20 8.80 6.27
CA VAL D 32 4.56 8.85 5.76
C VAL D 32 5.37 7.73 6.41
N LEU D 33 6.51 7.43 5.80
CA LEU D 33 7.36 6.33 6.23
C LEU D 33 8.32 6.82 7.31
N ARG D 34 8.44 6.03 8.37
CA ARG D 34 9.32 6.35 9.49
C ARG D 34 10.11 5.12 9.90
N SER D 35 11.25 5.34 10.53
CA SER D 35 12.04 4.26 11.10
C SER D 35 11.39 3.77 12.40
N ARG D 36 11.82 2.59 12.84
CA ARG D 36 11.15 1.93 13.97
C ARG D 36 12.13 1.03 14.71
N ILE D 37 12.01 1.03 16.03
CA ILE D 37 12.70 0.09 16.90
C ILE D 37 11.65 -0.71 17.66
N SER D 38 11.79 -2.03 17.66
CA SER D 38 10.77 -2.88 18.24
C SER D 38 10.78 -2.80 19.77
N SER D 39 9.60 -2.98 20.36
CA SER D 39 9.47 -2.89 21.81
C SER D 39 10.21 -4.03 22.50
N GLN D 40 10.13 -5.24 21.95
CA GLN D 40 10.83 -6.37 22.56
C GLN D 40 12.33 -6.16 22.54
N CYS D 41 12.86 -5.52 21.49
CA CYS D 41 14.28 -5.21 21.44
C CYS D 41 14.68 -4.30 22.60
N ILE D 42 13.90 -3.24 22.84
CA ILE D 42 14.20 -2.33 23.94
C ILE D 42 14.08 -3.04 25.28
N LYS D 43 13.05 -3.87 25.44
CA LYS D 43 12.84 -4.57 26.70
C LYS D 43 14.00 -5.52 27.00
N ARG D 44 14.47 -6.24 25.98
CA ARG D 44 15.59 -7.15 26.19
C ARG D 44 16.89 -6.39 26.41
N SER D 45 17.05 -5.23 25.77
CA SER D 45 18.23 -4.41 26.03
C SER D 45 18.26 -3.91 27.47
N ILE D 46 17.11 -3.47 27.97
CA ILE D 46 17.03 -3.01 29.36
C ILE D 46 17.29 -4.16 30.31
N ARG D 47 16.69 -5.33 30.04
CA ARG D 47 16.82 -6.47 30.94
C ARG D 47 18.27 -6.95 31.04
N THR D 48 18.98 -6.95 29.92
CA THR D 48 20.38 -7.36 29.87
C THR D 48 21.32 -6.24 30.29
N SER D 49 20.83 -5.00 30.36
CA SER D 49 21.69 -3.85 30.63
C SER D 49 22.39 -3.97 31.98
N ASN D 50 23.46 -3.19 32.12
CA ASN D 50 24.27 -3.24 33.34
C ASN D 50 23.49 -2.76 34.55
N ASP D 51 22.68 -1.71 34.38
CA ASP D 51 21.95 -1.16 35.51
C ASP D 51 20.88 -2.10 36.04
N PHE D 52 20.48 -3.10 35.26
CA PHE D 52 19.52 -4.12 35.69
C PHE D 52 20.19 -5.43 36.08
N LYS D 53 21.53 -5.46 36.14
CA LYS D 53 22.24 -6.69 36.46
C LYS D 53 21.92 -7.18 37.87
N ALA D 54 21.88 -6.26 38.83
CA ALA D 54 21.65 -6.63 40.23
C ALA D 54 20.19 -6.88 40.54
N LEU D 55 19.30 -6.71 39.58
CA LEU D 55 17.87 -6.89 39.77
C LEU D 55 17.30 -7.92 38.80
N LEU D 56 18.11 -8.90 38.42
CA LEU D 56 17.74 -9.88 37.40
C LEU D 56 17.52 -11.24 38.04
N GLY D 57 16.27 -11.69 38.07
CA GLY D 57 15.93 -13.04 38.48
C GLY D 57 15.06 -13.74 37.46
N GLY D 58 15.58 -14.79 36.84
CA GLY D 58 14.82 -15.51 35.85
C GLY D 58 15.67 -16.16 34.77
N VAL D 59 15.38 -17.41 34.45
CA VAL D 59 16.18 -18.16 33.48
C VAL D 59 15.67 -17.95 32.06
N ARG D 60 14.36 -18.04 31.87
CA ARG D 60 13.75 -17.93 30.54
C ARG D 60 14.45 -18.85 29.53
N THR D 61 14.56 -20.13 29.88
CA THR D 61 15.33 -21.08 29.10
C THR D 61 14.43 -22.17 28.52
N ARG D 62 14.88 -22.74 27.40
CA ARG D 62 14.21 -23.86 26.78
C ARG D 62 14.82 -25.21 27.15
N ARG D 63 16.03 -25.21 27.68
CA ARG D 63 16.72 -26.42 28.11
C ARG D 63 16.89 -26.38 29.63
N LEU D 64 15.91 -26.94 30.34
CA LEU D 64 15.94 -26.96 31.80
C LEU D 64 16.77 -28.11 32.34
N ALA D 65 16.85 -29.22 31.60
CA ALA D 65 17.67 -30.34 32.04
C ALA D 65 19.15 -29.94 32.15
N ASP D 66 19.62 -29.07 31.25
CA ASP D 66 21.00 -28.62 31.33
C ASP D 66 21.25 -27.83 32.62
N LEU D 67 20.30 -26.99 33.01
CA LEU D 67 20.42 -26.26 34.27
C LEU D 67 20.37 -27.19 35.46
N ILE D 68 19.50 -28.21 35.40
CA ILE D 68 19.40 -29.17 36.49
C ILE D 68 20.68 -29.98 36.62
N GLN D 69 21.33 -30.28 35.49
CA GLN D 69 22.53 -31.12 35.47
C GLN D 69 23.78 -30.39 35.96
N GLN D 70 23.65 -29.24 36.62
CA GLN D 70 24.81 -28.62 37.24
C GLN D 70 25.33 -29.40 38.44
N GLU D 71 24.69 -30.49 38.81
CA GLU D 71 25.09 -31.31 39.94
C GLU D 71 26.22 -32.26 39.54
N ALA D 72 26.99 -32.68 40.55
CA ALA D 72 28.12 -33.58 40.29
C ALA D 72 27.64 -34.94 39.80
N GLY D 73 26.55 -35.45 40.36
CA GLY D 73 26.01 -36.73 39.94
C GLY D 73 25.49 -36.68 38.52
N GLU D 74 26.17 -37.35 37.60
CA GLU D 74 25.84 -37.32 36.18
C GLU D 74 24.80 -38.37 35.81
N THR D 75 23.72 -38.37 36.57
CA THR D 75 22.67 -39.33 36.30
C THR D 75 21.31 -38.75 36.52
N GLU D 76 21.07 -37.57 35.96
CA GLU D 76 19.77 -36.99 36.08
C GLU D 76 19.25 -36.69 34.70
N CYS D 77 20.05 -36.07 33.85
CA CYS D 77 19.58 -35.60 32.56
C CYS D 77 18.78 -36.52 31.76
N TRP D 78 19.41 -37.43 31.03
CA TRP D 78 18.66 -38.30 30.14
C TRP D 78 17.56 -38.97 30.89
N LYS D 79 17.84 -39.28 32.14
CA LYS D 79 16.88 -40.01 32.91
C LYS D 79 15.86 -39.18 33.61
N LYS D 80 15.61 -39.49 34.86
CA LYS D 80 14.53 -38.84 35.57
C LYS D 80 14.20 -37.39 35.20
N ALA D 81 15.18 -36.49 35.13
CA ALA D 81 14.98 -35.08 34.81
C ALA D 81 14.22 -34.90 33.49
N GLN D 82 14.83 -35.36 32.40
CA GLN D 82 14.19 -35.25 31.09
C GLN D 82 12.88 -36.02 31.06
N GLU D 83 12.86 -37.20 31.68
CA GLU D 83 11.65 -38.02 31.65
C GLU D 83 10.47 -37.29 32.29
N ILE D 84 10.67 -36.77 33.49
CA ILE D 84 9.63 -36.02 34.19
C ILE D 84 9.27 -34.74 33.45
N LEU D 85 10.26 -34.10 32.81
CA LEU D 85 9.97 -32.88 32.08
C LEU D 85 9.00 -33.15 30.93
N ASN D 86 9.20 -34.24 30.20
CA ASN D 86 8.18 -34.61 29.21
C ASN D 86 6.90 -35.10 29.86
N LYS D 87 6.99 -35.64 31.08
CA LYS D 87 5.79 -36.06 31.79
C LYS D 87 4.89 -34.86 32.10
N CYS D 88 5.48 -33.73 32.47
CA CYS D 88 4.71 -32.56 32.88
C CYS D 88 3.96 -31.94 31.70
N GLY D 89 4.54 -31.98 30.51
CA GLY D 89 3.89 -31.39 29.36
C GLY D 89 4.79 -30.53 28.50
N PHE D 90 6.11 -30.60 28.74
CA PHE D 90 7.09 -29.87 27.94
C PHE D 90 7.64 -30.83 26.90
N LYS D 91 7.12 -30.72 25.68
CA LYS D 91 7.49 -31.62 24.59
C LYS D 91 8.95 -31.47 24.21
N ASN D 96 11.38 -32.19 18.76
CA ASN D 96 10.60 -31.06 18.31
C ASN D 96 10.87 -29.83 19.18
N THR D 97 9.84 -29.01 19.39
CA THR D 97 9.96 -27.86 20.25
C THR D 97 10.12 -28.30 21.71
N LYS D 98 10.56 -27.37 22.54
CA LYS D 98 10.83 -27.69 23.95
C LYS D 98 10.20 -26.70 24.92
N MET D 99 9.33 -25.80 24.45
CA MET D 99 8.47 -24.99 25.33
C MET D 99 9.29 -24.15 26.31
N LEU D 100 9.89 -23.10 25.74
CA LEU D 100 10.55 -22.05 26.53
C LEU D 100 9.80 -21.79 27.83
N VAL D 101 10.52 -21.84 28.94
CA VAL D 101 9.95 -21.75 30.28
C VAL D 101 10.49 -20.49 30.95
N PHE D 102 9.59 -19.65 31.46
CA PHE D 102 9.93 -18.34 32.01
C PHE D 102 9.60 -18.34 33.50
N MET D 103 10.62 -18.42 34.35
CA MET D 103 10.43 -18.37 35.79
C MET D 103 11.79 -18.26 36.47
N SER D 104 11.79 -18.36 37.80
CA SER D 104 12.90 -17.92 38.64
C SER D 104 14.11 -18.86 38.51
N LYS D 105 15.13 -18.60 39.33
CA LYS D 105 16.41 -19.28 39.25
C LYS D 105 16.71 -20.13 40.47
N ASP D 106 16.73 -19.51 41.66
CA ASP D 106 17.06 -20.25 42.88
C ASP D 106 16.04 -21.34 43.14
N LYS D 107 14.75 -21.02 42.95
CA LYS D 107 13.71 -22.00 43.19
C LYS D 107 13.88 -23.22 42.29
N ILE D 108 14.02 -23.01 40.97
CA ILE D 108 14.15 -24.16 40.08
C ILE D 108 15.38 -24.96 40.45
N LYS D 109 16.53 -24.30 40.57
CA LYS D 109 17.76 -25.03 40.84
C LYS D 109 17.60 -25.89 42.09
N ASP D 110 17.41 -25.23 43.24
CA ASP D 110 17.41 -25.95 44.50
C ASP D 110 16.30 -27.00 44.54
N LEU D 111 15.06 -26.58 44.27
CA LEU D 111 13.93 -27.47 44.51
C LEU D 111 13.89 -28.61 43.51
N ALA D 112 14.14 -28.34 42.22
CA ALA D 112 14.12 -29.42 41.24
C ALA D 112 15.26 -30.40 41.47
N ARG D 113 16.47 -29.90 41.75
CA ARG D 113 17.58 -30.82 41.98
C ARG D 113 17.42 -31.60 43.28
N ILE D 114 16.68 -31.06 44.26
CA ILE D 114 16.36 -31.83 45.46
C ILE D 114 15.30 -32.88 45.15
N VAL D 115 14.27 -32.51 44.39
CA VAL D 115 13.16 -33.43 44.13
C VAL D 115 13.62 -34.60 43.27
N LEU D 116 14.54 -34.34 42.34
CA LEU D 116 14.90 -35.34 41.34
C LEU D 116 15.52 -36.59 41.92
N ASP D 117 16.10 -36.52 43.12
CA ASP D 117 16.96 -37.57 43.63
C ASP D 117 16.20 -38.52 44.55
N ASN D 118 16.26 -39.82 44.23
CA ASN D 118 15.89 -40.92 45.12
C ASN D 118 14.39 -41.06 45.33
N SER D 119 13.91 -42.30 45.30
CA SER D 119 12.55 -42.70 45.65
C SER D 119 11.54 -41.90 44.82
N LEU D 120 10.34 -41.67 45.37
CA LEU D 120 9.26 -40.93 44.73
C LEU D 120 8.79 -41.57 43.44
N GLY D 121 9.65 -41.63 42.43
CA GLY D 121 9.26 -42.17 41.15
C GLY D 121 8.42 -41.19 40.34
N LEU D 122 7.91 -41.69 39.22
CA LEU D 122 7.10 -40.87 38.34
C LEU D 122 5.69 -40.70 38.89
N THR D 123 4.93 -39.81 38.25
CA THR D 123 3.53 -39.52 38.55
C THR D 123 3.36 -38.77 39.87
N GLU D 124 4.44 -38.59 40.63
CA GLU D 124 4.44 -37.75 41.81
C GLU D 124 5.53 -36.70 41.77
N ALA D 125 6.72 -37.07 41.28
CA ALA D 125 7.75 -36.08 41.04
C ALA D 125 7.29 -35.07 39.99
N ALA D 126 6.46 -35.50 39.04
CA ALA D 126 5.90 -34.56 38.07
C ALA D 126 5.02 -33.53 38.76
N GLN D 127 4.16 -33.98 39.68
CA GLN D 127 3.31 -33.05 40.42
C GLN D 127 4.14 -32.07 41.23
N GLN D 128 5.16 -32.58 41.92
CA GLN D 128 6.02 -31.71 42.72
C GLN D 128 6.75 -30.70 41.85
N VAL D 129 7.26 -31.13 40.69
CA VAL D 129 7.94 -30.23 39.77
C VAL D 129 6.99 -29.17 39.24
N ALA D 130 5.76 -29.56 38.92
CA ALA D 130 4.77 -28.59 38.45
C ALA D 130 4.46 -27.55 39.52
N ASN D 131 4.32 -27.99 40.77
CA ASN D 131 4.08 -27.05 41.86
C ASN D 131 5.24 -26.08 42.01
N VAL D 132 6.47 -26.60 41.97
CA VAL D 132 7.65 -25.76 42.11
C VAL D 132 7.70 -24.74 40.98
N ILE D 133 7.40 -25.18 39.75
CA ILE D 133 7.44 -24.28 38.61
C ILE D 133 6.39 -23.19 38.75
N ALA D 134 5.18 -23.54 39.18
CA ALA D 134 4.10 -22.58 39.26
C ALA D 134 4.18 -21.65 40.45
N GLN D 135 4.98 -21.98 41.46
CA GLN D 135 4.97 -21.19 42.70
C GLN D 135 6.04 -20.11 42.76
N ALA D 136 7.04 -20.11 41.87
CA ALA D 136 8.16 -19.20 42.05
C ALA D 136 7.76 -17.73 41.94
N THR D 137 7.49 -17.25 40.71
CA THR D 137 6.72 -16.03 40.45
C THR D 137 7.37 -14.76 41.00
N LEU D 138 8.41 -14.88 41.82
CA LEU D 138 8.93 -13.75 42.59
C LEU D 138 10.28 -13.30 42.03
N ALA D 139 10.23 -12.30 41.17
CA ALA D 139 11.43 -11.68 40.59
C ALA D 139 11.03 -10.37 39.92
N PRO D 140 11.82 -9.31 40.08
CA PRO D 140 11.40 -8.00 39.52
C PRO D 140 11.18 -8.01 38.02
N ASP D 141 12.01 -8.70 37.25
CA ASP D 141 11.79 -8.74 35.81
C ASP D 141 10.54 -9.53 35.44
N ILE D 142 10.29 -10.64 36.15
CA ILE D 142 9.02 -11.33 35.97
C ILE D 142 7.87 -10.47 36.45
N ALA D 143 8.09 -9.69 37.51
CA ALA D 143 7.03 -8.82 38.02
C ALA D 143 6.63 -7.77 37.00
N LEU D 144 7.59 -7.16 36.32
CA LEU D 144 7.28 -6.09 35.38
C LEU D 144 7.06 -6.59 33.95
N CYS D 145 7.37 -7.85 33.65
CA CYS D 145 7.18 -8.38 32.31
C CYS D 145 6.05 -9.39 32.22
N GLY D 146 5.75 -10.11 33.30
CA GLY D 146 4.70 -11.10 33.28
C GLY D 146 5.19 -12.47 32.89
N ARG D 147 4.25 -13.42 32.91
CA ARG D 147 4.57 -14.82 32.63
C ARG D 147 3.41 -15.47 31.92
N MET D 148 3.73 -16.49 31.11
CA MET D 148 2.74 -17.32 30.46
C MET D 148 3.25 -18.75 30.37
N LEU D 149 2.36 -19.71 30.57
CA LEU D 149 2.73 -21.12 30.50
C LEU D 149 1.45 -21.92 30.26
N GLU D 150 1.34 -22.55 29.09
CA GLU D 150 0.14 -23.30 28.71
C GLU D 150 0.55 -24.69 28.24
N PRO D 151 0.80 -25.62 29.16
CA PRO D 151 1.19 -26.98 28.76
C PRO D 151 0.07 -27.69 28.03
N ASN D 152 0.47 -28.58 27.11
CA ASN D 152 -0.48 -29.31 26.27
C ASN D 152 -0.92 -30.58 26.96
N ASP D 153 -2.24 -30.76 27.10
CA ASP D 153 -2.77 -31.94 27.76
C ASP D 153 -2.65 -33.18 26.89
N LYS D 154 -2.45 -33.03 25.59
CA LYS D 154 -2.33 -34.16 24.68
C LYS D 154 -0.97 -34.84 24.77
N ASP D 155 -0.01 -34.28 25.50
CA ASP D 155 1.31 -34.87 25.64
C ASP D 155 1.77 -34.87 27.09
N LYS D 156 0.84 -34.97 28.04
CA LYS D 156 1.17 -34.94 29.45
C LYS D 156 0.40 -36.05 30.16
N ASP D 157 0.96 -36.50 31.29
CA ASP D 157 0.31 -37.51 32.09
C ASP D 157 -1.00 -37.00 32.66
N LYS D 158 -2.00 -37.88 32.75
CA LYS D 158 -3.32 -37.49 33.21
C LYS D 158 -3.41 -37.37 34.73
N LYS D 159 -2.35 -37.72 35.46
CA LYS D 159 -2.34 -37.65 36.91
C LYS D 159 -1.64 -36.42 37.44
N VAL D 160 -1.30 -35.45 36.57
CA VAL D 160 -0.60 -34.23 36.96
C VAL D 160 -1.55 -33.06 36.75
N LYS D 161 -1.76 -32.27 37.80
CA LYS D 161 -2.64 -31.12 37.76
C LYS D 161 -1.83 -29.84 37.91
N TRP D 162 -2.06 -28.88 37.03
CA TRP D 162 -1.29 -27.65 36.97
C TRP D 162 -2.00 -26.55 37.74
N SER D 163 -1.25 -25.84 38.57
CA SER D 163 -1.79 -24.68 39.30
C SER D 163 -1.73 -23.45 38.38
N ASN D 164 -2.01 -22.27 38.95
CA ASN D 164 -1.97 -21.05 38.16
C ASN D 164 -0.54 -20.69 37.79
N THR D 165 -0.35 -20.23 36.55
CA THR D 165 0.98 -19.89 36.05
C THR D 165 0.94 -18.57 35.28
N THR D 166 0.07 -17.65 35.66
CA THR D 166 -0.10 -16.38 34.97
C THR D 166 0.25 -15.23 35.91
N VAL D 167 1.14 -14.35 35.46
CA VAL D 167 1.53 -13.16 36.20
C VAL D 167 1.25 -11.94 35.32
N GLU D 168 0.50 -10.98 35.86
CA GLU D 168 0.18 -9.77 35.13
C GLU D 168 1.37 -8.82 35.11
N ALA D 169 1.59 -8.17 33.97
CA ALA D 169 2.72 -7.28 33.79
C ALA D 169 2.39 -5.90 34.32
N ALA D 170 3.39 -5.25 34.93
CA ALA D 170 3.26 -3.90 35.43
C ALA D 170 3.98 -2.87 34.57
N LEU D 171 4.44 -3.26 33.38
CA LEU D 171 5.15 -2.36 32.48
C LEU D 171 4.54 -2.42 31.09
N GLN D 172 4.44 -1.26 30.45
CA GLN D 172 4.00 -1.16 29.06
C GLN D 172 5.04 -0.37 28.29
N VAL D 173 5.46 -0.90 27.15
CA VAL D 173 6.46 -0.28 26.29
C VAL D 173 5.88 -0.12 24.90
N ALA D 174 6.17 1.00 24.27
CA ALA D 174 5.70 1.30 22.92
C ALA D 174 6.86 1.33 21.94
N HIS D 175 6.60 0.91 20.71
CA HIS D 175 7.61 0.94 19.67
C HIS D 175 8.07 2.37 19.40
N ALA D 176 9.38 2.54 19.22
CA ALA D 176 9.94 3.85 18.93
C ALA D 176 9.72 4.19 17.46
N ILE D 177 9.40 5.47 17.20
CA ILE D 177 9.15 5.94 15.85
C ILE D 177 9.92 7.24 15.63
N SER D 178 10.09 7.59 14.36
CA SER D 178 10.83 8.79 13.99
C SER D 178 9.96 10.03 14.10
N THR D 179 10.61 11.17 14.34
CA THR D 179 9.93 12.46 14.34
C THR D 179 9.92 13.11 12.97
N HIS D 180 10.46 12.44 11.95
CA HIS D 180 10.57 12.99 10.60
C HIS D 180 10.27 11.88 9.61
N ILE D 181 10.59 12.13 8.35
CA ILE D 181 10.40 11.16 7.28
C ILE D 181 11.60 10.25 7.22
N ALA D 182 11.40 9.04 6.69
CA ALA D 182 12.47 8.06 6.60
C ALA D 182 13.30 8.31 5.35
N ARG D 183 14.61 8.14 5.48
CA ARG D 183 15.56 8.30 4.38
C ARG D 183 16.42 7.05 4.30
N PRO D 184 15.88 5.95 3.78
CA PRO D 184 16.69 4.74 3.63
C PRO D 184 17.81 4.94 2.62
N GLU D 185 18.95 4.31 2.90
CA GLU D 185 20.13 4.45 2.07
C GLU D 185 20.77 3.10 1.87
N ILE D 186 21.48 2.95 0.76
CA ILE D 186 22.11 1.70 0.36
C ILE D 186 23.61 1.89 0.36
N ASP D 187 24.31 1.01 1.08
CA ASP D 187 25.77 0.99 1.10
C ASP D 187 26.27 -0.10 0.18
N TYR D 188 27.18 0.26 -0.72
CA TYR D 188 27.76 -0.68 -1.67
C TYR D 188 29.14 -1.07 -1.18
N PHE D 189 29.35 -2.36 -0.98
CA PHE D 189 30.59 -2.90 -0.43
C PHE D 189 31.07 -4.04 -1.31
N VAL D 190 32.39 -4.17 -1.43
CA VAL D 190 33.01 -5.27 -2.15
C VAL D 190 34.10 -5.86 -1.26
N ALA D 191 34.19 -7.18 -1.26
CA ALA D 191 35.23 -7.85 -0.50
C ALA D 191 36.51 -7.93 -1.30
N ALA D 192 37.60 -8.25 -0.61
CA ALA D 192 38.91 -8.32 -1.21
C ALA D 192 39.60 -9.63 -0.83
N ASP D 193 40.70 -9.92 -1.51
CA ASP D 193 41.50 -11.11 -1.26
C ASP D 193 42.90 -10.70 -0.86
N ASP D 194 43.42 -11.31 0.21
CA ASP D 194 44.76 -11.00 0.67
C ASP D 194 45.83 -11.54 -0.28
N VAL D 195 45.52 -12.53 -1.09
CA VAL D 195 46.44 -13.12 -2.06
C VAL D 195 46.03 -12.61 -3.44
N PRO D 196 46.89 -11.86 -4.14
CA PRO D 196 46.53 -11.36 -5.46
C PRO D 196 46.32 -12.49 -6.46
N GLY D 197 45.39 -12.28 -7.38
CA GLY D 197 45.09 -13.31 -8.36
C GLY D 197 44.06 -12.81 -9.35
N GLU D 198 43.49 -13.76 -10.09
CA GLU D 198 42.49 -13.44 -11.10
C GLU D 198 41.23 -12.85 -10.47
N HIS D 204 29.72 -9.84 -6.96
CA HIS D 204 30.48 -9.43 -5.78
C HIS D 204 30.38 -7.92 -5.56
N ILE D 205 29.33 -7.31 -6.12
CA ILE D 205 29.15 -5.88 -5.97
C ILE D 205 28.61 -5.50 -4.59
N GLY D 206 27.91 -6.41 -3.92
CA GLY D 206 27.43 -6.16 -2.57
C GLY D 206 26.33 -5.12 -2.45
N GLU D 207 25.57 -5.21 -1.37
CA GLU D 207 24.52 -4.23 -1.08
C GLU D 207 24.18 -4.33 0.40
N SER D 208 24.30 -3.22 1.12
CA SER D 208 23.90 -3.11 2.52
C SER D 208 22.90 -1.97 2.67
N MET D 209 22.24 -1.93 3.82
CA MET D 209 21.22 -0.92 4.10
C MET D 209 21.44 -0.32 5.48
N PHE D 210 21.12 0.96 5.60
CA PHE D 210 21.24 1.68 6.87
C PHE D 210 20.42 2.95 6.80
N ALA D 211 20.27 3.60 7.95
CA ALA D 211 19.51 4.84 8.04
C ALA D 211 19.90 5.59 9.31
N SER D 212 19.53 6.86 9.36
CA SER D 212 19.73 7.72 10.53
C SER D 212 18.42 8.42 10.85
N ALA D 213 18.08 8.51 12.13
CA ALA D 213 16.78 9.06 12.51
C ALA D 213 16.79 9.54 13.96
N CYS D 214 15.82 10.39 14.27
CA CYS D 214 15.58 10.90 15.62
C CYS D 214 14.29 10.28 16.15
N PHE D 215 14.34 9.68 17.33
CA PHE D 215 13.29 8.80 17.80
C PHE D 215 12.51 9.39 18.96
N TYR D 216 11.33 8.82 19.20
CA TYR D 216 10.46 9.15 20.33
C TYR D 216 10.08 7.86 21.04
N LYS D 217 10.23 7.82 22.35
CA LYS D 217 9.98 6.63 23.15
C LYS D 217 8.96 6.91 24.25
N TYR D 218 8.40 5.83 24.81
CA TYR D 218 7.34 5.93 25.80
C TYR D 218 7.35 4.68 26.68
N PHE D 219 7.31 4.88 28.01
CA PHE D 219 7.21 3.80 28.97
C PHE D 219 6.10 4.12 29.98
N SER D 220 5.67 3.09 30.70
CA SER D 220 4.60 3.23 31.69
C SER D 220 4.72 2.13 32.73
N ILE D 221 4.71 2.51 34.01
CA ILE D 221 4.83 1.57 35.12
C ILE D 221 3.68 1.81 36.09
N ASP D 222 3.05 0.73 36.54
CA ASP D 222 1.95 0.78 37.51
C ASP D 222 2.50 0.44 38.89
N TRP D 223 2.31 1.34 39.84
CA TRP D 223 2.89 1.17 41.17
C TRP D 223 2.17 0.07 41.95
N GLU D 224 0.84 0.10 41.93
CA GLU D 224 0.07 -0.85 42.74
C GLU D 224 0.30 -2.28 42.26
N GLN D 225 0.30 -2.51 40.95
CA GLN D 225 0.53 -3.84 40.43
C GLN D 225 1.97 -4.29 40.70
N LEU D 226 2.93 -3.37 40.59
CA LEU D 226 4.31 -3.71 40.89
C LEU D 226 4.47 -4.15 42.35
N VAL D 227 3.82 -3.45 43.28
CA VAL D 227 3.89 -3.85 44.68
C VAL D 227 3.16 -5.17 44.89
N LYS D 228 2.02 -5.36 44.22
CA LYS D 228 1.24 -6.58 44.38
C LYS D 228 2.01 -7.81 43.92
N ASN D 229 2.70 -7.71 42.79
CA ASN D 229 3.41 -8.87 42.25
C ASN D 229 4.67 -9.21 43.03
N LEU D 230 5.10 -8.34 43.95
CA LEU D 230 6.31 -8.57 44.73
C LEU D 230 5.99 -8.91 46.18
N LYS D 231 4.81 -9.49 46.43
CA LYS D 231 4.39 -9.93 47.76
C LYS D 231 4.39 -8.78 48.76
N GLY D 232 3.98 -7.61 48.31
CA GLY D 232 3.87 -6.46 49.18
C GLY D 232 5.17 -5.74 49.48
N ASP D 233 6.27 -6.13 48.86
CA ASP D 233 7.54 -5.46 49.10
C ASP D 233 7.56 -4.11 48.40
N THR D 234 7.92 -3.06 49.15
CA THR D 234 7.95 -1.70 48.62
C THR D 234 9.34 -1.21 48.30
N ASN D 235 10.34 -1.58 49.11
CA ASN D 235 11.72 -1.22 48.79
C ASN D 235 12.17 -1.86 47.49
N LEU D 236 11.80 -3.13 47.27
CA LEU D 236 12.14 -3.78 46.02
C LEU D 236 11.47 -3.10 44.83
N ALA D 237 10.21 -2.68 44.99
CA ALA D 237 9.52 -1.98 43.91
C ALA D 237 10.17 -0.62 43.61
N ALA D 238 10.58 0.11 44.66
CA ALA D 238 11.27 1.37 44.44
C ALA D 238 12.61 1.16 43.73
N HIS D 239 13.33 0.11 44.12
CA HIS D 239 14.56 -0.24 43.42
C HIS D 239 14.28 -0.56 41.96
N THR D 240 13.18 -1.26 41.70
CA THR D 240 12.81 -1.57 40.32
C THR D 240 12.58 -0.31 39.52
N VAL D 241 11.84 0.64 40.08
CA VAL D 241 11.53 1.88 39.37
C VAL D 241 12.81 2.65 39.07
N GLY D 242 13.68 2.78 40.06
CA GLY D 242 14.91 3.53 39.86
C GLY D 242 15.82 2.88 38.82
N ALA D 243 16.01 1.57 38.94
CA ALA D 243 16.88 0.86 38.01
C ALA D 243 16.32 0.92 36.59
N PHE D 244 15.00 0.78 36.44
CA PHE D 244 14.40 0.89 35.12
C PHE D 244 14.59 2.28 34.55
N LEU D 245 14.43 3.32 35.37
CA LEU D 245 14.61 4.69 34.89
C LEU D 245 16.03 4.91 34.39
N LEU D 246 17.02 4.40 35.13
CA LEU D 246 18.41 4.56 34.69
C LEU D 246 18.68 3.76 33.43
N ALA D 247 18.21 2.50 33.38
CA ALA D 247 18.52 1.63 32.26
C ALA D 247 17.88 2.11 30.97
N ALA D 248 16.61 2.53 31.02
CA ALA D 248 15.92 2.94 29.80
C ALA D 248 16.56 4.16 29.15
N ALA D 249 17.41 4.88 29.87
CA ALA D 249 18.08 6.06 29.33
C ALA D 249 19.56 5.87 29.08
N LYS D 250 20.19 4.85 29.68
CA LYS D 250 21.64 4.69 29.54
C LYS D 250 22.02 3.38 28.83
N THR D 251 21.18 2.87 27.95
CA THR D 251 21.54 1.71 27.14
C THR D 251 20.86 1.79 25.78
N ASN D 252 21.41 1.06 24.82
CA ASN D 252 20.98 1.08 23.44
C ASN D 252 20.88 -0.34 22.90
N PRO D 253 20.07 -0.56 21.86
CA PRO D 253 20.01 -1.89 21.25
C PRO D 253 21.36 -2.30 20.69
N SER D 254 21.60 -3.62 20.67
CA SER D 254 22.90 -4.21 20.38
C SER D 254 23.00 -4.77 18.98
N GLY D 255 22.46 -4.06 17.99
CA GLY D 255 22.49 -4.53 16.62
C GLY D 255 23.86 -4.36 16.00
N LYS D 256 23.91 -3.93 14.75
CA LYS D 256 25.18 -3.80 14.03
C LYS D 256 25.95 -2.60 14.58
N GLN D 257 26.57 -2.81 15.74
CA GLN D 257 27.32 -1.76 16.41
C GLN D 257 28.81 -1.82 16.12
N ASN D 258 29.35 -3.00 15.84
CA ASN D 258 30.76 -3.10 15.46
C ASN D 258 31.04 -2.39 14.14
N SER D 259 30.02 -2.18 13.31
CA SER D 259 30.16 -1.43 12.09
C SER D 259 29.47 -0.07 12.12
N PHE D 260 28.49 0.11 13.01
CA PHE D 260 27.76 1.38 13.15
C PHE D 260 27.63 1.66 14.64
N ALA D 261 28.61 2.37 15.20
CA ALA D 261 28.57 2.74 16.61
C ALA D 261 27.63 3.93 16.78
N ALA D 262 26.43 3.67 17.28
CA ALA D 262 25.44 4.72 17.48
C ALA D 262 25.07 4.83 18.96
N HIS D 263 26.08 4.88 19.82
CA HIS D 263 25.87 4.97 21.27
C HIS D 263 25.62 6.42 21.65
N ASN D 264 24.41 6.88 21.37
CA ASN D 264 24.00 8.23 21.72
C ASN D 264 23.09 8.22 22.95
N TYR D 265 22.98 9.37 23.60
CA TYR D 265 22.13 9.50 24.77
C TYR D 265 20.96 10.44 24.47
N PRO D 266 19.80 10.22 25.09
CA PRO D 266 18.65 11.10 24.82
C PRO D 266 18.90 12.53 25.28
N ASP D 267 18.33 13.47 24.53
CA ASP D 267 18.51 14.89 24.77
C ASP D 267 17.33 15.52 25.49
N GLY D 268 16.35 14.73 25.91
CA GLY D 268 15.24 15.24 26.70
C GLY D 268 14.38 14.15 27.28
N ILE D 269 14.11 14.21 28.58
CA ILE D 269 13.28 13.23 29.27
C ILE D 269 12.20 13.96 30.04
N LEU D 270 10.95 13.53 29.89
CA LEU D 270 9.82 14.07 30.63
C LEU D 270 9.22 12.95 31.48
N VAL D 271 9.20 13.15 32.80
CA VAL D 271 8.66 12.18 33.74
C VAL D 271 7.43 12.81 34.39
N GLU D 272 6.30 12.13 34.28
CA GLU D 272 5.04 12.65 34.79
C GLU D 272 4.33 11.60 35.63
N PHE D 273 3.58 12.08 36.63
CA PHE D 273 2.78 11.23 37.51
C PHE D 273 1.31 11.54 37.31
N LYS D 274 0.52 10.51 37.00
CA LYS D 274 -0.90 10.70 36.74
C LYS D 274 -1.62 9.38 36.99
N ASN D 275 -2.94 9.44 37.07
CA ASN D 275 -3.76 8.28 37.36
C ASN D 275 -4.16 7.49 36.12
N SER D 276 -4.01 8.07 34.94
CA SER D 276 -4.28 7.40 33.68
C SER D 276 -3.13 7.65 32.72
N PRO D 277 -2.84 6.70 31.82
CA PRO D 277 -1.69 6.88 30.93
C PRO D 277 -2.03 7.71 29.69
N ILE D 278 -1.14 8.65 29.38
CA ILE D 278 -1.26 9.51 28.21
C ILE D 278 0.06 9.49 27.45
N SER D 279 -0.02 9.33 26.13
CA SER D 279 1.15 9.28 25.26
C SER D 279 1.16 10.49 24.35
N TYR D 280 2.30 11.20 24.32
CA TYR D 280 2.44 12.39 23.48
C TYR D 280 3.09 12.04 22.14
N ALA D 281 2.45 11.10 21.44
CA ALA D 281 2.95 10.65 20.14
C ALA D 281 2.30 11.34 18.96
N ASN D 282 1.12 11.92 19.15
CA ASN D 282 0.46 12.66 18.08
C ASN D 282 1.05 14.04 17.85
N ALA D 283 2.08 14.40 18.61
CA ALA D 283 2.81 15.64 18.34
C ALA D 283 3.61 15.58 17.05
N PHE D 284 3.75 14.39 16.45
CA PHE D 284 4.57 14.20 15.27
C PHE D 284 3.80 13.57 14.13
N VAL D 285 2.49 13.85 14.05
CA VAL D 285 1.73 13.45 12.87
C VAL D 285 2.21 14.22 11.65
N ARG D 286 2.48 15.51 11.82
CA ARG D 286 3.14 16.30 10.79
C ARG D 286 4.65 16.17 10.95
N PRO D 287 5.36 15.59 10.00
CA PRO D 287 6.80 15.38 10.17
C PRO D 287 7.56 16.70 10.26
N VAL D 288 8.66 16.66 11.00
CA VAL D 288 9.50 17.83 11.18
C VAL D 288 10.34 18.06 9.94
N SER D 289 10.28 19.26 9.39
CA SER D 289 11.07 19.66 8.24
C SER D 289 12.11 20.68 8.70
N VAL D 290 13.37 20.41 8.43
CA VAL D 290 14.46 21.23 8.96
C VAL D 290 14.55 22.52 8.16
N VAL D 291 14.61 23.64 8.88
CA VAL D 291 14.82 24.94 8.27
C VAL D 291 16.24 25.39 8.56
N LYS D 292 16.65 26.47 7.89
CA LYS D 292 18.04 26.92 7.97
C LYS D 292 18.43 27.47 9.34
N GLU D 293 17.46 27.88 10.15
CA GLU D 293 17.76 28.55 11.40
C GLU D 293 17.92 27.61 12.59
N SER D 294 17.29 26.44 12.56
CA SER D 294 17.29 25.53 13.69
C SER D 294 17.80 24.15 13.27
N ASP D 295 17.71 23.20 14.19
CA ASP D 295 18.09 21.81 13.95
C ASP D 295 16.88 20.89 14.14
N LEU D 296 17.11 19.59 14.06
CA LEU D 296 16.04 18.62 14.18
C LEU D 296 15.53 18.51 15.63
N VAL D 297 16.46 18.43 16.59
CA VAL D 297 16.09 18.20 17.98
C VAL D 297 15.28 19.37 18.53
N GLU D 298 15.70 20.59 18.23
CA GLU D 298 15.00 21.76 18.75
C GLU D 298 13.56 21.82 18.26
N GLN D 299 13.34 21.58 16.97
CA GLN D 299 11.97 21.61 16.44
C GLN D 299 11.15 20.46 17.00
N SER D 300 11.76 19.29 17.16
CA SER D 300 11.04 18.16 17.76
C SER D 300 10.58 18.50 19.17
N ILE D 301 11.47 19.07 19.98
CA ILE D 301 11.12 19.42 21.34
C ILE D 301 10.10 20.54 21.38
N GLY D 302 10.17 21.49 20.44
CA GLY D 302 9.15 22.53 20.39
C GLY D 302 7.76 21.99 20.07
N GLN D 303 7.68 21.07 19.11
CA GLN D 303 6.40 20.43 18.82
C GLN D 303 5.90 19.63 20.03
N LEU D 304 6.81 18.94 20.72
CA LEU D 304 6.41 18.21 21.92
C LEU D 304 5.87 19.15 22.99
N SER D 305 6.53 20.29 23.19
CA SER D 305 6.06 21.24 24.18
C SER D 305 4.69 21.80 23.82
N ASN D 306 4.48 22.11 22.54
CA ASN D 306 3.17 22.58 22.11
C ASN D 306 2.09 21.56 22.42
N TYR D 307 2.32 20.30 22.07
CA TYR D 307 1.31 19.27 22.30
C TYR D 307 1.06 19.05 23.78
N VAL D 308 2.12 19.04 24.59
CA VAL D 308 1.97 18.82 26.03
C VAL D 308 1.18 19.95 26.66
N ASN D 309 1.50 21.20 26.28
CA ASN D 309 0.74 22.34 26.81
C ASN D 309 -0.72 22.27 26.41
N ASP D 310 -0.99 21.90 25.15
CA ASP D 310 -2.38 21.80 24.71
C ASP D 310 -3.13 20.73 25.49
N ILE D 311 -2.49 19.57 25.71
CA ILE D 311 -3.16 18.50 26.44
C ILE D 311 -3.44 18.91 27.88
N ARG D 312 -2.45 19.53 28.52
CA ARG D 312 -2.63 19.96 29.91
C ARG D 312 -3.73 21.01 30.02
N LEU D 313 -3.78 21.96 29.11
CA LEU D 313 -4.80 22.99 29.18
C LEU D 313 -6.16 22.51 28.71
N GLY D 314 -6.22 21.42 27.96
CA GLY D 314 -7.49 21.00 27.41
C GLY D 314 -8.14 19.79 28.06
N TYR D 315 -7.42 19.08 28.93
CA TYR D 315 -7.99 17.88 29.51
C TYR D 315 -8.12 17.88 31.03
N TYR D 316 -7.66 18.91 31.73
CA TYR D 316 -8.02 19.12 33.13
C TYR D 316 -7.47 20.48 33.55
N ASP D 317 -8.10 21.06 34.57
CA ASP D 317 -7.61 22.31 35.14
C ASP D 317 -7.67 22.39 36.66
N GLU D 318 -8.07 21.33 37.37
CA GLU D 318 -8.29 21.42 38.82
C GLU D 318 -8.04 20.06 39.48
N GLN D 319 -8.37 19.96 40.76
CA GLN D 319 -8.12 18.78 41.60
C GLN D 319 -6.69 18.30 41.46
N SER D 320 -6.47 17.21 40.73
CA SER D 320 -5.12 16.67 40.59
C SER D 320 -4.26 17.64 39.79
N PRO D 321 -3.13 18.11 40.33
CA PRO D 321 -2.33 19.10 39.60
C PRO D 321 -1.45 18.52 38.52
N VAL D 322 -1.21 17.21 38.53
CA VAL D 322 -0.32 16.53 37.59
C VAL D 322 1.08 17.11 37.72
N ILE D 323 1.92 16.46 38.51
CA ILE D 323 3.29 16.91 38.75
C ILE D 323 4.20 16.25 37.74
N GLY D 324 4.97 17.04 37.02
CA GLY D 324 5.88 16.52 36.02
C GLY D 324 7.22 17.21 36.09
N PHE D 325 8.26 16.45 35.78
CA PHE D 325 9.63 16.94 35.76
C PHE D 325 10.18 16.88 34.34
N TRP D 326 10.86 17.94 33.92
CA TRP D 326 11.48 18.01 32.60
C TRP D 326 12.99 17.95 32.78
N PHE D 327 13.63 16.96 32.17
CA PHE D 327 15.07 16.80 32.22
C PHE D 327 15.63 16.99 30.82
N SER D 328 16.57 17.92 30.68
CA SER D 328 17.39 18.06 29.49
C SER D 328 18.83 18.20 29.96
N PRO D 329 19.77 17.58 29.27
CA PRO D 329 21.17 17.63 29.72
C PRO D 329 21.68 19.06 29.83
N ASN D 330 22.00 19.47 31.07
CA ASN D 330 22.54 20.80 31.35
C ASN D 330 21.65 21.90 30.76
N ASN D 331 20.34 21.64 30.70
CA ASN D 331 19.38 22.60 30.16
C ASN D 331 19.76 23.06 28.76
N ARG D 332 20.19 22.11 27.92
CA ARG D 332 20.55 22.46 26.55
C ARG D 332 19.32 22.87 25.75
N TYR D 333 18.26 22.08 25.82
CA TYR D 333 17.03 22.36 25.07
C TYR D 333 15.88 22.54 26.04
N PRO D 334 15.47 23.78 26.30
CA PRO D 334 14.32 23.99 27.19
C PRO D 334 13.04 23.46 26.58
N LEU D 335 12.07 23.17 27.45
CA LEU D 335 10.78 22.67 27.01
C LEU D 335 9.99 23.80 26.37
N GLY D 336 10.44 24.26 25.21
CA GLY D 336 9.78 25.32 24.49
C GLY D 336 10.08 26.70 25.03
N TYR D 337 10.26 27.67 24.14
CA TYR D 337 10.47 29.06 24.53
C TYR D 337 9.18 29.82 24.69
N LYS D 338 8.04 29.14 24.55
CA LYS D 338 6.73 29.74 24.73
C LYS D 338 6.41 29.83 26.22
N HIS D 339 5.13 30.04 26.54
CA HIS D 339 4.66 30.13 27.92
C HIS D 339 5.25 29.02 28.79
N SER D 340 5.84 29.42 29.91
CA SER D 340 6.59 28.54 30.78
C SER D 340 5.65 27.86 31.77
N LYS D 341 6.24 27.27 32.82
CA LYS D 341 5.51 26.58 33.89
C LYS D 341 4.80 25.32 33.37
N LEU D 342 5.35 24.72 32.32
CA LEU D 342 4.78 23.47 31.83
C LEU D 342 5.18 22.28 32.69
N ALA D 343 6.33 22.36 33.35
CA ALA D 343 6.81 21.31 34.24
C ALA D 343 7.01 21.89 35.63
N SER D 344 6.76 21.07 36.65
CA SER D 344 6.93 21.53 38.03
C SER D 344 8.38 21.87 38.31
N ARG D 345 9.30 21.07 37.81
CA ARG D 345 10.73 21.30 38.03
C ARG D 345 11.49 21.09 36.73
N ASN D 346 12.62 21.77 36.61
CA ASN D 346 13.53 21.62 35.48
C ASN D 346 14.90 21.24 36.04
N ILE D 347 15.30 19.99 35.84
CA ILE D 347 16.53 19.46 36.42
C ILE D 347 17.51 19.17 35.30
N GLY D 348 18.80 19.22 35.63
CA GLY D 348 19.84 18.94 34.66
C GLY D 348 20.77 17.82 35.06
N ASN D 349 20.24 16.82 35.79
CA ASN D 349 21.02 15.64 36.13
C ASN D 349 20.08 14.47 36.33
N LEU D 350 20.55 13.27 35.98
CA LEU D 350 19.70 12.09 36.02
C LEU D 350 19.50 11.57 37.45
N ASN D 351 20.55 11.62 38.28
CA ASN D 351 20.44 11.13 39.64
C ASN D 351 19.45 11.98 40.45
N GLU D 352 19.48 13.31 40.25
CA GLU D 352 18.52 14.17 40.92
C GLU D 352 17.09 13.87 40.47
N LEU D 353 16.91 13.55 39.19
CA LEU D 353 15.59 13.16 38.71
C LEU D 353 15.14 11.87 39.36
N VAL D 354 16.04 10.88 39.50
CA VAL D 354 15.68 9.63 40.16
C VAL D 354 15.28 9.88 41.60
N GLY D 355 16.04 10.71 42.31
CA GLY D 355 15.70 11.05 43.67
C GLY D 355 14.34 11.73 43.79
N ALA D 356 14.06 12.65 42.86
CA ALA D 356 12.76 13.34 42.89
C ALA D 356 11.62 12.38 42.62
N VAL D 357 11.79 11.45 41.67
CA VAL D 357 10.74 10.48 41.39
C VAL D 357 10.48 9.62 42.61
N LEU D 358 11.54 9.14 43.27
CA LEU D 358 11.34 8.32 44.46
C LEU D 358 10.68 9.13 45.58
N ASP D 359 11.10 10.38 45.77
CA ASP D 359 10.51 11.20 46.82
C ASP D 359 9.02 11.41 46.57
N TYR D 360 8.62 11.62 45.32
CA TYR D 360 7.19 11.70 45.02
C TYR D 360 6.50 10.37 45.23
N ILE D 361 7.21 9.26 44.96
CA ILE D 361 6.69 7.93 45.25
C ILE D 361 6.50 7.75 46.76
N GLY D 362 7.09 8.62 47.57
CA GLY D 362 6.83 8.55 48.99
C GLY D 362 8.02 8.56 49.93
N GLY D 363 9.12 9.16 49.50
CA GLY D 363 10.24 9.41 50.38
C GLY D 363 11.36 8.40 50.33
N PHE D 364 11.36 7.51 49.34
CA PHE D 364 12.42 6.52 49.25
C PHE D 364 13.75 7.19 48.90
N LYS D 365 14.82 6.68 49.48
CA LYS D 365 16.17 7.17 49.22
C LYS D 365 16.93 6.15 48.40
N TRP D 366 17.74 6.65 47.46
CA TRP D 366 18.44 5.76 46.54
C TRP D 366 19.39 4.83 47.28
N GLU D 367 20.20 5.38 48.18
CA GLU D 367 21.23 4.60 48.86
C GLU D 367 20.65 3.57 49.83
N GLU D 368 19.47 3.82 50.38
CA GLU D 368 18.83 2.89 51.31
C GLU D 368 17.97 1.85 50.61
N VAL D 369 17.19 2.26 49.61
CA VAL D 369 16.42 1.30 48.82
C VAL D 369 17.36 0.39 48.04
N GLN D 370 18.54 0.89 47.68
CA GLN D 370 19.51 0.08 46.94
C GLN D 370 19.95 -1.16 47.70
N LYS D 371 19.73 -1.19 49.02
CA LYS D 371 20.17 -2.30 49.86
C LYS D 371 19.19 -3.47 49.86
N SER D 372 18.31 -3.55 48.87
CA SER D 372 17.33 -4.63 48.76
C SER D 372 17.52 -5.42 47.48
N LYS D 373 18.76 -5.77 47.17
CA LYS D 373 19.07 -6.52 45.96
C LYS D 373 18.46 -7.92 46.01
N MET E 1 36.01 -0.66 31.45
CA MET E 1 36.94 0.27 30.83
C MET E 1 36.89 0.17 29.31
N LEU E 2 36.57 1.27 28.66
CA LEU E 2 36.50 1.34 27.21
C LEU E 2 37.38 2.48 26.72
N ILE E 3 38.21 2.20 25.72
CA ILE E 3 39.05 3.22 25.10
C ILE E 3 38.29 3.79 23.92
N GLU E 4 38.06 5.11 23.93
CA GLU E 4 37.27 5.78 22.91
C GLU E 4 38.05 6.96 22.36
N ILE E 5 38.10 7.07 21.04
CA ILE E 5 38.88 8.09 20.35
C ILE E 5 37.93 8.96 19.52
N HIS E 6 38.06 10.28 19.65
CA HIS E 6 37.35 11.24 18.84
C HIS E 6 38.36 12.18 18.20
N MET E 7 38.33 12.28 16.87
CA MET E 7 39.24 13.15 16.15
C MET E 7 38.49 13.96 15.10
N ILE E 8 39.04 15.13 14.79
CA ILE E 8 38.49 16.04 13.78
C ILE E 8 39.59 16.36 12.79
N GLN E 9 39.34 16.11 11.50
CA GLN E 9 40.36 16.24 10.47
C GLN E 9 39.76 16.82 9.20
N ASN E 10 40.50 17.73 8.57
CA ASN E 10 40.11 18.30 7.28
C ASN E 10 40.79 17.55 6.14
N HIS E 11 40.19 17.65 4.96
CA HIS E 11 40.71 16.98 3.77
C HIS E 11 40.71 17.94 2.58
N SER E 12 41.70 17.74 1.70
CA SER E 12 41.75 18.48 0.45
C SER E 12 40.64 17.98 -0.48
N PRO E 13 40.30 18.76 -1.51
CA PRO E 13 39.32 18.26 -2.50
C PRO E 13 39.74 16.92 -3.05
N ALA E 14 38.95 15.88 -2.77
CA ALA E 14 39.38 14.51 -3.00
C ALA E 14 38.18 13.64 -3.31
N ASN E 15 38.45 12.34 -3.52
CA ASN E 15 37.43 11.32 -3.66
C ASN E 15 38.03 10.03 -3.09
N LEU E 16 37.76 9.79 -1.81
CA LEU E 16 38.36 8.66 -1.11
C LEU E 16 37.52 7.39 -1.19
N ASN E 17 36.20 7.50 -1.05
CA ASN E 17 35.31 6.36 -1.17
C ASN E 17 34.18 6.72 -2.10
N ARG E 18 33.98 5.90 -3.14
CA ARG E 18 32.98 6.16 -4.15
C ARG E 18 32.09 4.93 -4.33
N ASP E 19 30.90 5.17 -4.83
CA ASP E 19 29.95 4.08 -5.08
C ASP E 19 30.27 3.46 -6.44
N ASP E 20 29.36 2.62 -6.94
CA ASP E 20 29.57 1.95 -8.21
C ASP E 20 29.59 2.92 -9.39
N LEU E 21 28.98 4.10 -9.24
CA LEU E 21 28.91 5.08 -10.31
C LEU E 21 30.03 6.11 -10.24
N GLY E 22 30.95 5.98 -9.28
CA GLY E 22 32.07 6.88 -9.16
C GLY E 22 31.85 8.10 -8.30
N ALA E 23 30.62 8.35 -7.86
CA ALA E 23 30.35 9.49 -7.00
C ALA E 23 30.81 9.20 -5.57
N PRO E 24 31.43 10.16 -4.90
CA PRO E 24 31.83 9.96 -3.50
C PRO E 24 30.61 9.72 -2.61
N LYS E 25 30.82 8.93 -1.56
CA LYS E 25 29.71 8.48 -0.72
C LYS E 25 29.08 9.64 0.04
N THR E 26 27.79 9.48 0.35
CA THR E 26 27.01 10.52 1.02
C THR E 26 26.05 9.86 1.99
N CYS E 27 25.57 10.66 2.96
CA CYS E 27 24.59 10.21 3.92
C CYS E 27 23.78 11.40 4.41
N TYR E 28 22.65 11.11 5.05
CA TYR E 28 21.78 12.12 5.62
C TYR E 28 21.85 12.02 7.15
N PHE E 29 22.26 13.10 7.80
CA PHE E 29 22.33 13.16 9.26
C PHE E 29 21.79 14.52 9.70
N GLY E 30 20.73 14.50 10.49
CA GLY E 30 20.10 15.72 10.93
C GLY E 30 19.21 16.39 9.91
N GLY E 31 18.87 15.70 8.83
CA GLY E 31 18.04 16.26 7.79
C GLY E 31 18.80 16.90 6.63
N VAL E 32 20.13 16.85 6.65
CA VAL E 32 20.95 17.43 5.61
C VAL E 32 21.94 16.39 5.10
N LEU E 33 22.40 16.59 3.88
CA LEU E 33 23.27 15.65 3.20
C LEU E 33 24.73 15.93 3.54
N ARG E 34 25.47 14.88 3.87
CA ARG E 34 26.87 14.99 4.28
C ARG E 34 27.72 14.08 3.40
N SER E 35 29.03 14.11 3.64
CA SER E 35 30.00 13.26 2.96
C SER E 35 30.39 12.11 3.87
N ARG E 36 30.51 10.92 3.30
CA ARG E 36 30.63 9.69 4.07
C ARG E 36 31.84 8.88 3.63
N ILE E 37 32.55 8.32 4.61
CA ILE E 37 33.54 7.27 4.39
C ILE E 37 33.17 6.08 5.27
N SER E 38 33.10 4.90 4.66
CA SER E 38 32.56 3.74 5.35
C SER E 38 33.55 3.20 6.39
N SER E 39 33.03 2.34 7.28
CA SER E 39 33.84 1.77 8.34
C SER E 39 34.75 0.66 7.84
N GLN E 40 34.27 -0.13 6.88
CA GLN E 40 35.09 -1.20 6.33
C GLN E 40 36.34 -0.64 5.64
N CYS E 41 36.21 0.51 4.97
CA CYS E 41 37.36 1.15 4.35
C CYS E 41 38.38 1.58 5.41
N ILE E 42 37.92 2.14 6.52
CA ILE E 42 38.82 2.55 7.59
C ILE E 42 39.51 1.34 8.19
N LYS E 43 38.78 0.26 8.42
CA LYS E 43 39.38 -0.94 8.98
C LYS E 43 40.42 -1.54 8.03
N ARG E 44 40.12 -1.58 6.73
CA ARG E 44 41.08 -2.10 5.78
C ARG E 44 42.30 -1.20 5.65
N SER E 45 42.12 0.11 5.84
CA SER E 45 43.25 1.02 5.80
C SER E 45 44.15 0.84 7.01
N ILE E 46 43.56 0.67 8.19
CA ILE E 46 44.36 0.41 9.39
C ILE E 46 45.08 -0.92 9.28
N ARG E 47 44.37 -1.96 8.80
CA ARG E 47 44.99 -3.28 8.67
C ARG E 47 46.15 -3.26 7.68
N THR E 48 45.96 -2.59 6.54
CA THR E 48 47.03 -2.41 5.56
C THR E 48 47.62 -1.01 5.72
N SER E 49 48.41 -0.86 6.77
CA SER E 49 49.06 0.41 7.07
C SER E 49 50.50 0.15 7.47
N ASN E 50 51.34 1.17 7.29
CA ASN E 50 52.76 1.03 7.64
C ASN E 50 52.94 0.82 9.13
N ASP E 51 52.21 1.58 9.95
CA ASP E 51 52.35 1.43 11.40
C ASP E 51 51.70 0.15 11.92
N PHE E 52 50.94 -0.57 11.10
CA PHE E 52 50.36 -1.85 11.50
C PHE E 52 50.99 -3.03 10.76
N LYS E 53 52.01 -2.87 9.93
CA LYS E 53 52.63 -4.03 9.29
C LYS E 53 53.30 -5.00 10.19
N ALA E 54 53.13 -4.86 11.48
CA ALA E 54 53.89 -5.67 12.39
C ALA E 54 52.98 -6.56 13.04
N LEU E 55 51.72 -6.23 13.03
CA LEU E 55 50.85 -7.20 13.61
C LEU E 55 49.79 -7.59 12.70
N LEU E 56 50.13 -8.09 11.54
CA LEU E 56 49.13 -8.64 10.64
C LEU E 56 49.25 -10.15 10.66
N GLY E 57 48.43 -10.84 11.46
CA GLY E 57 48.40 -12.28 11.58
C GLY E 57 47.19 -12.95 10.99
N GLY E 58 46.46 -12.24 10.13
CA GLY E 58 45.26 -12.77 9.53
C GLY E 58 45.35 -12.78 8.02
N VAL E 59 44.74 -13.80 7.41
CA VAL E 59 44.62 -13.89 5.95
C VAL E 59 43.19 -14.28 5.62
N ARG E 60 42.57 -13.51 4.72
CA ARG E 60 41.20 -13.72 4.30
C ARG E 60 41.23 -13.86 2.77
N THR E 61 41.25 -15.11 2.30
CA THR E 61 41.44 -15.39 0.89
C THR E 61 40.39 -16.37 0.39
N ARG E 62 39.97 -16.17 -0.86
CA ARG E 62 39.07 -17.10 -1.52
C ARG E 62 39.79 -18.37 -1.97
N ARG E 63 41.12 -18.32 -2.11
CA ARG E 63 41.91 -19.46 -2.53
C ARG E 63 42.93 -19.80 -1.46
N LEU E 64 42.89 -21.05 -0.98
CA LEU E 64 43.89 -21.56 -0.05
C LEU E 64 44.81 -22.58 -0.68
N ALA E 65 44.40 -23.20 -1.78
CA ALA E 65 45.24 -24.16 -2.47
C ALA E 65 46.56 -23.54 -2.89
N ASP E 66 46.53 -22.28 -3.33
CA ASP E 66 47.76 -21.61 -3.72
C ASP E 66 48.71 -21.47 -2.53
N LEU E 67 48.18 -21.08 -1.37
CA LEU E 67 49.04 -20.91 -0.20
C LEU E 67 49.63 -22.23 0.26
N ILE E 68 48.82 -23.29 0.31
CA ILE E 68 49.38 -24.56 0.75
C ILE E 68 50.36 -25.10 -0.28
N GLN E 69 50.15 -24.80 -1.57
CA GLN E 69 51.11 -25.19 -2.58
C GLN E 69 52.44 -24.46 -2.39
N GLN E 70 52.38 -23.16 -2.10
CA GLN E 70 53.61 -22.40 -1.88
C GLN E 70 54.35 -22.90 -0.64
N GLU E 71 53.61 -23.24 0.42
CA GLU E 71 54.25 -23.73 1.63
C GLU E 71 54.71 -25.18 1.50
N ALA E 72 54.16 -25.93 0.54
CA ALA E 72 54.51 -27.34 0.39
C ALA E 72 55.96 -27.50 -0.07
N GLY E 73 56.40 -26.69 -1.02
CA GLY E 73 57.74 -26.82 -1.56
C GLY E 73 57.76 -26.98 -3.06
N GLU E 74 58.20 -28.15 -3.54
CA GLU E 74 58.29 -28.41 -4.97
C GLU E 74 57.36 -29.53 -5.42
N THR E 75 56.50 -30.03 -4.55
CA THR E 75 55.60 -31.12 -4.88
C THR E 75 54.34 -30.57 -5.54
N GLU E 76 53.35 -31.44 -5.73
CA GLU E 76 52.06 -31.04 -6.29
C GLU E 76 50.98 -31.48 -5.33
N CYS E 77 50.06 -30.56 -5.02
CA CYS E 77 48.96 -30.86 -4.09
C CYS E 77 47.60 -30.38 -4.55
N TRP E 78 47.51 -29.54 -5.58
CA TRP E 78 46.32 -28.75 -5.86
C TRP E 78 45.05 -29.59 -5.91
N LYS E 79 45.08 -30.70 -6.64
CA LYS E 79 43.87 -31.50 -6.83
C LYS E 79 43.38 -32.09 -5.52
N LYS E 80 44.27 -32.75 -4.78
CA LYS E 80 43.86 -33.36 -3.52
C LYS E 80 43.52 -32.32 -2.47
N ALA E 81 44.19 -31.17 -2.49
CA ALA E 81 43.85 -30.09 -1.57
C ALA E 81 42.45 -29.56 -1.84
N GLN E 82 42.11 -29.36 -3.11
CA GLN E 82 40.75 -28.98 -3.45
C GLN E 82 39.79 -30.07 -3.03
N GLU E 83 40.18 -31.34 -3.17
CA GLU E 83 39.30 -32.44 -2.76
C GLU E 83 38.98 -32.36 -1.28
N ILE E 84 39.99 -32.16 -0.43
CA ILE E 84 39.73 -32.04 1.01
C ILE E 84 38.91 -30.78 1.30
N LEU E 85 39.26 -29.65 0.69
CA LEU E 85 38.53 -28.41 0.96
C LEU E 85 37.09 -28.46 0.48
N ASN E 86 36.78 -29.36 -0.45
CA ASN E 86 35.41 -29.59 -0.85
C ASN E 86 34.72 -30.64 0.01
N LYS E 87 35.49 -31.57 0.58
CA LYS E 87 34.93 -32.45 1.60
C LYS E 87 34.48 -31.65 2.80
N CYS E 88 35.28 -30.66 3.21
CA CYS E 88 34.81 -29.65 4.15
C CYS E 88 33.81 -28.73 3.47
N GLY E 89 32.84 -28.25 4.24
CA GLY E 89 31.82 -27.40 3.67
C GLY E 89 32.25 -25.97 3.42
N PHE E 90 33.13 -25.78 2.44
CA PHE E 90 33.56 -24.44 2.03
C PHE E 90 32.77 -23.94 0.82
N LYS E 91 31.54 -24.43 0.68
CA LYS E 91 30.56 -23.94 -0.27
C LYS E 91 30.90 -24.24 -1.73
N ASN E 92 29.87 -24.52 -2.52
CA ASN E 92 29.95 -24.57 -3.97
C ASN E 92 28.70 -23.91 -4.52
N LYS E 93 28.01 -23.16 -3.65
CA LYS E 93 26.75 -22.52 -4.00
C LYS E 93 26.92 -21.55 -5.15
N ASP E 94 26.15 -21.78 -6.20
CA ASP E 94 26.17 -20.94 -7.41
C ASP E 94 27.58 -20.89 -8.00
N ASP E 95 28.26 -22.05 -7.98
CA ASP E 95 29.54 -22.39 -8.60
C ASP E 95 30.73 -21.61 -8.04
N ASN E 96 30.49 -20.72 -7.08
CA ASN E 96 31.58 -19.94 -6.51
C ASN E 96 32.21 -20.67 -5.32
N THR E 97 33.33 -20.13 -4.85
CA THR E 97 34.03 -20.60 -3.66
C THR E 97 33.69 -19.70 -2.47
N LYS E 98 32.44 -19.26 -2.46
CA LYS E 98 31.96 -18.30 -1.42
C LYS E 98 32.73 -18.04 -0.16
N MET E 99 33.15 -19.08 0.54
CA MET E 99 33.82 -18.86 1.79
C MET E 99 35.08 -18.05 1.66
N LEU E 100 35.12 -16.90 2.29
CA LEU E 100 36.32 -16.12 2.27
C LEU E 100 36.79 -16.42 3.64
N VAL E 101 37.24 -17.60 3.85
CA VAL E 101 37.75 -18.10 5.12
C VAL E 101 38.68 -17.09 5.77
N PHE E 102 38.31 -16.60 6.95
CA PHE E 102 39.15 -15.69 7.73
C PHE E 102 39.94 -16.52 8.73
N MET E 103 40.83 -17.34 8.22
CA MET E 103 41.69 -18.15 9.05
C MET E 103 42.93 -17.36 9.43
N SER E 104 43.23 -17.34 10.71
CA SER E 104 44.38 -16.61 11.23
C SER E 104 45.51 -17.58 11.51
N LYS E 105 46.56 -17.08 12.16
CA LYS E 105 47.77 -17.87 12.39
C LYS E 105 48.34 -18.36 11.06
N ASP E 106 48.84 -17.38 10.29
CA ASP E 106 49.24 -17.55 8.89
C ASP E 106 50.14 -18.76 8.67
N LYS E 107 50.67 -19.33 9.75
CA LYS E 107 51.38 -20.59 9.68
C LYS E 107 50.43 -21.67 9.19
N ILE E 108 50.57 -22.06 7.93
CA ILE E 108 49.73 -23.07 7.29
C ILE E 108 50.43 -24.42 7.22
N LYS E 109 51.57 -24.55 7.90
CA LYS E 109 52.34 -25.79 7.86
C LYS E 109 51.53 -26.97 8.36
N ASP E 110 50.55 -26.74 9.25
CA ASP E 110 49.71 -27.85 9.71
C ASP E 110 48.91 -28.45 8.56
N LEU E 111 48.22 -27.61 7.79
CA LEU E 111 47.46 -28.11 6.64
C LEU E 111 48.39 -28.63 5.55
N ALA E 112 49.57 -28.03 5.39
CA ALA E 112 50.53 -28.55 4.44
C ALA E 112 50.95 -29.97 4.81
N ARG E 113 51.23 -30.21 6.09
CA ARG E 113 51.57 -31.54 6.55
C ARG E 113 50.42 -32.51 6.35
N ILE E 114 49.19 -32.07 6.66
CA ILE E 114 48.05 -32.95 6.51
C ILE E 114 47.85 -33.36 5.06
N VAL E 115 47.98 -32.39 4.15
CA VAL E 115 47.82 -32.68 2.72
C VAL E 115 48.94 -33.60 2.24
N LEU E 116 50.18 -33.33 2.65
CA LEU E 116 51.33 -34.09 2.20
C LEU E 116 51.54 -35.40 2.95
N ASP E 117 50.54 -35.86 3.72
CA ASP E 117 50.64 -37.11 4.46
C ASP E 117 50.03 -38.23 3.64
N ASN E 118 50.74 -39.37 3.56
CA ASN E 118 50.26 -40.51 2.80
C ASN E 118 49.29 -41.35 3.61
N SER E 119 48.24 -40.70 4.12
CA SER E 119 47.20 -41.34 4.90
C SER E 119 45.91 -41.43 4.07
N LEU E 120 44.81 -41.78 4.73
CA LEU E 120 43.51 -41.84 4.08
C LEU E 120 43.07 -40.43 3.69
N GLY E 121 43.11 -40.13 2.39
CA GLY E 121 42.66 -38.83 1.89
C GLY E 121 41.14 -38.74 1.87
N LEU E 122 40.53 -38.72 3.05
CA LEU E 122 39.11 -38.92 3.19
C LEU E 122 38.62 -38.11 4.40
N THR E 123 37.47 -38.53 4.95
CA THR E 123 36.84 -37.78 6.03
C THR E 123 37.78 -37.60 7.21
N GLU E 124 38.76 -38.49 7.39
CA GLU E 124 39.75 -38.28 8.45
C GLU E 124 40.56 -37.01 8.20
N ALA E 125 41.07 -36.85 6.97
CA ALA E 125 41.81 -35.65 6.63
C ALA E 125 40.90 -34.42 6.68
N ALA E 126 39.65 -34.56 6.24
CA ALA E 126 38.71 -33.45 6.32
C ALA E 126 38.49 -33.02 7.77
N GLN E 127 38.33 -33.98 8.68
CA GLN E 127 38.17 -33.65 10.09
C GLN E 127 39.41 -32.96 10.64
N GLN E 128 40.59 -33.47 10.28
CA GLN E 128 41.81 -32.87 10.78
C GLN E 128 41.96 -31.43 10.33
N VAL E 129 41.70 -31.17 9.05
CA VAL E 129 41.85 -29.80 8.56
C VAL E 129 40.79 -28.90 9.16
N ALA E 130 39.55 -29.40 9.31
CA ALA E 130 38.51 -28.58 9.92
C ALA E 130 38.88 -28.20 11.35
N ASN E 131 39.38 -29.15 12.12
CA ASN E 131 39.83 -28.85 13.48
C ASN E 131 40.96 -27.83 13.47
N VAL E 132 41.90 -27.97 12.53
CA VAL E 132 43.04 -27.06 12.50
C VAL E 132 42.58 -25.63 12.24
N ILE E 133 41.66 -25.45 11.30
CA ILE E 133 41.17 -24.09 11.04
C ILE E 133 40.35 -23.58 12.21
N ALA E 134 39.52 -24.43 12.80
CA ALA E 134 38.58 -23.95 13.82
C ALA E 134 39.30 -23.57 15.11
N GLN E 135 40.28 -24.34 15.54
CA GLN E 135 40.79 -24.25 16.90
C GLN E 135 41.97 -23.30 17.06
N ALA E 136 43.07 -23.54 16.33
CA ALA E 136 44.35 -22.93 16.68
C ALA E 136 44.37 -21.42 16.43
N THR E 137 43.67 -20.95 15.40
CA THR E 137 43.88 -19.61 14.88
C THR E 137 43.31 -18.56 15.82
N LEU E 138 44.20 -17.75 16.42
CA LEU E 138 43.77 -16.63 17.26
C LEU E 138 44.19 -15.28 16.70
N ALA E 139 45.50 -15.04 16.49
CA ALA E 139 46.09 -13.84 15.91
C ALA E 139 45.76 -12.56 16.69
N PRO E 140 46.55 -11.50 16.51
CA PRO E 140 46.28 -10.26 17.26
C PRO E 140 45.08 -9.48 16.74
N ASP E 141 44.95 -9.31 15.43
CA ASP E 141 43.88 -8.47 14.92
C ASP E 141 42.55 -9.20 14.83
N ILE E 142 42.55 -10.53 14.94
CA ILE E 142 41.32 -11.29 15.04
C ILE E 142 40.82 -11.22 16.47
N ALA E 143 41.48 -10.41 17.30
CA ALA E 143 40.89 -10.03 18.57
C ALA E 143 40.01 -8.79 18.42
N LEU E 144 40.43 -7.84 17.58
CA LEU E 144 39.57 -6.70 17.27
C LEU E 144 38.41 -7.12 16.39
N CYS E 145 38.69 -7.87 15.33
CA CYS E 145 37.65 -8.43 14.48
C CYS E 145 37.46 -9.91 14.78
N GLY E 146 36.73 -10.61 13.91
CA GLY E 146 36.77 -12.05 13.85
C GLY E 146 35.44 -12.74 13.61
N ARG E 147 35.41 -13.51 12.52
CA ARG E 147 34.24 -14.28 12.10
C ARG E 147 34.76 -15.60 11.50
N MET E 148 35.55 -16.33 12.28
CA MET E 148 36.52 -17.32 11.79
C MET E 148 36.09 -18.02 10.51
N LEU E 149 34.91 -18.60 10.47
CA LEU E 149 34.33 -19.14 9.24
C LEU E 149 32.88 -19.55 9.52
N GLU E 150 32.24 -20.14 8.52
CA GLU E 150 30.90 -20.70 8.64
C GLU E 150 30.73 -21.88 7.70
N PRO E 151 30.82 -23.12 8.18
CA PRO E 151 30.81 -24.27 7.28
C PRO E 151 29.48 -24.40 6.55
N ASN E 152 29.54 -25.02 5.37
CA ASN E 152 28.38 -25.21 4.50
C ASN E 152 27.92 -26.66 4.57
N ASP E 153 26.61 -26.85 4.76
CA ASP E 153 26.03 -28.19 4.78
C ASP E 153 25.84 -28.66 3.34
N LYS E 154 25.12 -29.78 3.17
CA LYS E 154 24.83 -30.35 1.86
C LYS E 154 26.10 -30.75 1.12
N ASP E 155 26.91 -29.77 0.75
CA ASP E 155 28.16 -30.05 0.05
C ASP E 155 29.10 -30.88 0.92
N LYS E 156 29.18 -30.57 2.21
CA LYS E 156 30.12 -31.23 3.10
C LYS E 156 29.77 -32.71 3.27
N ASP E 157 30.76 -33.47 3.72
CA ASP E 157 30.55 -34.87 4.06
C ASP E 157 29.76 -34.97 5.37
N LYS E 158 29.29 -36.18 5.66
CA LYS E 158 28.45 -36.43 6.82
C LYS E 158 29.25 -36.93 8.02
N LYS E 159 30.56 -36.76 8.00
CA LYS E 159 31.42 -37.21 9.08
C LYS E 159 32.34 -36.09 9.56
N VAL E 160 31.87 -34.85 9.52
CA VAL E 160 32.67 -33.70 9.93
C VAL E 160 32.15 -33.20 11.28
N LYS E 161 33.05 -32.64 12.08
CA LYS E 161 32.78 -32.25 13.46
C LYS E 161 33.31 -30.85 13.74
N TRP E 162 32.94 -29.89 12.89
CA TRP E 162 33.37 -28.50 13.06
C TRP E 162 33.10 -28.00 14.46
N SER E 163 34.11 -27.36 15.05
CA SER E 163 34.00 -26.78 16.38
C SER E 163 33.54 -25.32 16.28
N ASN E 164 33.65 -24.58 17.38
CA ASN E 164 33.20 -23.20 17.40
C ASN E 164 34.10 -22.33 16.51
N THR E 165 33.47 -21.44 15.76
CA THR E 165 34.18 -20.59 14.80
C THR E 165 33.67 -19.15 14.88
N THR E 166 33.27 -18.71 16.06
CA THR E 166 32.87 -17.33 16.30
C THR E 166 33.83 -16.70 17.31
N VAL E 167 34.27 -15.47 17.01
CA VAL E 167 35.38 -14.86 17.74
C VAL E 167 34.94 -13.73 18.67
N GLU E 168 33.73 -13.19 18.50
CA GLU E 168 33.23 -12.10 19.35
C GLU E 168 34.15 -10.89 19.29
N ALA E 169 34.14 -10.25 18.12
CA ALA E 169 34.99 -9.11 17.83
C ALA E 169 34.86 -8.02 18.89
N ALA E 170 35.98 -7.36 19.18
CA ALA E 170 36.08 -6.32 20.19
C ALA E 170 36.47 -4.97 19.58
N LEU E 171 35.89 -4.63 18.43
CA LEU E 171 36.14 -3.37 17.76
C LEU E 171 34.81 -2.77 17.30
N GLN E 172 34.68 -1.46 17.46
CA GLN E 172 33.49 -0.75 17.00
C GLN E 172 33.93 0.55 16.33
N VAL E 173 33.60 0.69 15.05
CA VAL E 173 33.97 1.85 14.25
C VAL E 173 32.71 2.45 13.65
N ALA E 174 32.54 3.75 13.80
CA ALA E 174 31.40 4.46 13.24
C ALA E 174 31.79 5.10 11.91
N HIS E 175 30.80 5.20 11.02
CA HIS E 175 31.02 5.82 9.73
C HIS E 175 31.33 7.31 9.89
N ALA E 176 32.37 7.77 9.23
CA ALA E 176 32.78 9.16 9.34
C ALA E 176 31.77 10.07 8.63
N ILE E 177 31.47 11.21 9.26
CA ILE E 177 30.54 12.19 8.71
C ILE E 177 31.13 13.58 8.87
N SER E 178 30.89 14.43 7.88
CA SER E 178 31.32 15.81 7.95
C SER E 178 30.43 16.60 8.90
N THR E 179 30.94 17.75 9.33
CA THR E 179 30.24 18.61 10.27
C THR E 179 29.53 19.77 9.59
N HIS E 180 29.18 19.62 8.31
CA HIS E 180 28.54 20.67 7.54
C HIS E 180 27.70 20.01 6.45
N ILE E 181 27.23 20.82 5.52
CA ILE E 181 26.58 20.29 4.32
C ILE E 181 27.66 19.95 3.31
N ALA E 182 27.36 19.02 2.41
CA ALA E 182 28.32 18.53 1.44
C ALA E 182 28.09 19.20 0.09
N ARG E 183 29.19 19.49 -0.61
CA ARG E 183 29.15 20.22 -1.87
C ARG E 183 29.85 19.43 -2.97
N PRO E 184 29.11 18.68 -3.78
CA PRO E 184 29.73 17.92 -4.87
C PRO E 184 29.93 18.76 -6.12
N GLU E 185 31.04 18.49 -6.81
CA GLU E 185 31.45 19.28 -7.96
C GLU E 185 31.88 18.34 -9.09
N ILE E 186 31.69 18.81 -10.32
CA ILE E 186 31.91 18.01 -11.53
C ILE E 186 33.12 18.54 -12.28
N ASP E 187 33.97 17.63 -12.75
CA ASP E 187 35.14 17.96 -13.54
C ASP E 187 34.98 17.39 -14.94
N TYR E 188 35.35 18.19 -15.94
CA TYR E 188 35.25 17.81 -17.34
C TYR E 188 36.64 17.58 -17.90
N PHE E 189 36.81 16.50 -18.67
CA PHE E 189 38.13 16.13 -19.17
C PHE E 189 38.02 15.64 -20.61
N VAL E 190 39.17 15.65 -21.30
CA VAL E 190 39.26 15.23 -22.69
C VAL E 190 40.43 14.27 -22.85
N ALA E 191 40.43 13.54 -23.98
CA ALA E 191 41.44 12.52 -24.22
C ALA E 191 42.72 13.12 -24.81
N ALA E 192 42.59 13.99 -25.82
CA ALA E 192 43.71 14.71 -26.42
C ALA E 192 44.77 13.75 -26.99
N ASP E 193 44.37 13.06 -28.06
CA ASP E 193 45.28 12.18 -28.77
C ASP E 193 46.48 12.95 -29.29
N ASP E 194 47.66 12.32 -29.19
CA ASP E 194 48.91 13.01 -29.52
C ASP E 194 49.09 13.17 -31.02
N VAL E 195 48.74 12.17 -31.81
CA VAL E 195 48.88 12.23 -33.26
C VAL E 195 47.73 13.06 -33.83
N PRO E 196 48.01 14.14 -34.54
CA PRO E 196 46.93 14.99 -35.06
C PRO E 196 46.07 14.25 -36.09
N GLY E 197 44.81 14.61 -36.13
CA GLY E 197 43.87 14.01 -37.06
C GLY E 197 42.43 14.08 -36.61
N ILE E 205 33.22 14.65 -24.04
CA ILE E 205 33.78 15.05 -22.76
C ILE E 205 33.36 14.09 -21.66
N GLY E 206 34.32 13.65 -20.85
CA GLY E 206 34.01 12.84 -19.70
C GLY E 206 33.68 13.68 -18.48
N GLU E 207 33.23 12.99 -17.43
CA GLU E 207 32.83 13.65 -16.19
C GLU E 207 33.44 12.92 -14.99
N SER E 208 33.95 13.70 -14.04
CA SER E 208 34.53 13.18 -12.82
C SER E 208 34.01 13.97 -11.63
N MET E 209 34.00 13.33 -10.47
CA MET E 209 33.40 13.90 -9.27
C MET E 209 34.42 14.00 -8.16
N PHE E 210 34.23 15.00 -7.28
CA PHE E 210 35.09 15.19 -6.13
C PHE E 210 34.42 16.16 -5.17
N ALA E 211 34.90 16.16 -3.92
CA ALA E 211 34.38 17.06 -2.90
C ALA E 211 35.40 17.18 -1.78
N SER E 212 35.20 18.17 -0.92
CA SER E 212 36.06 18.39 0.24
C SER E 212 35.20 18.60 1.47
N ALA E 213 35.68 18.08 2.62
CA ALA E 213 34.93 18.20 3.86
C ALA E 213 35.86 17.99 5.04
N CYS E 214 35.38 18.37 6.22
CA CYS E 214 36.05 18.15 7.49
C CYS E 214 35.29 17.09 8.26
N PHE E 215 36.01 16.07 8.74
CA PHE E 215 35.36 14.87 9.24
C PHE E 215 35.50 14.74 10.75
N TYR E 216 34.60 13.94 11.33
CA TYR E 216 34.62 13.56 12.75
C TYR E 216 34.55 12.05 12.85
N LYS E 217 35.48 11.46 13.60
CA LYS E 217 35.66 10.02 13.64
C LYS E 217 35.57 9.51 15.07
N TYR E 218 35.24 8.22 15.21
CA TYR E 218 34.91 7.63 16.50
C TYR E 218 35.26 6.16 16.50
N PHE E 219 36.04 5.72 17.48
CA PHE E 219 36.45 4.34 17.63
C PHE E 219 36.13 3.85 19.05
N SER E 220 36.08 2.54 19.21
CA SER E 220 35.76 1.93 20.50
C SER E 220 36.48 0.59 20.61
N ILE E 221 37.29 0.44 21.67
CA ILE E 221 38.04 -0.79 21.93
C ILE E 221 37.65 -1.28 23.32
N ASP E 222 37.31 -2.57 23.41
CA ASP E 222 36.95 -3.19 24.67
C ASP E 222 38.16 -3.94 25.22
N TRP E 223 38.59 -3.58 26.43
CA TRP E 223 39.82 -4.13 26.97
C TRP E 223 39.68 -5.60 27.34
N GLU E 224 38.61 -5.94 28.04
CA GLU E 224 38.44 -7.31 28.54
C GLU E 224 38.26 -8.29 27.39
N GLN E 225 37.48 -7.93 26.37
CA GLN E 225 37.28 -8.84 25.24
C GLN E 225 38.57 -8.98 24.43
N LEU E 226 39.32 -7.90 24.26
CA LEU E 226 40.61 -7.98 23.58
C LEU E 226 41.56 -8.91 24.32
N VAL E 227 41.61 -8.81 25.65
CA VAL E 227 42.46 -9.69 26.43
C VAL E 227 41.98 -11.14 26.31
N LYS E 228 40.66 -11.35 26.38
CA LYS E 228 40.13 -12.71 26.32
C LYS E 228 40.44 -13.38 25.00
N ASN E 229 40.24 -12.66 23.89
CA ASN E 229 40.50 -13.25 22.57
C ASN E 229 41.97 -13.51 22.32
N LEU E 230 42.86 -12.88 23.10
CA LEU E 230 44.29 -13.13 23.00
C LEU E 230 44.79 -14.16 24.01
N LYS E 231 43.91 -14.69 24.85
CA LYS E 231 44.25 -15.67 25.88
C LYS E 231 45.39 -15.14 26.77
N GLY E 232 45.17 -13.94 27.31
CA GLY E 232 46.20 -13.28 28.08
C GLY E 232 47.09 -12.41 27.21
N ASP E 233 48.38 -12.42 27.51
CA ASP E 233 49.39 -11.66 26.75
C ASP E 233 49.03 -10.16 26.72
N THR E 234 49.07 -9.55 27.90
CA THR E 234 48.75 -8.14 28.02
C THR E 234 49.70 -7.28 27.19
N ASN E 235 50.94 -7.73 27.00
CA ASN E 235 51.88 -6.98 26.18
C ASN E 235 51.38 -6.85 24.75
N LEU E 236 50.84 -7.94 24.18
CA LEU E 236 50.31 -7.87 22.83
C LEU E 236 49.07 -6.98 22.78
N ALA E 237 48.25 -6.99 23.82
CA ALA E 237 47.09 -6.10 23.85
C ALA E 237 47.52 -4.64 23.84
N ALA E 238 48.51 -4.27 24.66
CA ALA E 238 49.01 -2.91 24.66
C ALA E 238 49.62 -2.55 23.32
N HIS E 239 50.36 -3.48 22.71
CA HIS E 239 50.92 -3.25 21.39
C HIS E 239 49.82 -2.99 20.37
N THR E 240 48.74 -3.77 20.43
CA THR E 240 47.62 -3.57 19.52
C THR E 240 46.98 -2.20 19.72
N VAL E 241 46.83 -1.79 20.98
CA VAL E 241 46.25 -0.48 21.27
C VAL E 241 47.10 0.63 20.67
N GLY E 242 48.41 0.55 20.88
CA GLY E 242 49.30 1.57 20.33
C GLY E 242 49.29 1.59 18.81
N ALA E 243 49.36 0.42 18.19
CA ALA E 243 49.37 0.34 16.73
C ALA E 243 48.08 0.88 16.14
N PHE E 244 46.94 0.52 16.71
CA PHE E 244 45.66 1.03 16.22
C PHE E 244 45.57 2.54 16.40
N LEU E 245 46.03 3.06 17.54
CA LEU E 245 46.01 4.50 17.75
C LEU E 245 46.79 5.23 16.68
N LEU E 246 48.04 4.81 16.45
CA LEU E 246 48.84 5.47 15.43
C LEU E 246 48.24 5.31 14.04
N ALA E 247 47.75 4.11 13.71
CA ALA E 247 47.22 3.87 12.38
C ALA E 247 45.99 4.72 12.11
N ALA E 248 45.08 4.83 13.08
CA ALA E 248 43.93 5.69 12.90
C ALA E 248 44.31 7.15 12.88
N ALA E 249 45.34 7.54 13.63
CA ALA E 249 45.75 8.94 13.64
C ALA E 249 46.33 9.37 12.30
N LYS E 250 47.21 8.55 11.72
CA LYS E 250 47.91 8.93 10.48
C LYS E 250 47.77 7.81 9.44
N THR E 251 46.65 7.82 8.73
CA THR E 251 46.42 6.96 7.57
C THR E 251 45.12 7.41 6.91
N ASN E 252 45.11 7.40 5.58
CA ASN E 252 43.97 7.81 4.78
C ASN E 252 43.63 6.73 3.78
N PRO E 253 42.38 6.67 3.33
CA PRO E 253 42.01 5.70 2.30
C PRO E 253 42.84 5.90 1.03
N SER E 254 43.23 4.77 0.43
CA SER E 254 44.06 4.80 -0.78
C SER E 254 43.19 4.71 -2.03
N GLY E 255 42.29 5.68 -2.16
CA GLY E 255 41.41 5.76 -3.30
C GLY E 255 41.56 7.07 -4.04
N LYS E 256 41.92 7.00 -5.33
CA LYS E 256 42.07 8.18 -6.19
C LYS E 256 43.11 9.15 -5.65
N GLN E 257 44.13 8.64 -4.97
CA GLN E 257 45.17 9.47 -4.39
C GLN E 257 46.26 9.84 -5.39
N ASN E 258 46.29 9.22 -6.57
CA ASN E 258 47.20 9.64 -7.62
C ASN E 258 46.70 10.89 -8.34
N SER E 259 45.43 11.24 -8.18
CA SER E 259 44.85 12.42 -8.80
C SER E 259 44.29 13.43 -7.81
N PHE E 260 43.97 13.02 -6.59
CA PHE E 260 43.35 13.86 -5.57
C PHE E 260 44.07 13.69 -4.24
N ALA E 261 45.39 13.82 -4.25
CA ALA E 261 46.21 13.59 -3.06
C ALA E 261 45.70 14.39 -1.86
N ALA E 262 45.21 13.69 -0.85
CA ALA E 262 44.58 14.28 0.33
C ALA E 262 45.19 13.71 1.60
N HIS E 263 46.51 13.65 1.65
CA HIS E 263 47.24 13.12 2.80
C HIS E 263 47.29 14.18 3.90
N ASN E 264 46.15 14.37 4.54
CA ASN E 264 46.00 15.32 5.62
C ASN E 264 45.98 14.61 6.97
N TYR E 265 46.26 15.38 8.03
CA TYR E 265 46.36 14.87 9.38
C TYR E 265 45.38 15.60 10.30
N PRO E 266 44.92 14.95 11.37
CA PRO E 266 43.88 15.55 12.21
C PRO E 266 44.39 16.75 13.00
N ASP E 267 43.45 17.62 13.35
CA ASP E 267 43.75 18.85 14.08
C ASP E 267 43.30 18.83 15.53
N GLY E 268 42.30 18.01 15.86
CA GLY E 268 41.85 17.89 17.24
C GLY E 268 41.53 16.46 17.62
N ILE E 269 42.18 15.95 18.67
CA ILE E 269 42.08 14.54 19.05
C ILE E 269 41.59 14.47 20.49
N LEU E 270 40.55 13.67 20.72
CA LEU E 270 39.98 13.46 22.05
C LEU E 270 40.02 11.97 22.37
N VAL E 271 40.68 11.62 23.47
CA VAL E 271 40.78 10.24 23.94
C VAL E 271 40.24 10.19 25.36
N GLU E 272 39.35 9.24 25.63
CA GLU E 272 38.74 9.12 26.95
C GLU E 272 38.56 7.64 27.30
N PHE E 273 38.47 7.38 28.60
CA PHE E 273 38.24 6.05 29.13
C PHE E 273 37.00 6.07 30.02
N LYS E 274 36.08 5.13 29.79
CA LYS E 274 34.85 5.07 30.57
C LYS E 274 34.37 3.63 30.64
N ASN E 275 33.31 3.40 31.43
CA ASN E 275 32.73 2.08 31.59
C ASN E 275 31.58 1.81 30.63
N SER E 276 30.97 2.86 30.07
CA SER E 276 29.93 2.70 29.08
C SER E 276 30.22 3.61 27.90
N PRO E 277 29.92 3.16 26.68
CA PRO E 277 30.30 3.95 25.48
C PRO E 277 29.37 5.14 25.28
N ILE E 278 29.96 6.30 24.98
CA ILE E 278 29.23 7.52 24.69
C ILE E 278 29.82 8.15 23.44
N SER E 279 28.95 8.47 22.48
CA SER E 279 29.34 9.11 21.23
C SER E 279 28.81 10.53 21.20
N TYR E 280 29.58 11.45 20.62
CA TYR E 280 29.25 12.86 20.61
C TYR E 280 28.88 13.35 19.22
N ALA E 281 28.24 12.49 18.42
CA ALA E 281 27.87 12.85 17.06
C ALA E 281 26.67 13.79 17.02
N ASN E 282 25.93 13.93 18.12
CA ASN E 282 24.78 14.83 18.15
C ASN E 282 25.21 16.29 18.24
N ALA E 283 26.49 16.57 18.40
CA ALA E 283 26.97 17.95 18.39
C ALA E 283 26.76 18.63 17.05
N PHE E 284 26.56 17.85 15.98
CA PHE E 284 26.48 18.39 14.63
C PHE E 284 25.13 18.12 13.98
N VAL E 285 24.08 18.00 14.80
CA VAL E 285 22.73 17.98 14.24
C VAL E 285 22.42 19.31 13.58
N ARG E 286 22.94 20.41 14.15
CA ARG E 286 22.92 21.70 13.48
C ARG E 286 24.18 21.83 12.63
N PRO E 287 24.06 21.91 11.31
CA PRO E 287 25.26 22.02 10.48
C PRO E 287 25.98 23.33 10.72
N VAL E 288 27.31 23.28 10.59
CA VAL E 288 28.15 24.45 10.82
C VAL E 288 28.09 25.36 9.61
N SER E 289 27.77 26.63 9.83
CA SER E 289 27.75 27.65 8.80
C SER E 289 28.93 28.59 9.01
N VAL E 290 29.66 28.87 7.93
CA VAL E 290 30.91 29.60 8.05
C VAL E 290 30.65 31.08 8.32
N VAL E 291 31.49 31.66 9.19
CA VAL E 291 31.47 33.10 9.44
C VAL E 291 32.75 33.71 8.87
N LYS E 292 32.82 35.03 8.89
CA LYS E 292 33.93 35.73 8.28
C LYS E 292 35.16 35.83 9.17
N GLU E 293 35.02 35.57 10.47
CA GLU E 293 36.10 35.77 11.41
C GLU E 293 36.80 34.48 11.85
N SER E 294 36.39 33.33 11.32
CA SER E 294 37.00 32.05 11.70
C SER E 294 36.81 31.07 10.56
N ASP E 295 37.07 29.80 10.83
CA ASP E 295 37.02 28.74 9.83
C ASP E 295 36.04 27.65 10.27
N LEU E 296 35.93 26.62 9.42
CA LEU E 296 35.04 25.50 9.70
C LEU E 296 35.56 24.65 10.86
N VAL E 297 36.87 24.42 10.90
CA VAL E 297 37.46 23.56 11.92
C VAL E 297 37.21 24.14 13.30
N GLU E 298 37.43 25.44 13.46
CA GLU E 298 37.29 26.06 14.79
C GLU E 298 35.84 26.01 15.26
N GLN E 299 34.89 26.29 14.37
CA GLN E 299 33.49 26.24 14.76
C GLN E 299 33.06 24.82 15.13
N SER E 300 33.51 23.82 14.36
CA SER E 300 33.19 22.44 14.68
C SER E 300 33.76 22.03 16.02
N ILE E 301 35.01 22.43 16.30
CA ILE E 301 35.61 22.12 17.59
C ILE E 301 34.87 22.81 18.72
N GLY E 302 34.39 24.03 18.49
CA GLY E 302 33.61 24.72 19.50
C GLY E 302 32.29 24.02 19.82
N GLN E 303 31.58 23.58 18.78
CA GLN E 303 30.34 22.85 19.01
C GLN E 303 30.61 21.53 19.72
N LEU E 304 31.69 20.85 19.36
CA LEU E 304 32.07 19.62 20.06
C LEU E 304 32.36 19.89 21.54
N SER E 305 33.08 20.97 21.82
CA SER E 305 33.34 21.37 23.20
C SER E 305 32.04 21.56 23.96
N ASN E 306 31.10 22.30 23.36
CA ASN E 306 29.84 22.56 24.03
C ASN E 306 29.11 21.26 24.36
N TYR E 307 29.01 20.36 23.37
CA TYR E 307 28.26 19.13 23.59
C TYR E 307 28.92 18.24 24.62
N VAL E 308 30.25 18.11 24.59
CA VAL E 308 30.93 17.26 25.54
C VAL E 308 30.77 17.80 26.96
N ASN E 309 30.96 19.11 27.14
CA ASN E 309 30.78 19.69 28.46
C ASN E 309 29.35 19.51 28.95
N ASP E 310 28.38 19.67 28.06
CA ASP E 310 26.99 19.52 28.44
C ASP E 310 26.70 18.09 28.89
N ILE E 311 27.19 17.10 28.14
CA ILE E 311 26.95 15.71 28.53
C ILE E 311 27.60 15.42 29.88
N ARG E 312 28.84 15.91 30.07
CA ARG E 312 29.53 15.68 31.33
C ARG E 312 28.76 16.27 32.49
N LEU E 313 28.21 17.47 32.32
CA LEU E 313 27.47 18.10 33.41
C LEU E 313 26.09 17.47 33.60
N GLY E 314 25.52 16.89 32.56
CA GLY E 314 24.15 16.41 32.64
C GLY E 314 23.98 14.97 33.10
N TYR E 315 24.88 14.09 32.71
CA TYR E 315 24.78 12.67 33.08
C TYR E 315 25.82 12.30 34.12
N TYR E 316 26.06 13.21 35.07
CA TYR E 316 27.13 13.04 36.04
C TYR E 316 26.80 11.95 37.05
N ASP E 317 27.80 11.13 37.36
CA ASP E 317 27.71 10.11 38.41
C ASP E 317 28.94 10.22 39.28
N GLU E 318 28.74 10.18 40.61
CA GLU E 318 29.85 10.39 41.54
C GLU E 318 30.69 9.14 41.76
N GLN E 319 30.24 7.98 41.29
CA GLN E 319 30.95 6.72 41.52
C GLN E 319 31.97 6.40 40.43
N SER E 320 32.07 7.21 39.39
CA SER E 320 33.01 6.92 38.31
C SER E 320 33.39 8.18 37.56
N PRO E 321 34.47 8.86 37.97
CA PRO E 321 34.94 10.02 37.20
C PRO E 321 35.46 9.60 35.84
N VAL E 322 35.32 10.52 34.88
CA VAL E 322 35.76 10.29 33.50
C VAL E 322 37.09 10.99 33.31
N ILE E 323 38.09 10.26 32.85
CA ILE E 323 39.42 10.80 32.61
C ILE E 323 39.68 10.77 31.11
N GLY E 324 40.01 11.93 30.54
CA GLY E 324 40.26 12.04 29.12
C GLY E 324 41.45 12.92 28.84
N PHE E 325 41.95 12.82 27.61
CA PHE E 325 43.08 13.60 27.15
C PHE E 325 42.75 14.23 25.80
N TRP E 326 43.05 15.52 25.66
CA TRP E 326 42.80 16.27 24.43
C TRP E 326 44.13 16.78 23.90
N PHE E 327 44.47 16.39 22.68
CA PHE E 327 45.72 16.79 22.05
C PHE E 327 45.44 17.41 20.69
N SER E 328 46.15 18.50 20.41
CA SER E 328 46.14 19.18 19.13
C SER E 328 47.58 19.47 18.75
N PRO E 329 47.91 19.46 17.46
CA PRO E 329 49.32 19.67 17.08
C PRO E 329 49.74 21.08 17.43
N ASN E 330 50.81 21.18 18.24
CA ASN E 330 51.30 22.44 18.79
C ASN E 330 50.23 23.18 19.57
N ASN E 331 49.22 22.46 20.05
CA ASN E 331 48.07 23.07 20.74
C ASN E 331 47.45 24.16 19.87
N ARG E 332 47.33 23.86 18.58
CA ARG E 332 46.86 24.87 17.63
C ARG E 332 45.43 25.30 17.92
N TYR E 333 44.56 24.34 18.23
CA TYR E 333 43.16 24.63 18.52
C TYR E 333 42.78 24.10 19.90
N PRO E 334 42.74 24.94 20.92
CA PRO E 334 42.34 24.47 22.25
C PRO E 334 40.87 24.08 22.31
N LEU E 335 40.58 23.14 23.21
CA LEU E 335 39.21 22.64 23.38
C LEU E 335 38.37 23.64 24.16
N GLY E 336 38.74 23.91 25.40
CA GLY E 336 38.02 24.86 26.24
C GLY E 336 38.44 26.29 25.98
N TYR E 337 37.98 26.85 24.86
CA TYR E 337 38.43 28.17 24.46
C TYR E 337 38.04 29.25 25.47
N LYS E 338 36.81 29.20 25.97
CA LYS E 338 36.32 30.30 26.81
C LYS E 338 36.77 30.15 28.27
N HIS E 339 36.26 29.14 28.97
CA HIS E 339 36.59 28.97 30.38
C HIS E 339 36.83 27.53 30.82
N SER E 340 36.33 26.53 30.12
CA SER E 340 36.22 25.19 30.67
C SER E 340 37.49 24.37 30.42
N LYS E 341 37.89 23.61 31.45
CA LYS E 341 38.96 22.62 31.31
C LYS E 341 38.30 21.24 31.29
N LEU E 342 37.88 20.82 30.09
CA LEU E 342 37.11 19.59 29.96
C LEU E 342 37.99 18.35 30.09
N ALA E 343 39.17 18.38 29.48
CA ALA E 343 40.05 17.23 29.51
C ALA E 343 40.93 17.26 30.76
N SER E 344 41.32 16.06 31.21
CA SER E 344 42.19 15.96 32.36
C SER E 344 43.62 16.37 32.05
N ARG E 345 44.00 16.40 30.78
CA ARG E 345 45.36 16.74 30.40
C ARG E 345 45.36 17.30 28.97
N ASN E 346 46.32 18.18 28.70
CA ASN E 346 46.54 18.72 27.37
C ASN E 346 47.96 18.36 26.93
N ILE E 347 48.09 17.91 25.68
CA ILE E 347 49.32 17.29 25.19
C ILE E 347 49.65 17.88 23.83
N GLY E 348 50.95 18.03 23.55
CA GLY E 348 51.39 18.63 22.31
C GLY E 348 51.96 17.70 21.24
N ASN E 349 52.13 16.42 21.55
CA ASN E 349 52.67 15.46 20.59
C ASN E 349 51.90 14.15 20.68
N LEU E 350 51.80 13.46 19.55
CA LEU E 350 51.02 12.23 19.49
C LEU E 350 51.73 11.07 20.20
N ASN E 351 53.05 11.00 20.08
CA ASN E 351 53.78 9.89 20.68
C ASN E 351 53.63 9.88 22.20
N GLU E 352 53.77 11.05 22.83
CA GLU E 352 53.57 11.11 24.27
C GLU E 352 52.10 10.94 24.65
N LEU E 353 51.17 11.27 23.75
CA LEU E 353 49.77 10.93 23.99
C LEU E 353 49.59 9.42 24.06
N VAL E 354 50.22 8.69 23.13
CA VAL E 354 50.14 7.22 23.16
C VAL E 354 50.79 6.69 24.42
N GLY E 355 51.93 7.25 24.81
CA GLY E 355 52.56 6.85 26.05
C GLY E 355 51.68 7.06 27.26
N ALA E 356 50.99 8.21 27.32
CA ALA E 356 50.10 8.50 28.44
C ALA E 356 48.90 7.56 28.44
N VAL E 357 48.35 7.26 27.26
CA VAL E 357 47.23 6.34 27.19
C VAL E 357 47.64 4.96 27.68
N LEU E 358 48.81 4.48 27.25
CA LEU E 358 49.29 3.19 27.73
C LEU E 358 49.57 3.21 29.23
N ASP E 359 50.09 4.33 29.73
CA ASP E 359 50.34 4.46 31.16
C ASP E 359 49.04 4.36 31.94
N TYR E 360 47.98 5.01 31.45
CA TYR E 360 46.68 4.87 32.09
C TYR E 360 46.15 3.45 31.98
N ILE E 361 46.41 2.78 30.86
CA ILE E 361 45.92 1.42 30.67
C ILE E 361 46.55 0.47 31.68
N GLY E 362 47.88 0.35 31.65
CA GLY E 362 48.57 -0.53 32.57
C GLY E 362 49.94 -0.07 33.01
N GLY E 363 50.24 1.21 32.80
CA GLY E 363 51.58 1.69 33.09
C GLY E 363 52.63 1.06 32.20
N PHE E 364 52.31 0.87 30.92
CA PHE E 364 53.21 0.20 29.98
C PHE E 364 53.98 1.25 29.19
N LYS E 365 55.30 1.24 29.33
CA LYS E 365 56.13 2.15 28.56
C LYS E 365 56.23 1.69 27.12
N TRP E 366 56.52 2.65 26.23
CA TRP E 366 56.40 2.40 24.80
C TRP E 366 57.44 1.39 24.32
N GLU E 367 58.66 1.45 24.85
CA GLU E 367 59.76 0.68 24.28
C GLU E 367 59.56 -0.81 24.46
N GLU E 368 59.23 -1.25 25.68
CA GLU E 368 59.19 -2.69 25.96
C GLU E 368 58.08 -3.38 25.19
N VAL E 369 56.90 -2.77 25.10
CA VAL E 369 55.79 -3.41 24.41
C VAL E 369 56.04 -3.51 22.90
N GLN E 370 57.00 -2.76 22.38
CA GLN E 370 57.37 -2.88 20.97
C GLN E 370 58.12 -4.18 20.67
N LYS E 371 58.55 -4.90 21.69
CA LYS E 371 59.27 -6.15 21.49
C LYS E 371 58.35 -7.35 21.30
N SER E 372 57.04 -7.17 21.48
CA SER E 372 56.10 -8.26 21.31
C SER E 372 54.94 -7.85 20.42
N MET F 1 62.40 8.93 1.19
CA MET F 1 61.97 7.97 0.20
C MET F 1 61.05 8.61 -0.83
N LEU F 2 60.41 9.70 -0.44
CA LEU F 2 59.51 10.44 -1.31
C LEU F 2 59.94 11.91 -1.35
N ILE F 3 59.92 12.50 -2.54
CA ILE F 3 60.25 13.90 -2.72
C ILE F 3 58.96 14.70 -2.71
N GLU F 4 58.82 15.63 -1.77
CA GLU F 4 57.62 16.43 -1.61
C GLU F 4 57.93 17.89 -1.91
N ILE F 5 57.18 18.48 -2.83
CA ILE F 5 57.40 19.85 -3.29
C ILE F 5 56.11 20.62 -3.12
N HIS F 6 56.21 21.81 -2.50
CA HIS F 6 55.08 22.72 -2.37
C HIS F 6 55.46 24.05 -2.98
N MET F 7 54.60 24.60 -3.84
CA MET F 7 54.91 25.78 -4.63
C MET F 7 53.84 26.84 -4.45
N ILE F 8 54.27 28.11 -4.47
CA ILE F 8 53.39 29.26 -4.40
C ILE F 8 53.63 30.13 -5.62
N GLN F 9 52.55 30.49 -6.33
CA GLN F 9 52.67 31.12 -7.63
C GLN F 9 51.46 32.00 -7.89
N ASN F 10 51.57 32.85 -8.91
CA ASN F 10 50.45 33.62 -9.43
C ASN F 10 50.27 33.30 -10.90
N HIS F 11 49.02 33.39 -11.36
CA HIS F 11 48.72 33.06 -12.75
C HIS F 11 47.61 33.96 -13.26
N SER F 12 47.85 34.60 -14.41
CA SER F 12 46.88 35.50 -15.00
C SER F 12 45.71 34.71 -15.59
N PRO F 13 44.53 35.32 -15.70
CA PRO F 13 43.39 34.61 -16.29
C PRO F 13 43.59 34.21 -17.74
N ALA F 14 44.52 34.84 -18.45
CA ALA F 14 44.77 34.48 -19.85
C ALA F 14 45.44 33.12 -20.01
N ASN F 15 45.90 32.50 -18.92
CA ASN F 15 46.55 31.21 -18.95
C ASN F 15 45.89 30.24 -17.98
N LEU F 16 44.56 30.19 -17.99
CA LEU F 16 43.78 29.36 -17.09
C LEU F 16 43.04 28.28 -17.88
N ASN F 17 42.34 27.42 -17.14
CA ASN F 17 41.60 26.30 -17.70
C ASN F 17 40.11 26.51 -17.48
N ARG F 18 39.32 26.25 -18.52
CA ARG F 18 37.90 26.54 -18.51
C ARG F 18 37.09 25.25 -18.66
N ASP F 19 35.83 25.33 -18.26
CA ASP F 19 34.94 24.18 -18.29
C ASP F 19 34.26 24.09 -19.65
N ASP F 20 33.25 23.23 -19.77
CA ASP F 20 32.55 23.06 -21.04
C ASP F 20 31.76 24.30 -21.42
N LEU F 21 31.35 25.11 -20.44
CA LEU F 21 30.60 26.34 -20.72
C LEU F 21 31.50 27.53 -20.98
N GLY F 22 32.81 27.41 -20.76
CA GLY F 22 33.74 28.48 -21.01
C GLY F 22 34.18 29.29 -19.81
N ALA F 23 33.87 28.86 -18.59
CA ALA F 23 34.25 29.60 -17.40
C ALA F 23 35.35 28.88 -16.64
N PRO F 24 36.24 29.61 -15.97
CA PRO F 24 37.29 28.96 -15.19
C PRO F 24 36.71 28.12 -14.06
N LYS F 25 37.40 27.03 -13.75
CA LYS F 25 36.91 26.06 -12.78
C LYS F 25 37.10 26.56 -11.35
N THR F 26 36.17 26.15 -10.49
CA THR F 26 36.12 26.61 -9.10
C THR F 26 35.96 25.42 -8.18
N CYS F 27 36.26 25.63 -6.89
CA CYS F 27 36.13 24.57 -5.90
C CYS F 27 35.87 25.19 -4.53
N TYR F 28 35.35 24.36 -3.62
CA TYR F 28 35.06 24.75 -2.25
C TYR F 28 36.12 24.20 -1.31
N PHE F 29 36.50 25.01 -0.32
CA PHE F 29 37.45 24.58 0.70
C PHE F 29 37.27 25.52 1.89
N GLY F 30 36.75 24.98 2.99
CA GLY F 30 36.43 25.81 4.13
C GLY F 30 35.13 26.57 4.02
N GLY F 31 34.26 26.20 3.07
CA GLY F 31 33.00 26.88 2.89
C GLY F 31 33.02 28.07 1.97
N VAL F 32 34.10 28.31 1.24
CA VAL F 32 34.23 29.46 0.35
C VAL F 32 34.62 28.97 -1.03
N LEU F 33 34.35 29.81 -2.03
CA LEU F 33 34.61 29.50 -3.42
C LEU F 33 36.03 29.91 -3.79
N ARG F 34 36.75 29.03 -4.45
CA ARG F 34 38.13 29.26 -4.84
C ARG F 34 38.29 29.06 -6.35
N SER F 35 39.53 29.11 -6.83
CA SER F 35 39.85 28.88 -8.23
C SER F 35 40.64 27.58 -8.35
N ARG F 36 40.26 26.75 -9.33
CA ARG F 36 40.79 25.40 -9.43
C ARG F 36 41.34 25.12 -10.82
N ILE F 37 42.53 24.54 -10.85
CA ILE F 37 43.15 24.02 -12.07
C ILE F 37 43.32 22.52 -11.89
N SER F 38 42.85 21.75 -12.86
CA SER F 38 42.86 20.30 -12.75
C SER F 38 44.29 19.76 -12.78
N SER F 39 44.46 18.61 -12.12
CA SER F 39 45.76 17.94 -12.11
C SER F 39 46.12 17.36 -13.47
N GLN F 40 45.11 16.90 -14.21
CA GLN F 40 45.34 16.37 -15.55
C GLN F 40 45.89 17.45 -16.48
N CYS F 41 45.40 18.69 -16.34
CA CYS F 41 45.95 19.80 -17.09
C CYS F 41 47.43 20.01 -16.77
N ILE F 42 47.79 19.94 -15.50
CA ILE F 42 49.19 20.13 -15.11
C ILE F 42 50.05 19.02 -15.68
N LYS F 43 49.59 17.77 -15.59
CA LYS F 43 50.38 16.66 -16.10
C LYS F 43 50.57 16.77 -17.61
N ARG F 44 49.50 17.12 -18.35
CA ARG F 44 49.62 17.29 -19.79
C ARG F 44 50.56 18.44 -20.14
N SER F 45 50.47 19.54 -19.40
CA SER F 45 51.38 20.66 -19.65
C SER F 45 52.82 20.31 -19.34
N ILE F 46 53.07 19.40 -18.40
CA ILE F 46 54.45 19.03 -18.08
C ILE F 46 55.02 18.03 -19.07
N ARG F 47 54.24 17.01 -19.46
CA ARG F 47 54.78 16.00 -20.37
C ARG F 47 55.10 16.58 -21.76
N THR F 48 54.41 17.65 -22.15
CA THR F 48 54.60 18.30 -23.43
C THR F 48 55.15 19.71 -23.26
N SER F 49 56.14 19.86 -22.38
CA SER F 49 56.82 21.12 -22.17
C SER F 49 58.13 21.15 -22.95
N ASN F 50 58.79 22.31 -22.93
CA ASN F 50 60.08 22.43 -23.58
C ASN F 50 61.22 21.89 -22.73
N ASP F 51 60.98 21.65 -21.44
CA ASP F 51 61.99 21.08 -20.55
C ASP F 51 61.82 19.59 -20.33
N PHE F 52 60.81 18.97 -20.93
CA PHE F 52 60.57 17.54 -20.79
C PHE F 52 60.65 16.79 -22.11
N LYS F 53 61.12 17.45 -23.18
CA LYS F 53 61.24 16.76 -24.46
C LYS F 53 62.33 15.70 -24.43
N ALA F 54 63.37 15.90 -23.63
CA ALA F 54 64.45 14.94 -23.55
C ALA F 54 64.04 13.64 -22.88
N LEU F 55 62.88 13.60 -22.22
CA LEU F 55 62.43 12.41 -21.50
C LEU F 55 60.97 12.12 -21.83
N LEU F 56 60.61 12.24 -23.10
CA LEU F 56 59.30 11.84 -23.60
C LEU F 56 59.51 10.67 -24.55
N GLY F 57 59.16 9.47 -24.10
CA GLY F 57 59.37 8.28 -24.90
C GLY F 57 58.11 7.44 -25.07
N GLY F 58 56.95 8.06 -25.05
CA GLY F 58 55.70 7.34 -25.21
C GLY F 58 54.65 8.21 -25.83
N VAL F 59 53.65 7.57 -26.42
CA VAL F 59 52.57 8.25 -27.12
C VAL F 59 51.25 7.58 -26.75
N ARG F 60 50.21 8.39 -26.63
CA ARG F 60 48.85 7.91 -26.39
C ARG F 60 48.03 8.24 -27.63
N THR F 61 47.65 7.21 -28.38
CA THR F 61 46.96 7.42 -29.63
C THR F 61 45.96 6.30 -29.87
N ARG F 62 44.87 6.64 -30.56
CA ARG F 62 43.90 5.66 -31.03
C ARG F 62 44.08 5.35 -32.52
N ARG F 63 45.24 5.69 -33.09
CA ARG F 63 45.52 5.57 -34.51
C ARG F 63 46.78 4.73 -34.73
N LEU F 64 46.86 3.61 -34.07
CA LEU F 64 48.01 2.84 -34.29
C LEU F 64 48.00 2.61 -35.82
N ALA F 65 46.82 2.47 -36.45
CA ALA F 65 46.70 2.27 -37.91
C ALA F 65 47.50 3.18 -38.79
N ASP F 66 47.82 4.37 -38.32
CA ASP F 66 48.65 5.27 -39.06
C ASP F 66 50.08 5.27 -38.56
N LEU F 67 50.34 4.78 -37.37
CA LEU F 67 51.71 4.68 -36.88
C LEU F 67 52.40 3.45 -37.45
N ILE F 68 51.68 2.33 -37.56
CA ILE F 68 52.25 1.12 -38.12
C ILE F 68 52.61 1.33 -39.59
N GLN F 69 51.70 1.95 -40.34
CA GLN F 69 51.97 2.25 -41.75
C GLN F 69 52.78 3.53 -41.85
N GLN F 70 53.88 3.60 -41.12
CA GLN F 70 54.79 4.74 -41.19
C GLN F 70 56.26 4.34 -41.17
N GLU F 71 56.57 3.05 -41.03
CA GLU F 71 57.95 2.58 -41.02
C GLU F 71 58.21 1.41 -41.95
N ALA F 72 57.17 0.67 -42.38
CA ALA F 72 57.39 -0.48 -43.25
C ALA F 72 57.95 -0.06 -44.60
N GLY F 73 57.45 1.03 -45.15
CA GLY F 73 57.82 1.48 -46.49
C GLY F 73 56.97 0.87 -47.58
N GLU F 74 56.69 -0.43 -47.48
CA GLU F 74 55.80 -1.10 -48.42
C GLU F 74 54.36 -0.76 -48.08
N THR F 75 53.64 -0.26 -49.08
CA THR F 75 52.25 0.16 -48.87
C THR F 75 51.35 -1.03 -48.56
N GLU F 76 51.70 -2.22 -49.05
CA GLU F 76 50.79 -3.35 -48.94
C GLU F 76 50.83 -4.01 -47.56
N CYS F 77 50.72 -3.20 -46.50
CA CYS F 77 50.37 -3.72 -45.19
C CYS F 77 49.63 -2.62 -44.43
N TRP F 78 48.32 -2.58 -44.61
CA TRP F 78 47.46 -1.73 -43.80
C TRP F 78 46.25 -2.48 -43.27
N LYS F 79 45.62 -3.31 -44.09
CA LYS F 79 44.53 -4.15 -43.64
C LYS F 79 45.03 -5.32 -42.80
N LYS F 80 46.34 -5.56 -42.99
CA LYS F 80 47.01 -6.55 -42.20
C LYS F 80 47.02 -5.98 -40.81
N ALA F 81 47.48 -4.75 -40.66
CA ALA F 81 47.42 -4.13 -39.37
C ALA F 81 46.01 -3.90 -38.82
N GLN F 82 45.05 -3.50 -39.62
CA GLN F 82 43.69 -3.38 -39.10
C GLN F 82 43.03 -4.73 -38.79
N GLU F 83 43.68 -5.85 -39.12
CA GLU F 83 43.16 -7.14 -38.68
C GLU F 83 43.95 -7.68 -37.49
N ILE F 84 45.26 -7.46 -37.46
CA ILE F 84 46.06 -7.90 -36.32
C ILE F 84 45.66 -7.15 -35.07
N LEU F 85 45.44 -5.83 -35.21
CA LEU F 85 45.01 -5.03 -34.06
C LEU F 85 43.66 -5.49 -33.54
N ASN F 86 42.72 -5.78 -34.44
CA ASN F 86 41.40 -6.24 -34.01
C ASN F 86 41.45 -7.66 -33.44
N LYS F 87 42.37 -8.50 -33.94
CA LYS F 87 42.58 -9.80 -33.32
C LYS F 87 43.12 -9.66 -31.91
N CYS F 88 43.95 -8.64 -31.68
CA CYS F 88 44.41 -8.35 -30.34
C CYS F 88 43.25 -7.96 -29.43
N GLY F 89 42.31 -7.21 -29.96
CA GLY F 89 41.13 -6.81 -29.22
C GLY F 89 41.02 -5.32 -28.90
N PHE F 90 41.86 -4.48 -29.54
CA PHE F 90 41.93 -3.05 -29.24
C PHE F 90 40.88 -2.28 -29.92
N LYS F 91 39.70 -2.82 -30.01
CA LYS F 91 38.61 -2.07 -30.57
C LYS F 91 37.64 -2.26 -29.46
N ASN F 92 36.79 -1.28 -29.18
CA ASN F 92 35.93 -1.45 -28.00
C ASN F 92 34.42 -1.63 -28.21
N LYS F 93 33.64 -1.29 -27.20
CA LYS F 93 32.19 -1.45 -27.28
C LYS F 93 31.67 -0.60 -28.39
N ASP F 94 30.99 -1.20 -29.37
CA ASP F 94 30.54 -0.47 -30.57
C ASP F 94 31.73 0.13 -31.26
N ASP F 95 31.56 1.18 -32.06
CA ASP F 95 32.62 1.87 -32.83
C ASP F 95 33.58 0.82 -33.42
N ASN F 96 34.82 1.24 -33.67
CA ASN F 96 35.84 0.33 -34.19
C ASN F 96 37.20 0.96 -33.92
N THR F 97 38.05 0.26 -33.16
CA THR F 97 39.39 0.73 -32.80
C THR F 97 39.33 2.11 -32.15
N LYS F 98 38.63 2.18 -31.02
CA LYS F 98 38.47 3.39 -30.23
C LYS F 98 38.90 3.14 -28.78
N MET F 99 40.07 2.53 -28.63
CA MET F 99 40.68 2.31 -27.32
C MET F 99 42.06 2.93 -27.32
N LEU F 100 42.31 3.83 -26.37
CA LEU F 100 43.57 4.53 -26.33
C LEU F 100 44.70 3.56 -25.97
N VAL F 101 45.84 3.72 -26.64
CA VAL F 101 46.96 2.82 -26.53
C VAL F 101 48.16 3.60 -26.02
N PHE F 102 49.02 2.92 -25.26
CA PHE F 102 50.14 3.60 -24.58
C PHE F 102 51.35 2.67 -24.59
N MET F 103 52.20 2.81 -25.61
CA MET F 103 53.47 2.09 -25.64
C MET F 103 54.56 3.01 -26.15
N SER F 104 55.80 2.65 -25.89
CA SER F 104 56.94 3.50 -26.18
C SER F 104 57.16 3.59 -27.69
N LYS F 105 57.84 4.66 -28.11
CA LYS F 105 58.17 4.88 -29.52
C LYS F 105 59.45 4.14 -29.90
N ASP F 106 59.52 2.87 -29.56
CA ASP F 106 60.61 2.02 -30.01
C ASP F 106 60.17 0.63 -30.42
N LYS F 107 58.95 0.21 -30.08
CA LYS F 107 58.44 -1.10 -30.47
C LYS F 107 57.56 -1.02 -31.71
N ILE F 108 57.41 0.15 -32.31
CA ILE F 108 56.74 0.23 -33.60
C ILE F 108 57.56 -0.49 -34.66
N LYS F 109 58.89 -0.47 -34.54
CA LYS F 109 59.73 -1.25 -35.43
C LYS F 109 59.42 -2.74 -35.30
N ASP F 110 59.29 -3.21 -34.06
CA ASP F 110 58.91 -4.60 -33.87
C ASP F 110 57.51 -4.85 -34.42
N LEU F 111 56.57 -3.93 -34.21
CA LEU F 111 55.24 -4.15 -34.75
C LEU F 111 55.29 -4.33 -36.27
N ALA F 112 56.07 -3.48 -36.95
CA ALA F 112 56.20 -3.59 -38.39
C ALA F 112 56.87 -4.91 -38.79
N ARG F 113 57.89 -5.32 -38.05
CA ARG F 113 58.57 -6.58 -38.35
C ARG F 113 57.60 -7.74 -38.27
N ILE F 114 56.80 -7.79 -37.21
CA ILE F 114 55.82 -8.85 -37.04
C ILE F 114 54.73 -8.80 -38.09
N VAL F 115 54.29 -7.60 -38.47
CA VAL F 115 53.28 -7.49 -39.51
C VAL F 115 53.81 -8.00 -40.84
N LEU F 116 55.06 -7.67 -41.16
CA LEU F 116 55.64 -7.97 -42.47
C LEU F 116 56.20 -9.39 -42.57
N ASP F 117 55.76 -10.31 -41.71
CA ASP F 117 56.17 -11.70 -41.76
C ASP F 117 55.00 -12.53 -42.28
N ASN F 118 55.09 -12.96 -43.54
CA ASN F 118 54.02 -13.72 -44.15
C ASN F 118 54.05 -15.21 -43.81
N SER F 119 55.15 -15.70 -43.27
CA SER F 119 55.27 -17.09 -42.87
C SER F 119 54.86 -17.33 -41.42
N LEU F 120 54.05 -16.44 -40.85
CA LEU F 120 53.62 -16.54 -39.47
C LEU F 120 52.10 -16.57 -39.41
N GLY F 121 51.55 -17.47 -38.60
CA GLY F 121 50.11 -17.56 -38.47
C GLY F 121 49.53 -16.32 -37.83
N LEU F 122 48.29 -16.01 -38.21
CA LEU F 122 47.64 -14.78 -37.74
C LEU F 122 47.46 -14.81 -36.22
N THR F 123 47.05 -15.95 -35.67
CA THR F 123 46.85 -16.05 -34.23
C THR F 123 48.16 -15.82 -33.47
N GLU F 124 49.23 -16.49 -33.89
CA GLU F 124 50.49 -16.28 -33.21
C GLU F 124 51.12 -14.94 -33.57
N ALA F 125 50.76 -14.35 -34.71
CA ALA F 125 51.15 -12.98 -34.97
C ALA F 125 50.53 -12.01 -33.97
N ALA F 126 49.23 -12.19 -33.69
CA ALA F 126 48.58 -11.36 -32.67
C ALA F 126 49.18 -11.61 -31.30
N GLN F 127 49.51 -12.88 -31.00
CA GLN F 127 50.17 -13.19 -29.74
C GLN F 127 51.52 -12.47 -29.64
N GLN F 128 52.28 -12.45 -30.73
CA GLN F 128 53.55 -11.74 -30.75
C GLN F 128 53.34 -10.25 -30.54
N VAL F 129 52.29 -9.69 -31.14
CA VAL F 129 51.99 -8.27 -30.95
C VAL F 129 51.63 -8.00 -29.49
N ALA F 130 50.94 -8.94 -28.84
CA ALA F 130 50.62 -8.78 -27.42
C ALA F 130 51.86 -8.81 -26.55
N ASN F 131 52.76 -9.75 -26.81
CA ASN F 131 54.03 -9.73 -26.07
C ASN F 131 54.86 -8.51 -26.41
N VAL F 132 54.65 -7.90 -27.59
CA VAL F 132 55.33 -6.65 -27.91
C VAL F 132 54.78 -5.52 -27.05
N ILE F 133 53.49 -5.20 -27.18
CA ILE F 133 52.92 -4.25 -26.24
C ILE F 133 52.28 -5.03 -25.10
N ALA F 134 53.13 -5.64 -24.29
CA ALA F 134 52.86 -5.89 -22.88
C ALA F 134 54.08 -5.60 -22.03
N GLN F 135 55.21 -5.27 -22.64
CA GLN F 135 56.43 -4.90 -21.93
C GLN F 135 57.03 -3.59 -22.43
N ALA F 136 56.37 -2.92 -23.37
CA ALA F 136 56.86 -1.63 -23.89
C ALA F 136 56.56 -0.53 -22.88
N THR F 137 57.34 -0.52 -21.80
CA THR F 137 57.15 0.43 -20.72
C THR F 137 58.45 1.11 -20.29
N LEU F 138 59.53 0.94 -21.05
CA LEU F 138 60.81 1.55 -20.67
C LEU F 138 60.87 2.99 -21.12
N ALA F 139 59.87 3.79 -20.73
CA ALA F 139 59.81 5.20 -21.05
C ALA F 139 59.59 6.00 -19.76
N PRO F 140 60.28 7.13 -19.59
CA PRO F 140 60.09 7.92 -18.36
C PRO F 140 58.68 8.45 -18.19
N ASP F 141 57.92 8.60 -19.27
CA ASP F 141 56.53 9.02 -19.13
C ASP F 141 55.70 7.96 -18.43
N ILE F 142 55.87 6.70 -18.82
CA ILE F 142 55.14 5.59 -18.22
C ILE F 142 55.51 5.40 -16.75
N ALA F 143 56.76 5.65 -16.38
CA ALA F 143 57.20 5.50 -15.00
C ALA F 143 56.82 6.68 -14.12
N LEU F 144 56.22 7.73 -14.68
CA LEU F 144 55.75 8.86 -13.90
C LEU F 144 54.24 9.05 -13.95
N CYS F 145 53.55 8.47 -14.93
CA CYS F 145 52.11 8.66 -15.04
C CYS F 145 51.30 7.38 -15.00
N GLY F 146 51.94 6.22 -15.13
CA GLY F 146 51.21 4.97 -15.13
C GLY F 146 50.50 4.71 -16.44
N ARG F 147 49.79 3.57 -16.47
CA ARG F 147 49.09 3.14 -17.68
C ARG F 147 48.16 1.99 -17.33
N MET F 148 46.98 1.99 -17.93
CA MET F 148 46.08 0.86 -17.88
C MET F 148 45.63 0.52 -19.29
N LEU F 149 45.47 -0.78 -19.56
CA LEU F 149 45.04 -1.27 -20.87
C LEU F 149 44.10 -2.45 -20.63
N GLU F 150 42.81 -2.23 -20.84
CA GLU F 150 41.85 -3.32 -20.73
C GLU F 150 41.62 -3.90 -22.12
N PRO F 151 41.85 -5.20 -22.32
CA PRO F 151 41.52 -5.81 -23.60
C PRO F 151 40.09 -6.30 -23.63
N ASN F 152 39.32 -5.85 -24.61
CA ASN F 152 37.94 -6.29 -24.73
C ASN F 152 37.90 -7.77 -25.11
N ASP F 153 37.09 -8.55 -24.37
CA ASP F 153 36.92 -9.96 -24.63
C ASP F 153 35.75 -10.25 -25.55
N LYS F 154 35.07 -9.23 -26.05
CA LYS F 154 33.93 -9.44 -26.94
C LYS F 154 34.38 -10.09 -28.24
N ASP F 155 35.52 -9.69 -28.78
CA ASP F 155 36.03 -10.18 -30.06
C ASP F 155 37.44 -10.73 -29.90
N LYS F 156 37.64 -11.54 -28.87
CA LYS F 156 38.94 -12.14 -28.62
C LYS F 156 39.15 -13.37 -29.51
N ASP F 157 40.39 -13.83 -29.55
CA ASP F 157 40.74 -15.02 -30.32
C ASP F 157 40.57 -16.26 -29.45
N LYS F 158 41.09 -17.40 -29.91
CA LYS F 158 40.94 -18.66 -29.20
C LYS F 158 41.60 -18.60 -27.83
N LYS F 159 42.92 -18.38 -27.79
CA LYS F 159 43.65 -18.25 -26.54
C LYS F 159 44.20 -16.84 -26.35
N VAL F 160 45.04 -16.37 -27.27
CA VAL F 160 45.64 -15.03 -27.29
C VAL F 160 45.87 -14.51 -25.87
N LYS F 161 46.74 -15.20 -25.13
CA LYS F 161 46.95 -14.86 -23.72
C LYS F 161 47.55 -13.46 -23.58
N TRP F 162 47.04 -12.72 -22.61
CA TRP F 162 47.54 -11.39 -22.27
C TRP F 162 48.42 -11.47 -21.03
N SER F 163 49.51 -10.72 -21.06
CA SER F 163 50.43 -10.64 -19.93
C SER F 163 49.97 -9.52 -18.98
N ASN F 164 50.83 -9.16 -18.05
CA ASN F 164 50.55 -8.04 -17.15
C ASN F 164 50.69 -6.75 -17.94
N THR F 165 49.57 -6.08 -18.21
CA THR F 165 49.55 -4.86 -19.01
C THR F 165 49.17 -3.63 -18.19
N THR F 166 49.31 -3.70 -16.87
CA THR F 166 49.01 -2.58 -15.98
C THR F 166 50.27 -2.22 -15.20
N VAL F 167 50.65 -0.95 -15.25
CA VAL F 167 51.82 -0.46 -14.53
C VAL F 167 51.36 0.55 -13.49
N GLU F 168 51.86 0.39 -12.27
CA GLU F 168 51.44 1.25 -11.17
C GLU F 168 52.12 2.61 -11.27
N ALA F 169 51.40 3.66 -10.88
CA ALA F 169 51.90 5.02 -10.96
C ALA F 169 52.95 5.28 -9.89
N ALA F 170 53.81 6.26 -10.14
CA ALA F 170 54.84 6.67 -9.21
C ALA F 170 54.72 8.10 -8.74
N LEU F 171 53.83 8.89 -9.33
CA LEU F 171 53.67 10.31 -9.01
C LEU F 171 52.24 10.57 -8.55
N GLN F 172 52.11 11.33 -7.46
CA GLN F 172 50.82 11.76 -6.94
C GLN F 172 50.79 13.28 -6.92
N VAL F 173 49.80 13.86 -7.59
CA VAL F 173 49.66 15.31 -7.67
C VAL F 173 48.23 15.68 -7.28
N ALA F 174 48.00 16.96 -6.90
CA ALA F 174 46.67 17.43 -6.43
C ALA F 174 46.00 18.49 -7.26
N HIS F 175 44.67 18.63 -7.21
CA HIS F 175 44.05 19.74 -7.94
C HIS F 175 44.52 21.08 -7.34
N ALA F 176 45.19 21.96 -8.11
CA ALA F 176 45.73 23.25 -7.61
C ALA F 176 44.69 24.18 -7.08
N ILE F 177 44.98 24.87 -5.96
CA ILE F 177 43.95 25.70 -5.36
C ILE F 177 44.26 27.12 -4.97
N SER F 178 43.23 27.98 -4.98
CA SER F 178 43.39 29.40 -4.59
C SER F 178 43.56 29.64 -3.08
N THR F 179 44.51 30.45 -2.68
CA THR F 179 44.70 30.77 -1.28
C THR F 179 43.68 31.74 -0.79
N HIS F 180 42.68 32.02 -1.57
CA HIS F 180 41.71 33.02 -1.19
C HIS F 180 40.45 32.82 -1.94
N ILE F 181 39.55 33.75 -1.86
CA ILE F 181 38.29 33.59 -2.49
C ILE F 181 38.38 34.02 -3.93
N ALA F 182 37.28 33.97 -4.63
CA ALA F 182 37.24 34.36 -6.00
C ALA F 182 37.25 35.88 -6.09
N ARG F 183 37.54 36.42 -7.28
CA ARG F 183 37.63 37.84 -7.44
C ARG F 183 36.89 38.04 -8.72
N PRO F 184 36.76 39.29 -9.18
CA PRO F 184 36.17 39.50 -10.51
C PRO F 184 36.95 40.40 -11.49
N GLU F 185 36.25 41.24 -12.24
CA GLU F 185 36.89 42.19 -13.17
C GLU F 185 36.19 43.57 -13.18
N ILE F 186 35.44 43.89 -14.25
CA ILE F 186 34.75 45.19 -14.35
C ILE F 186 33.48 45.04 -15.17
N ASP F 187 32.37 44.75 -14.51
CA ASP F 187 31.11 44.47 -15.21
C ASP F 187 30.53 45.49 -16.16
N TYR F 188 29.53 45.08 -16.92
CA TYR F 188 28.96 45.95 -17.94
C TYR F 188 27.54 46.29 -17.59
N PHE F 189 26.71 46.57 -18.60
CA PHE F 189 25.32 46.97 -18.36
C PHE F 189 25.20 48.01 -17.27
N ALA F 211 39.14 35.95 -13.20
CA ALA F 211 40.27 35.10 -12.90
C ALA F 211 41.14 35.77 -11.87
N SER F 212 42.27 36.31 -12.30
CA SER F 212 43.20 36.99 -11.39
C SER F 212 43.38 36.33 -10.04
N ALA F 213 44.20 35.28 -9.95
CA ALA F 213 44.30 34.56 -8.69
C ALA F 213 45.66 34.03 -8.24
N CYS F 214 45.79 33.68 -6.96
CA CYS F 214 47.03 33.08 -6.43
C CYS F 214 46.75 31.62 -6.18
N PHE F 215 47.65 30.71 -6.56
CA PHE F 215 47.36 29.30 -6.43
C PHE F 215 48.49 28.67 -5.68
N TYR F 216 48.31 27.42 -5.33
CA TYR F 216 49.30 26.70 -4.55
C TYR F 216 49.54 25.38 -5.31
N LYS F 217 50.34 24.45 -4.81
CA LYS F 217 50.73 23.24 -5.51
C LYS F 217 51.34 22.24 -4.55
N TYR F 218 51.22 20.95 -4.90
CA TYR F 218 51.71 19.86 -4.07
C TYR F 218 52.15 18.72 -4.98
N PHE F 219 53.31 18.14 -4.70
CA PHE F 219 53.87 17.07 -5.51
C PHE F 219 54.44 15.99 -4.61
N SER F 220 54.58 14.79 -5.17
CA SER F 220 55.13 13.64 -4.45
C SER F 220 55.60 12.61 -5.45
N ILE F 221 56.86 12.18 -5.31
CA ILE F 221 57.48 11.22 -6.21
C ILE F 221 58.01 10.05 -5.39
N ASP F 222 57.73 8.82 -5.84
CA ASP F 222 58.19 7.61 -5.17
C ASP F 222 59.41 7.08 -5.90
N TRP F 223 60.59 7.27 -5.31
CA TRP F 223 61.83 6.88 -5.98
C TRP F 223 61.90 5.37 -6.18
N GLU F 224 61.51 4.60 -5.16
CA GLU F 224 61.57 3.14 -5.28
C GLU F 224 60.62 2.63 -6.36
N GLN F 225 59.40 3.16 -6.40
CA GLN F 225 58.45 2.74 -7.42
C GLN F 225 58.94 3.10 -8.81
N LEU F 226 59.50 4.30 -8.98
CA LEU F 226 59.99 4.72 -10.29
C LEU F 226 61.18 3.86 -10.73
N VAL F 227 62.10 3.56 -9.80
CA VAL F 227 63.25 2.74 -10.15
C VAL F 227 62.80 1.31 -10.45
N LYS F 228 61.71 0.85 -9.84
CA LYS F 228 61.17 -0.45 -10.19
C LYS F 228 60.55 -0.44 -11.58
N ASN F 229 59.86 0.65 -11.93
CA ASN F 229 59.19 0.74 -13.22
C ASN F 229 60.15 0.94 -14.39
N LEU F 230 61.43 1.21 -14.12
CA LEU F 230 62.43 1.38 -15.16
C LEU F 230 63.50 0.29 -15.12
N LYS F 231 63.18 -0.86 -14.53
CA LYS F 231 64.08 -2.00 -14.45
C LYS F 231 65.39 -1.64 -13.76
N GLY F 232 65.31 -0.80 -12.73
CA GLY F 232 66.44 -0.52 -11.89
C GLY F 232 67.38 0.56 -12.36
N ASP F 233 67.07 1.26 -13.44
CA ASP F 233 67.94 2.33 -13.92
C ASP F 233 67.95 3.50 -12.94
N THR F 234 69.13 4.05 -12.69
CA THR F 234 69.33 5.11 -11.71
C THR F 234 69.53 6.48 -12.34
N ASN F 235 70.43 6.58 -13.31
CA ASN F 235 70.67 7.85 -13.97
C ASN F 235 69.41 8.34 -14.67
N LEU F 236 68.65 7.42 -15.28
CA LEU F 236 67.40 7.80 -15.93
C LEU F 236 66.41 8.37 -14.93
N ALA F 237 66.32 7.75 -13.75
CA ALA F 237 65.41 8.26 -12.72
C ALA F 237 65.83 9.65 -12.25
N ALA F 238 67.12 9.86 -12.02
CA ALA F 238 67.59 11.17 -11.60
C ALA F 238 67.31 12.23 -12.67
N HIS F 239 67.55 11.88 -13.94
CA HIS F 239 67.27 12.81 -15.02
C HIS F 239 65.77 13.14 -15.09
N THR F 240 64.93 12.13 -14.90
CA THR F 240 63.48 12.36 -14.91
C THR F 240 63.07 13.27 -13.77
N VAL F 241 63.64 13.07 -12.58
CA VAL F 241 63.30 13.92 -11.43
C VAL F 241 63.69 15.36 -11.71
N GLY F 242 64.91 15.56 -12.19
CA GLY F 242 65.36 16.92 -12.50
C GLY F 242 64.50 17.59 -13.56
N ALA F 243 64.21 16.86 -14.64
CA ALA F 243 63.40 17.42 -15.71
C ALA F 243 61.99 17.76 -15.24
N PHE F 244 61.40 16.88 -14.43
CA PHE F 244 60.05 17.14 -13.93
C PHE F 244 60.02 18.36 -13.03
N LEU F 245 61.01 18.50 -12.15
CA LEU F 245 61.05 19.68 -11.29
C LEU F 245 61.22 20.95 -12.10
N LEU F 246 62.12 20.91 -13.09
CA LEU F 246 62.33 22.08 -13.94
C LEU F 246 61.06 22.46 -14.69
N ALA F 247 60.38 21.47 -15.26
CA ALA F 247 59.16 21.74 -16.01
C ALA F 247 58.06 22.27 -15.09
N ALA F 248 57.94 21.72 -13.88
CA ALA F 248 56.94 22.22 -12.95
C ALA F 248 57.23 23.67 -12.56
N ALA F 249 58.51 24.02 -12.41
CA ALA F 249 58.83 25.38 -12.02
C ALA F 249 58.69 26.37 -13.17
N LYS F 250 58.89 25.94 -14.41
CA LYS F 250 59.02 26.86 -15.54
C LYS F 250 58.07 26.52 -16.67
N THR F 251 56.78 26.30 -16.35
CA THR F 251 55.80 26.04 -17.40
C THR F 251 54.45 26.54 -16.93
N ASN F 252 53.66 27.04 -17.90
CA ASN F 252 52.35 27.59 -17.64
C ASN F 252 51.26 26.67 -18.20
N PRO F 253 50.22 26.42 -17.45
CA PRO F 253 49.12 25.60 -17.96
C PRO F 253 48.34 26.29 -19.06
N SER F 254 48.53 25.84 -20.31
CA SER F 254 47.80 26.32 -21.48
C SER F 254 48.12 27.78 -21.79
N GLY F 255 47.92 28.17 -23.06
CA GLY F 255 48.15 29.54 -23.47
C GLY F 255 49.47 29.74 -24.17
N LYS F 256 50.00 30.96 -24.11
CA LYS F 256 51.27 31.31 -24.73
C LYS F 256 51.29 30.98 -26.22
N ASN F 264 57.73 34.13 -14.90
CA ASN F 264 56.65 33.59 -14.08
C ASN F 264 57.15 32.48 -13.16
N TYR F 265 58.36 32.67 -12.62
CA TYR F 265 58.90 31.71 -11.68
C TYR F 265 58.12 31.77 -10.37
N PRO F 266 58.00 30.64 -9.66
CA PRO F 266 57.25 30.64 -8.40
C PRO F 266 57.90 31.49 -7.33
N ASP F 267 57.07 32.07 -6.48
CA ASP F 267 57.58 32.89 -5.38
C ASP F 267 58.16 32.02 -4.27
N GLY F 268 57.50 30.90 -3.96
CA GLY F 268 57.97 30.01 -2.92
C GLY F 268 58.21 28.60 -3.40
N ILE F 269 59.40 28.08 -3.14
CA ILE F 269 59.79 26.73 -3.56
C ILE F 269 60.18 25.96 -2.30
N LEU F 270 59.52 24.82 -2.08
CA LEU F 270 59.74 23.97 -0.91
C LEU F 270 60.09 22.57 -1.37
N VAL F 271 61.07 21.96 -0.70
CA VAL F 271 61.50 20.60 -1.01
C VAL F 271 61.61 19.83 0.30
N GLU F 272 61.06 18.60 0.32
CA GLU F 272 61.12 17.76 1.50
C GLU F 272 61.23 16.29 1.07
N PHE F 273 61.81 15.48 1.95
CA PHE F 273 61.94 14.05 1.75
C PHE F 273 61.35 13.34 2.96
N LYS F 274 60.27 12.60 2.77
CA LYS F 274 59.59 11.90 3.85
C LYS F 274 59.39 10.43 3.47
N ASN F 275 58.93 9.66 4.46
CA ASN F 275 58.57 8.26 4.26
C ASN F 275 57.07 8.01 4.25
N SER F 276 56.28 8.97 4.74
CA SER F 276 54.83 8.91 4.69
C SER F 276 54.31 10.21 4.08
N PRO F 277 53.21 10.15 3.33
CA PRO F 277 52.76 11.35 2.62
C PRO F 277 52.07 12.33 3.56
N ILE F 278 52.49 13.60 3.49
CA ILE F 278 51.87 14.68 4.25
C ILE F 278 51.58 15.83 3.30
N SER F 279 50.36 16.36 3.34
CA SER F 279 49.98 17.54 2.59
C SER F 279 49.60 18.66 3.55
N TYR F 280 49.80 19.90 3.11
CA TYR F 280 49.62 21.08 3.93
C TYR F 280 48.53 21.99 3.38
N ALA F 281 47.44 21.40 2.88
CA ALA F 281 46.36 22.21 2.33
C ALA F 281 45.49 22.85 3.38
N ASN F 282 45.52 22.37 4.63
CA ASN F 282 44.68 22.92 5.68
C ASN F 282 45.30 24.18 6.27
N ALA F 283 46.30 24.73 5.59
CA ALA F 283 46.81 26.06 5.90
C ALA F 283 45.92 27.17 5.38
N PHE F 284 45.11 26.88 4.36
CA PHE F 284 44.28 27.87 3.70
C PHE F 284 42.79 27.58 3.90
N VAL F 285 42.45 26.91 5.00
CA VAL F 285 41.03 26.78 5.34
C VAL F 285 40.47 28.13 5.78
N ARG F 286 41.32 29.08 6.15
CA ARG F 286 40.92 30.45 6.41
C ARG F 286 41.28 31.29 5.21
N PRO F 287 40.30 31.84 4.48
CA PRO F 287 40.62 32.60 3.26
C PRO F 287 41.48 33.81 3.58
N VAL F 288 42.38 34.13 2.66
CA VAL F 288 43.31 35.24 2.81
C VAL F 288 42.67 36.46 2.15
N SER F 289 42.31 37.45 2.97
CA SER F 289 41.70 38.68 2.50
C SER F 289 42.60 39.85 2.83
N VAL F 290 43.00 40.59 1.80
CA VAL F 290 43.78 41.81 1.94
C VAL F 290 43.18 42.88 1.04
N SER F 294 49.28 43.49 -3.11
CA SER F 294 50.70 43.19 -3.10
C SER F 294 51.12 42.32 -1.91
N ASP F 295 50.21 42.04 -0.98
CA ASP F 295 50.54 41.25 0.20
C ASP F 295 49.78 39.93 0.27
N LEU F 296 49.05 39.55 -0.78
CA LEU F 296 48.42 38.23 -0.81
C LEU F 296 49.46 37.13 -0.74
N VAL F 297 50.53 37.29 -1.51
CA VAL F 297 51.62 36.30 -1.52
C VAL F 297 52.25 36.21 -0.13
N GLU F 298 52.51 37.35 0.51
CA GLU F 298 53.17 37.34 1.81
C GLU F 298 52.30 36.68 2.88
N GLN F 299 51.00 37.02 2.89
CA GLN F 299 50.11 36.41 3.87
C GLN F 299 49.97 34.91 3.64
N SER F 300 49.89 34.48 2.38
CA SER F 300 49.80 33.06 2.10
C SER F 300 51.06 32.32 2.55
N ILE F 301 52.24 32.90 2.29
CA ILE F 301 53.48 32.29 2.75
C ILE F 301 53.52 32.21 4.27
N GLY F 302 53.08 33.26 4.95
CA GLY F 302 53.05 33.22 6.41
C GLY F 302 52.12 32.15 6.95
N GLN F 303 50.93 32.02 6.36
CA GLN F 303 49.99 31.01 6.79
C GLN F 303 50.54 29.60 6.56
N LEU F 304 51.15 29.37 5.39
CA LEU F 304 51.74 28.06 5.11
C LEU F 304 52.88 27.77 6.08
N SER F 305 53.68 28.77 6.40
CA SER F 305 54.78 28.58 7.35
C SER F 305 54.24 28.21 8.73
N ASN F 306 53.17 28.88 9.16
CA ASN F 306 52.59 28.58 10.46
C ASN F 306 52.06 27.15 10.50
N TYR F 307 51.34 26.73 9.46
CA TYR F 307 50.82 25.38 9.41
C TYR F 307 51.93 24.33 9.39
N VAL F 308 52.98 24.58 8.59
CA VAL F 308 54.10 23.64 8.51
C VAL F 308 54.78 23.51 9.85
N ASN F 309 55.04 24.65 10.52
CA ASN F 309 55.67 24.62 11.83
C ASN F 309 54.81 23.87 12.83
N ASP F 310 53.49 24.11 12.80
CA ASP F 310 52.61 23.45 13.76
C ASP F 310 52.60 21.95 13.56
N ILE F 311 52.50 21.49 12.31
CA ILE F 311 52.52 20.05 12.04
C ILE F 311 53.86 19.45 12.46
N ARG F 312 54.95 20.13 12.11
CA ARG F 312 56.28 19.61 12.45
C ARG F 312 56.47 19.47 13.95
N LEU F 313 56.02 20.48 14.71
CA LEU F 313 56.22 20.47 16.15
C LEU F 313 55.17 19.65 16.89
N GLY F 314 54.08 19.27 16.24
CA GLY F 314 53.07 18.53 16.95
C GLY F 314 52.64 17.21 16.36
N TYR F 315 53.39 16.66 15.41
CA TYR F 315 53.04 15.36 14.87
C TYR F 315 54.21 14.42 14.64
N TYR F 316 55.44 14.81 14.97
CA TYR F 316 56.57 13.94 14.67
C TYR F 316 57.75 14.29 15.58
N ASP F 317 58.49 13.26 15.97
CA ASP F 317 59.75 13.40 16.70
C ASP F 317 60.47 12.06 16.67
N GLU F 318 61.77 12.11 16.95
CA GLU F 318 62.62 10.92 16.98
C GLU F 318 62.61 10.20 15.64
N GLN F 319 62.98 8.92 15.65
CA GLN F 319 63.02 8.09 14.45
C GLN F 319 63.95 8.69 13.39
N SER F 320 63.36 9.35 12.39
CA SER F 320 64.13 9.97 11.31
C SER F 320 63.62 11.38 11.10
N PRO F 321 64.46 12.40 11.22
CA PRO F 321 64.01 13.78 11.02
C PRO F 321 63.87 14.10 9.53
N VAL F 322 63.31 15.27 9.26
CA VAL F 322 63.11 15.76 7.90
C VAL F 322 63.90 17.04 7.72
N ILE F 323 64.42 17.22 6.50
CA ILE F 323 65.24 18.38 6.16
C ILE F 323 64.72 18.98 4.86
N GLY F 324 64.52 20.29 4.86
CA GLY F 324 63.95 20.97 3.72
C GLY F 324 64.82 22.11 3.25
N PHE F 325 64.56 22.54 2.01
CA PHE F 325 65.28 23.63 1.36
C PHE F 325 64.28 24.70 0.93
N TRP F 326 64.56 25.94 1.27
CA TRP F 326 63.73 27.08 0.86
C TRP F 326 64.43 27.83 -0.26
N PHE F 327 63.82 27.93 -1.41
CA PHE F 327 64.50 28.56 -2.49
C PHE F 327 63.57 29.64 -2.88
N SER F 328 64.13 30.82 -3.07
CA SER F 328 63.29 31.91 -3.42
C SER F 328 63.88 32.72 -4.56
N PRO F 329 63.01 33.37 -5.33
CA PRO F 329 63.47 34.24 -6.38
C PRO F 329 64.16 35.39 -5.76
N ASN F 330 65.47 35.42 -5.82
CA ASN F 330 66.25 36.47 -5.20
C ASN F 330 65.75 36.61 -3.80
N ASN F 331 65.49 35.48 -3.16
CA ASN F 331 65.05 35.47 -1.78
C ASN F 331 63.96 36.46 -1.59
N ARG F 332 63.03 36.49 -2.52
CA ARG F 332 61.97 37.46 -2.46
C ARG F 332 61.17 37.31 -1.21
N TYR F 333 60.76 36.10 -0.88
CA TYR F 333 60.06 35.95 0.38
C TYR F 333 60.73 35.00 1.36
N PRO F 334 61.15 35.50 2.53
CA PRO F 334 61.82 34.68 3.55
C PRO F 334 60.83 33.88 4.34
N LEU F 335 61.23 32.82 5.01
CA LEU F 335 60.26 31.96 5.70
C LEU F 335 60.78 31.46 7.03
N GLY F 336 59.91 31.44 8.04
CA GLY F 336 60.30 30.99 9.36
C GLY F 336 60.32 32.13 10.36
N TYR F 337 59.34 33.02 10.27
CA TYR F 337 59.25 34.16 11.19
C TYR F 337 60.54 34.94 11.32
N LYS F 338 61.39 34.89 10.29
CA LYS F 338 62.68 35.58 10.30
C LYS F 338 63.59 35.23 11.49
N HIS F 339 63.32 34.12 12.17
CA HIS F 339 64.16 33.69 13.28
C HIS F 339 64.07 32.19 13.52
N SER F 340 62.94 31.59 13.18
CA SER F 340 62.75 30.17 13.40
C SER F 340 63.35 29.34 12.29
N LYS F 341 64.38 28.57 12.62
CA LYS F 341 65.02 27.72 11.62
C LYS F 341 64.13 26.53 11.35
N LEU F 342 64.02 26.15 10.08
CA LEU F 342 63.19 25.01 9.70
C LEU F 342 63.52 24.47 8.31
N ALA F 343 64.47 25.10 7.61
CA ALA F 343 64.93 24.62 6.32
C ALA F 343 66.45 24.52 6.35
N SER F 344 66.99 23.57 5.58
CA SER F 344 68.42 23.31 5.62
C SER F 344 69.24 24.48 5.11
N ARG F 345 68.83 25.07 3.98
CA ARG F 345 69.60 26.16 3.39
C ARG F 345 68.68 26.97 2.48
N ASN F 346 69.18 28.12 2.05
CA ASN F 346 68.46 29.01 1.15
C ASN F 346 69.13 29.01 -0.21
N ILE F 347 68.33 28.90 -1.27
CA ILE F 347 68.81 28.85 -2.64
C ILE F 347 68.20 30.01 -3.40
N GLY F 348 69.05 30.77 -4.10
CA GLY F 348 68.59 31.93 -4.84
C GLY F 348 68.37 31.69 -6.31
N ASN F 349 68.80 30.52 -6.80
CA ASN F 349 68.68 30.19 -8.22
C ASN F 349 67.94 28.87 -8.38
N LEU F 350 67.05 28.81 -9.38
CA LEU F 350 66.32 27.59 -9.67
C LEU F 350 67.27 26.48 -10.13
N ASN F 351 68.26 26.84 -10.96
CA ASN F 351 69.18 25.83 -11.49
C ASN F 351 69.97 25.17 -10.37
N GLU F 352 70.31 25.91 -9.33
CA GLU F 352 71.00 25.32 -8.19
C GLU F 352 70.09 24.44 -7.34
N LEU F 353 68.77 24.60 -7.48
CA LEU F 353 67.85 23.81 -6.66
C LEU F 353 67.85 22.35 -7.08
N VAL F 354 67.94 22.08 -8.39
CA VAL F 354 67.90 20.71 -8.87
C VAL F 354 69.08 19.91 -8.34
N GLY F 355 70.27 20.50 -8.38
CA GLY F 355 71.45 19.77 -7.94
C GLY F 355 71.40 19.37 -6.48
N ALA F 356 70.90 20.26 -5.63
CA ALA F 356 70.82 19.96 -4.21
C ALA F 356 69.85 18.82 -3.94
N VAL F 357 68.71 18.80 -4.64
CA VAL F 357 67.75 17.71 -4.47
C VAL F 357 68.37 16.38 -4.87
N LEU F 358 69.03 16.35 -6.02
CA LEU F 358 69.70 15.13 -6.45
C LEU F 358 70.91 14.83 -5.59
N ASP F 359 71.51 15.85 -4.98
CA ASP F 359 72.68 15.62 -4.13
C ASP F 359 72.32 14.76 -2.93
N TYR F 360 71.16 15.02 -2.32
CA TYR F 360 70.81 14.36 -1.07
C TYR F 360 70.72 12.85 -1.24
N ILE F 361 70.17 12.39 -2.36
CA ILE F 361 70.16 10.97 -2.66
C ILE F 361 71.59 10.45 -2.82
N GLY F 362 72.53 11.29 -3.24
CA GLY F 362 73.91 10.91 -3.38
C GLY F 362 74.49 11.21 -4.74
N GLY F 363 75.53 12.02 -4.78
CA GLY F 363 76.20 12.35 -6.04
C GLY F 363 75.25 13.03 -7.00
N PHE F 364 75.10 12.42 -8.18
CA PHE F 364 74.14 12.85 -9.19
C PHE F 364 74.40 14.29 -9.64
N LYS F 365 75.56 14.49 -10.26
CA LYS F 365 75.83 15.75 -10.92
C LYS F 365 74.85 15.95 -12.08
N TRP F 366 74.36 17.18 -12.22
CA TRP F 366 73.36 17.46 -13.25
C TRP F 366 73.93 17.37 -14.66
N GLU F 367 75.21 17.69 -14.82
CA GLU F 367 75.82 17.68 -16.14
C GLU F 367 76.12 16.27 -16.65
N GLU F 368 76.09 15.26 -15.78
CA GLU F 368 76.37 13.89 -16.20
C GLU F 368 75.12 13.05 -16.38
N VAL F 369 74.04 13.35 -15.68
CA VAL F 369 72.80 12.60 -15.86
C VAL F 369 72.01 13.12 -17.06
N GLN F 370 72.39 14.28 -17.61
CA GLN F 370 71.69 14.80 -18.79
C GLN F 370 72.09 14.07 -20.06
N LYS F 371 73.11 13.21 -20.00
CA LYS F 371 73.54 12.45 -21.16
C LYS F 371 72.67 11.22 -21.37
N MET G 1 -45.07 -8.27 -47.82
CA MET G 1 -43.69 -8.12 -47.37
C MET G 1 -43.54 -8.56 -45.90
N LEU G 2 -42.29 -8.75 -45.48
CA LEU G 2 -41.98 -9.18 -44.12
C LEU G 2 -41.22 -8.07 -43.41
N ILE G 3 -41.65 -7.73 -42.20
CA ILE G 3 -41.01 -6.73 -41.37
C ILE G 3 -40.61 -7.41 -40.07
N GLU G 4 -39.33 -7.77 -39.97
CA GLU G 4 -38.83 -8.52 -38.82
C GLU G 4 -38.27 -7.57 -37.77
N ILE G 5 -38.66 -7.77 -36.51
CA ILE G 5 -38.22 -6.95 -35.38
C ILE G 5 -37.60 -7.88 -34.35
N HIS G 6 -36.41 -7.51 -33.87
CA HIS G 6 -35.65 -8.32 -32.92
C HIS G 6 -35.23 -7.43 -31.75
N MET G 7 -34.95 -8.07 -30.62
CA MET G 7 -34.84 -7.36 -29.35
C MET G 7 -33.98 -8.17 -28.39
N ILE G 8 -33.00 -7.51 -27.76
CA ILE G 8 -32.14 -8.10 -26.74
C ILE G 8 -32.18 -7.22 -25.51
N GLN G 9 -32.36 -7.84 -24.33
CA GLN G 9 -32.59 -7.11 -23.09
C GLN G 9 -31.93 -7.81 -21.92
N ASN G 10 -31.59 -7.03 -20.90
CA ASN G 10 -31.14 -7.56 -19.61
C ASN G 10 -32.10 -7.09 -18.52
N HIS G 11 -32.26 -7.93 -17.49
CA HIS G 11 -33.25 -7.68 -16.45
C HIS G 11 -32.65 -7.86 -15.07
N SER G 12 -33.23 -7.15 -14.10
CA SER G 12 -32.77 -7.15 -12.72
C SER G 12 -33.32 -8.37 -11.97
N PRO G 13 -32.77 -8.68 -10.78
CA PRO G 13 -33.31 -9.78 -9.97
C PRO G 13 -34.81 -9.67 -9.77
N ALA G 14 -35.57 -10.62 -10.32
CA ALA G 14 -37.02 -10.53 -10.28
C ALA G 14 -37.61 -11.91 -10.55
N ASN G 15 -38.93 -11.96 -10.72
CA ASN G 15 -39.63 -13.16 -11.15
C ASN G 15 -40.74 -12.71 -12.10
N LEU G 16 -40.42 -12.59 -13.38
CA LEU G 16 -41.39 -12.07 -14.35
C LEU G 16 -42.44 -13.10 -14.72
N ASN G 17 -42.16 -14.39 -14.52
CA ASN G 17 -43.12 -15.45 -14.84
C ASN G 17 -42.70 -16.69 -14.09
N ARG G 18 -43.61 -17.24 -13.27
CA ARG G 18 -43.35 -18.44 -12.51
C ARG G 18 -44.39 -19.51 -12.86
N ASP G 19 -44.00 -20.76 -12.64
CA ASP G 19 -44.85 -21.90 -12.98
C ASP G 19 -45.84 -22.15 -11.85
N ASP G 20 -46.49 -23.32 -11.90
CA ASP G 20 -47.48 -23.66 -10.88
C ASP G 20 -46.85 -23.90 -9.52
N LEU G 21 -45.58 -24.32 -9.50
CA LEU G 21 -44.89 -24.61 -8.24
C LEU G 21 -44.19 -23.39 -7.65
N GLY G 22 -44.24 -22.24 -8.32
CA GLY G 22 -43.62 -21.04 -7.82
C GLY G 22 -42.23 -20.76 -8.36
N ALA G 23 -41.75 -21.53 -9.37
CA ALA G 23 -40.40 -21.40 -9.90
C ALA G 23 -40.41 -20.64 -11.23
N PRO G 24 -39.36 -19.87 -11.51
CA PRO G 24 -39.25 -19.23 -12.83
C PRO G 24 -39.07 -20.26 -13.94
N LYS G 25 -39.92 -20.17 -14.95
CA LYS G 25 -39.98 -21.19 -15.98
C LYS G 25 -38.68 -21.24 -16.77
N THR G 26 -38.36 -22.43 -17.28
CA THR G 26 -37.08 -22.72 -17.92
C THR G 26 -37.34 -23.29 -19.32
N CYS G 27 -36.25 -23.61 -20.02
CA CYS G 27 -36.29 -24.30 -21.32
C CYS G 27 -34.92 -24.91 -21.57
N TYR G 28 -34.72 -25.40 -22.79
CA TYR G 28 -33.47 -26.05 -23.17
C TYR G 28 -33.10 -25.65 -24.59
N PHE G 29 -31.87 -25.16 -24.76
CA PHE G 29 -31.34 -24.73 -26.04
C PHE G 29 -29.87 -24.39 -25.85
N GLY G 30 -29.11 -24.55 -26.93
CA GLY G 30 -27.69 -24.30 -26.86
C GLY G 30 -26.96 -25.26 -25.93
N GLY G 31 -27.63 -26.34 -25.54
CA GLY G 31 -27.02 -27.34 -24.69
C GLY G 31 -27.01 -27.02 -23.21
N VAL G 32 -27.72 -25.98 -22.78
CA VAL G 32 -27.73 -25.56 -21.37
C VAL G 32 -29.13 -25.08 -21.00
N LEU G 33 -29.30 -24.78 -19.71
CA LEU G 33 -30.58 -24.30 -19.19
C LEU G 33 -30.76 -22.81 -19.49
N ARG G 34 -31.99 -22.41 -19.79
CA ARG G 34 -32.30 -21.03 -20.11
C ARG G 34 -33.58 -20.60 -19.41
N SER G 35 -33.50 -19.47 -18.70
CA SER G 35 -34.71 -18.84 -18.19
C SER G 35 -35.58 -18.37 -19.33
N ARG G 36 -36.90 -18.30 -19.09
CA ARG G 36 -37.83 -18.06 -20.17
C ARG G 36 -38.94 -17.12 -19.76
N ILE G 37 -39.63 -16.61 -20.77
CA ILE G 37 -40.89 -15.91 -20.65
C ILE G 37 -41.80 -16.46 -21.73
N SER G 38 -43.09 -16.58 -21.43
CA SER G 38 -44.04 -17.11 -22.39
C SER G 38 -44.29 -16.10 -23.51
N SER G 39 -44.85 -16.60 -24.62
CA SER G 39 -45.33 -15.72 -25.66
C SER G 39 -46.73 -15.21 -25.38
N GLN G 40 -47.51 -15.97 -24.62
CA GLN G 40 -48.87 -15.56 -24.27
C GLN G 40 -48.89 -14.50 -23.18
N CYS G 41 -47.75 -14.20 -22.57
CA CYS G 41 -47.61 -13.05 -21.68
C CYS G 41 -47.21 -11.81 -22.46
N ILE G 42 -46.19 -11.94 -23.30
CA ILE G 42 -45.70 -10.81 -24.09
C ILE G 42 -46.78 -10.32 -25.03
N LYS G 43 -47.47 -11.23 -25.70
CA LYS G 43 -48.78 -10.91 -26.25
C LYS G 43 -49.76 -10.82 -25.10
N ARG G 44 -50.67 -9.84 -25.17
CA ARG G 44 -51.57 -9.38 -24.13
C ARG G 44 -50.84 -8.55 -23.09
N SER G 45 -49.50 -8.48 -23.11
CA SER G 45 -48.81 -7.33 -22.54
C SER G 45 -48.73 -6.22 -23.56
N ILE G 46 -48.42 -6.55 -24.81
CA ILE G 46 -48.59 -5.60 -25.91
C ILE G 46 -50.06 -5.25 -26.07
N ARG G 47 -50.94 -6.24 -26.00
CA ARG G 47 -52.36 -6.02 -26.16
C ARG G 47 -52.99 -5.56 -24.84
N THR G 48 -54.27 -5.17 -24.95
CA THR G 48 -55.14 -4.73 -23.85
C THR G 48 -54.46 -3.77 -22.88
N SER G 49 -53.49 -3.02 -23.37
CA SER G 49 -52.81 -2.00 -22.57
C SER G 49 -53.34 -0.62 -22.93
N ASN G 50 -53.20 0.30 -21.97
CA ASN G 50 -53.65 1.67 -22.18
C ASN G 50 -52.80 2.42 -23.19
N ASP G 51 -51.65 1.87 -23.59
CA ASP G 51 -50.79 2.50 -24.57
C ASP G 51 -51.10 2.07 -25.99
N PHE G 52 -51.44 0.79 -26.19
CA PHE G 52 -51.72 0.28 -27.52
C PHE G 52 -53.00 0.88 -28.12
N LYS G 53 -53.94 1.32 -27.28
CA LYS G 53 -55.21 1.86 -27.76
C LYS G 53 -54.99 3.27 -28.32
N ALA G 54 -54.55 3.32 -29.57
CA ALA G 54 -54.31 4.59 -30.24
C ALA G 54 -54.73 4.52 -31.71
N LEU G 138 -64.63 -1.56 -40.56
CA LEU G 138 -63.19 -1.61 -40.34
C LEU G 138 -62.86 -1.31 -38.88
N ALA G 139 -62.61 -2.38 -38.11
CA ALA G 139 -62.27 -2.25 -36.70
C ALA G 139 -60.77 -2.21 -36.54
N PRO G 140 -60.20 -1.14 -35.99
CA PRO G 140 -58.74 -1.06 -35.86
C PRO G 140 -58.19 -2.11 -34.90
N ASP G 141 -56.97 -2.57 -35.23
CA ASP G 141 -56.17 -3.47 -34.40
C ASP G 141 -56.73 -4.88 -34.36
N ILE G 142 -57.94 -5.08 -34.89
CA ILE G 142 -58.49 -6.43 -34.96
C ILE G 142 -57.88 -7.17 -36.14
N ALA G 143 -57.56 -6.46 -37.21
CA ALA G 143 -56.80 -7.07 -38.29
C ALA G 143 -55.43 -7.53 -37.81
N LEU G 144 -54.81 -6.75 -36.92
CA LEU G 144 -53.54 -7.15 -36.32
C LEU G 144 -53.72 -8.34 -35.40
N CYS G 145 -54.70 -8.27 -34.49
CA CYS G 145 -54.95 -9.32 -33.52
C CYS G 145 -56.39 -9.82 -33.71
N GLY G 146 -56.53 -10.99 -34.29
CA GLY G 146 -57.85 -11.53 -34.59
C GLY G 146 -58.57 -12.08 -33.37
N ARG G 147 -59.84 -12.43 -33.59
CA ARG G 147 -60.68 -13.00 -32.54
C ARG G 147 -61.62 -14.01 -33.19
N MET G 148 -61.55 -15.26 -32.75
CA MET G 148 -62.36 -16.34 -33.30
C MET G 148 -62.16 -16.49 -34.81
N THR G 166 -61.96 -17.27 -39.05
CA THR G 166 -61.09 -17.10 -40.20
C THR G 166 -60.66 -15.63 -40.34
N VAL G 167 -60.31 -15.02 -39.21
CA VAL G 167 -59.88 -13.62 -39.23
C VAL G 167 -58.54 -13.47 -39.93
N GLU G 168 -57.63 -14.43 -39.75
CA GLU G 168 -56.31 -14.43 -40.36
C GLU G 168 -55.52 -13.18 -39.95
N ALA G 169 -55.20 -13.12 -38.66
CA ALA G 169 -54.45 -11.99 -38.13
C ALA G 169 -53.04 -11.93 -38.73
N ALA G 170 -52.50 -10.72 -38.79
CA ALA G 170 -51.20 -10.47 -39.40
C ALA G 170 -50.11 -10.13 -38.39
N LEU G 171 -50.29 -10.49 -37.13
CA LEU G 171 -49.31 -10.24 -36.07
C LEU G 171 -48.80 -11.57 -35.56
N GLN G 172 -47.51 -11.84 -35.78
CA GLN G 172 -46.86 -13.08 -35.38
C GLN G 172 -45.71 -12.77 -34.43
N VAL G 173 -45.57 -13.57 -33.37
CA VAL G 173 -44.58 -13.34 -32.32
C VAL G 173 -43.83 -14.64 -32.06
N ALA G 174 -42.57 -14.53 -31.65
CA ALA G 174 -41.72 -15.66 -31.33
C ALA G 174 -41.77 -15.96 -29.83
N HIS G 175 -40.84 -16.79 -29.37
CA HIS G 175 -40.73 -17.17 -27.97
C HIS G 175 -39.45 -16.63 -27.33
N ALA G 176 -39.56 -16.25 -26.06
CA ALA G 176 -38.43 -15.74 -25.30
C ALA G 176 -37.51 -16.88 -24.84
N ILE G 177 -36.25 -16.53 -24.59
CA ILE G 177 -35.21 -17.49 -24.25
C ILE G 177 -34.12 -16.73 -23.48
N SER G 178 -33.13 -17.47 -22.95
CA SER G 178 -31.99 -16.83 -22.33
C SER G 178 -30.78 -16.80 -23.27
N THR G 179 -29.86 -15.87 -22.99
CA THR G 179 -28.61 -15.75 -23.73
C THR G 179 -27.39 -16.19 -22.93
N HIS G 180 -27.61 -16.92 -21.83
CA HIS G 180 -26.52 -17.42 -20.99
C HIS G 180 -27.10 -18.46 -20.05
N ILE G 181 -26.30 -18.88 -19.07
CA ILE G 181 -26.75 -19.89 -18.11
C ILE G 181 -27.69 -19.27 -17.09
N ALA G 182 -28.66 -20.05 -16.62
CA ALA G 182 -29.62 -19.59 -15.64
C ALA G 182 -29.11 -19.85 -14.23
N ARG G 183 -29.50 -18.96 -13.31
CA ARG G 183 -29.08 -19.05 -11.91
C ARG G 183 -30.26 -18.76 -10.99
N PRO G 184 -30.83 -19.77 -10.33
CA PRO G 184 -31.95 -19.55 -9.42
C PRO G 184 -31.50 -19.27 -8.00
N GLU G 185 -32.32 -18.51 -7.29
CA GLU G 185 -32.07 -18.12 -5.91
C GLU G 185 -33.37 -18.17 -5.13
N ILE G 186 -33.25 -18.23 -3.80
CA ILE G 186 -34.39 -18.39 -2.91
C ILE G 186 -34.32 -17.31 -1.84
N ASP G 187 -35.45 -16.64 -1.61
CA ASP G 187 -35.54 -15.56 -0.64
C ASP G 187 -36.32 -16.01 0.58
N TYR G 188 -35.80 -15.69 1.77
CA TYR G 188 -36.39 -16.10 3.03
C TYR G 188 -36.96 -14.90 3.77
N PHE G 189 -38.25 -14.96 4.09
CA PHE G 189 -38.99 -13.82 4.61
C PHE G 189 -39.78 -14.23 5.85
N VAL G 190 -40.04 -13.25 6.71
CA VAL G 190 -40.88 -13.42 7.89
C VAL G 190 -41.87 -12.26 7.94
N ALA G 191 -42.96 -12.48 8.67
CA ALA G 191 -44.03 -11.51 8.80
C ALA G 191 -44.08 -10.99 10.23
N ALA G 192 -44.13 -9.67 10.38
CA ALA G 192 -44.18 -9.05 11.69
C ALA G 192 -45.62 -9.02 12.21
N ASP G 193 -45.80 -8.43 13.39
CA ASP G 193 -47.10 -8.34 14.01
C ASP G 193 -47.50 -6.94 14.45
N ASP G 194 -46.54 -6.03 14.65
CA ASP G 194 -46.76 -4.66 15.10
C ASP G 194 -47.81 -4.55 16.20
N VAL G 195 -47.78 -5.45 17.17
CA VAL G 195 -48.72 -5.45 18.28
C VAL G 195 -48.01 -5.64 19.61
N HIS G 204 -42.19 -18.58 11.65
CA HIS G 204 -42.43 -19.22 10.36
C HIS G 204 -41.69 -18.49 9.24
N ILE G 205 -41.02 -19.26 8.39
CA ILE G 205 -40.25 -18.73 7.27
C ILE G 205 -40.76 -19.36 5.99
N GLY G 206 -41.07 -18.53 5.00
CA GLY G 206 -41.43 -18.98 3.68
C GLY G 206 -40.25 -18.94 2.73
N GLU G 207 -40.53 -19.16 1.46
CA GLU G 207 -39.50 -19.08 0.44
C GLU G 207 -40.09 -18.51 -0.85
N SER G 208 -39.38 -17.53 -1.41
CA SER G 208 -39.72 -16.97 -2.70
C SER G 208 -38.47 -16.98 -3.56
N MET G 209 -38.64 -17.28 -4.85
CA MET G 209 -37.54 -17.54 -5.75
C MET G 209 -37.47 -16.50 -6.85
N PHE G 210 -36.25 -16.16 -7.27
CA PHE G 210 -36.03 -15.13 -8.26
C PHE G 210 -34.79 -15.47 -9.09
N ALA G 211 -34.69 -14.83 -10.25
CA ALA G 211 -33.54 -15.02 -11.12
C ALA G 211 -33.35 -13.78 -11.99
N SER G 212 -32.13 -13.61 -12.50
CA SER G 212 -31.78 -12.53 -13.41
C SER G 212 -31.19 -13.13 -14.68
N ALA G 213 -31.68 -12.70 -15.84
CA ALA G 213 -31.28 -13.29 -17.10
C ALA G 213 -31.52 -12.29 -18.22
N CYS G 214 -31.02 -12.63 -19.41
CA CYS G 214 -31.20 -11.84 -20.61
C CYS G 214 -32.17 -12.53 -21.56
N PHE G 215 -33.10 -11.77 -22.12
CA PHE G 215 -34.19 -12.32 -22.90
C PHE G 215 -34.32 -11.62 -24.26
N TYR G 216 -35.23 -12.15 -25.08
CA TYR G 216 -35.37 -11.75 -26.47
C TYR G 216 -36.84 -11.53 -26.81
N LYS G 217 -37.09 -10.63 -27.75
CA LYS G 217 -38.44 -10.37 -28.26
C LYS G 217 -38.41 -10.26 -29.78
N TYR G 218 -39.50 -10.69 -30.42
CA TYR G 218 -39.59 -10.71 -31.87
C TYR G 218 -40.99 -10.31 -32.30
N PHE G 219 -41.08 -9.50 -33.36
CA PHE G 219 -42.34 -9.11 -33.97
C PHE G 219 -42.19 -9.16 -35.49
N SER G 220 -43.28 -9.52 -36.17
CA SER G 220 -43.32 -9.50 -37.62
C SER G 220 -44.75 -9.28 -38.08
N ILE G 221 -44.96 -8.31 -38.96
CA ILE G 221 -46.28 -7.96 -39.47
C ILE G 221 -46.28 -8.08 -40.98
N ASP G 222 -47.29 -8.75 -41.52
CA ASP G 222 -47.46 -8.88 -42.97
C ASP G 222 -48.25 -7.67 -43.46
N TRP G 223 -47.56 -6.79 -44.21
CA TRP G 223 -48.18 -5.54 -44.64
C TRP G 223 -49.34 -5.79 -45.60
N GLU G 224 -49.17 -6.70 -46.56
CA GLU G 224 -50.25 -7.00 -47.49
C GLU G 224 -51.45 -7.57 -46.77
N GLN G 225 -51.21 -8.46 -45.79
CA GLN G 225 -52.31 -8.99 -45.00
C GLN G 225 -53.03 -7.87 -44.24
N LEU G 226 -52.27 -6.94 -43.67
CA LEU G 226 -52.88 -5.85 -42.91
C LEU G 226 -53.74 -4.97 -43.81
N VAL G 227 -53.24 -4.65 -45.01
CA VAL G 227 -53.99 -3.78 -45.92
C VAL G 227 -55.24 -4.49 -46.42
N LYS G 228 -55.11 -5.76 -46.82
CA LYS G 228 -56.26 -6.51 -47.31
C LYS G 228 -57.32 -6.66 -46.23
N ASN G 229 -56.88 -6.90 -44.98
CA ASN G 229 -57.82 -7.03 -43.87
C ASN G 229 -58.54 -5.72 -43.57
N LEU G 230 -58.06 -4.60 -44.11
CA LEU G 230 -58.68 -3.30 -43.93
C LEU G 230 -59.57 -2.90 -45.09
N LYS G 231 -59.94 -3.85 -45.95
CA LYS G 231 -60.78 -3.60 -47.12
C LYS G 231 -60.13 -2.56 -48.05
N GLY G 232 -58.84 -2.73 -48.30
CA GLY G 232 -58.10 -1.87 -49.20
C GLY G 232 -57.49 -0.64 -48.56
N ASP G 233 -57.76 -0.40 -47.28
CA ASP G 233 -57.21 0.78 -46.60
C ASP G 233 -55.74 0.55 -46.29
N THR G 234 -54.91 1.53 -46.62
CA THR G 234 -53.47 1.45 -46.36
C THR G 234 -52.98 2.51 -45.38
N ASN G 235 -53.57 3.70 -45.37
CA ASN G 235 -53.17 4.71 -44.39
C ASN G 235 -53.52 4.27 -42.97
N LEU G 236 -54.69 3.65 -42.80
CA LEU G 236 -55.05 3.10 -41.49
C LEU G 236 -54.09 1.99 -41.10
N ALA G 237 -53.68 1.16 -42.05
CA ALA G 237 -52.71 0.11 -41.76
C ALA G 237 -51.37 0.71 -41.33
N ALA G 238 -50.93 1.78 -41.99
CA ALA G 238 -49.68 2.43 -41.61
C ALA G 238 -49.77 3.03 -40.21
N HIS G 239 -50.91 3.66 -39.91
CA HIS G 239 -51.12 4.19 -38.56
C HIS G 239 -51.10 3.08 -37.52
N THR G 240 -51.69 1.93 -37.86
CA THR G 240 -51.64 0.78 -36.96
C THR G 240 -50.22 0.27 -36.79
N VAL G 241 -49.42 0.30 -37.86
CA VAL G 241 -48.02 -0.11 -37.78
C VAL G 241 -47.28 0.78 -36.78
N GLY G 242 -47.44 2.09 -36.92
CA GLY G 242 -46.81 3.02 -35.99
C GLY G 242 -47.28 2.83 -34.56
N ALA G 243 -48.58 2.62 -34.38
CA ALA G 243 -49.12 2.42 -33.03
C ALA G 243 -48.57 1.15 -32.39
N PHE G 244 -48.50 0.06 -33.15
CA PHE G 244 -47.94 -1.17 -32.61
C PHE G 244 -46.47 -0.99 -32.25
N LEU G 245 -45.70 -0.33 -33.11
CA LEU G 245 -44.29 -0.11 -32.79
C LEU G 245 -44.14 0.66 -31.48
N LEU G 246 -44.88 1.77 -31.35
CA LEU G 246 -44.79 2.58 -30.13
C LEU G 246 -45.22 1.79 -28.91
N ALA G 247 -46.33 1.07 -29.00
CA ALA G 247 -46.86 0.35 -27.85
C ALA G 247 -45.93 -0.77 -27.42
N ALA G 248 -45.43 -1.56 -28.38
CA ALA G 248 -44.51 -2.64 -28.03
C ALA G 248 -43.23 -2.11 -27.43
N ALA G 249 -42.69 -1.01 -27.98
CA ALA G 249 -41.48 -0.43 -27.43
C ALA G 249 -41.72 0.13 -26.03
N LYS G 250 -42.91 0.63 -25.75
CA LYS G 250 -43.22 1.31 -24.50
C LYS G 250 -44.15 0.49 -23.60
N THR G 251 -43.92 -0.82 -23.53
CA THR G 251 -44.67 -1.69 -22.63
C THR G 251 -43.78 -2.82 -22.15
N ASN G 252 -44.11 -3.36 -20.99
CA ASN G 252 -43.38 -4.46 -20.38
C ASN G 252 -44.37 -5.45 -19.79
N PRO G 253 -43.96 -6.71 -19.64
CA PRO G 253 -44.85 -7.70 -19.01
C PRO G 253 -45.22 -7.30 -17.58
N SER G 254 -46.46 -7.60 -17.20
CA SER G 254 -46.98 -7.23 -15.88
C SER G 254 -46.73 -8.37 -14.89
N GLY G 255 -45.49 -8.44 -14.43
CA GLY G 255 -45.10 -9.45 -13.46
C GLY G 255 -45.20 -8.95 -12.04
N LYS G 256 -44.35 -9.47 -11.15
CA LYS G 256 -44.34 -9.03 -9.75
C LYS G 256 -43.69 -7.65 -9.65
N GLN G 257 -44.45 -6.65 -10.07
CA GLN G 257 -43.93 -5.29 -10.14
C GLN G 257 -43.79 -4.64 -8.77
N ASN G 258 -44.78 -4.82 -7.90
CA ASN G 258 -44.82 -4.13 -6.61
C ASN G 258 -43.73 -4.59 -5.66
N SER G 259 -43.10 -5.71 -5.93
CA SER G 259 -41.98 -6.20 -5.12
C SER G 259 -40.67 -6.21 -5.87
N PHE G 260 -40.68 -6.62 -7.13
CA PHE G 260 -39.50 -6.61 -7.99
C PHE G 260 -39.79 -5.63 -9.13
N ALA G 261 -39.44 -4.37 -8.93
CA ALA G 261 -39.68 -3.32 -9.92
C ALA G 261 -38.66 -3.43 -11.05
N ALA G 262 -38.79 -4.52 -11.81
CA ALA G 262 -37.92 -4.77 -12.96
C ALA G 262 -38.55 -4.09 -14.16
N HIS G 263 -37.99 -2.94 -14.55
CA HIS G 263 -38.55 -2.12 -15.62
C HIS G 263 -37.45 -1.64 -16.55
N ASN G 264 -36.47 -2.50 -16.83
CA ASN G 264 -35.40 -2.14 -17.74
C ASN G 264 -35.95 -1.96 -19.16
N TYR G 265 -35.47 -0.94 -19.83
CA TYR G 265 -35.89 -0.75 -21.20
C TYR G 265 -35.08 -1.62 -22.14
N PRO G 266 -35.65 -1.98 -23.29
CA PRO G 266 -34.91 -2.82 -24.25
C PRO G 266 -33.61 -2.14 -24.68
N ASP G 267 -32.56 -2.95 -24.83
CA ASP G 267 -31.25 -2.44 -25.23
C ASP G 267 -30.96 -2.64 -26.71
N GLY G 268 -31.95 -3.03 -27.51
CA GLY G 268 -31.74 -3.18 -28.94
C GLY G 268 -33.01 -3.51 -29.69
N ILE G 269 -33.26 -2.80 -30.80
CA ILE G 269 -34.39 -3.08 -31.67
C ILE G 269 -33.87 -3.06 -33.10
N LEU G 270 -33.96 -4.21 -33.78
CA LEU G 270 -33.43 -4.38 -35.13
C LEU G 270 -34.56 -4.69 -36.08
N VAL G 271 -34.61 -3.95 -37.20
CA VAL G 271 -35.69 -4.05 -38.18
C VAL G 271 -35.09 -4.54 -39.49
N GLU G 272 -35.71 -5.56 -40.08
CA GLU G 272 -35.27 -6.14 -41.34
C GLU G 272 -36.46 -6.27 -42.28
N PHE G 273 -36.17 -6.60 -43.53
CA PHE G 273 -37.19 -6.81 -44.55
C PHE G 273 -36.82 -8.03 -45.41
N LYS G 274 -36.44 -9.12 -44.75
CA LYS G 274 -36.13 -10.36 -45.45
C LYS G 274 -37.35 -10.87 -46.21
N ASN G 275 -37.07 -11.64 -47.26
CA ASN G 275 -38.14 -12.28 -48.03
C ASN G 275 -38.74 -13.47 -47.30
N SER G 276 -38.00 -14.10 -46.38
CA SER G 276 -38.44 -15.26 -45.65
C SER G 276 -38.39 -14.99 -44.14
N PRO G 277 -39.38 -15.48 -43.38
CA PRO G 277 -39.37 -15.27 -41.93
C PRO G 277 -38.35 -16.19 -41.26
N ILE G 278 -37.33 -15.59 -40.67
CA ILE G 278 -36.28 -16.33 -39.98
C ILE G 278 -35.91 -15.58 -38.71
N SER G 279 -35.80 -16.31 -37.59
CA SER G 279 -35.34 -15.75 -36.34
C SER G 279 -33.87 -16.10 -36.12
N TYR G 280 -33.22 -15.29 -35.28
CA TYR G 280 -31.77 -15.34 -35.07
C TYR G 280 -31.42 -16.08 -33.78
N ALA G 281 -32.15 -17.15 -33.45
CA ALA G 281 -31.87 -17.89 -32.23
C ALA G 281 -30.52 -18.59 -32.26
N ASN G 282 -29.94 -18.76 -33.44
CA ASN G 282 -28.68 -19.49 -33.56
C ASN G 282 -27.47 -18.62 -33.30
N ALA G 283 -27.63 -17.48 -32.63
CA ALA G 283 -26.48 -16.67 -32.27
C ALA G 283 -25.89 -17.11 -30.94
N PHE G 284 -26.74 -17.40 -29.96
CA PHE G 284 -26.32 -17.75 -28.60
C PHE G 284 -26.29 -19.26 -28.42
N VAL G 285 -25.88 -19.99 -29.46
CA VAL G 285 -25.72 -21.43 -29.36
C VAL G 285 -24.71 -21.81 -28.27
N ARG G 286 -23.82 -20.89 -27.91
CA ARG G 286 -22.88 -21.02 -26.81
C ARG G 286 -23.25 -20.04 -25.69
N PRO G 287 -23.01 -20.41 -24.43
CA PRO G 287 -23.29 -19.47 -23.33
C PRO G 287 -22.39 -18.25 -23.42
N VAL G 288 -22.97 -17.10 -23.06
CA VAL G 288 -22.26 -15.82 -23.12
C VAL G 288 -21.85 -15.46 -21.70
N SER G 289 -20.56 -15.58 -21.40
CA SER G 289 -20.03 -15.30 -20.08
C SER G 289 -19.55 -13.86 -19.98
N VAL G 290 -18.88 -13.55 -18.88
CA VAL G 290 -18.41 -12.19 -18.60
C VAL G 290 -16.88 -12.23 -18.49
N VAL G 291 -16.25 -11.17 -18.99
CA VAL G 291 -14.82 -10.98 -18.80
C VAL G 291 -14.61 -9.60 -18.19
N LYS G 292 -13.36 -9.28 -17.82
CA LYS G 292 -13.08 -7.99 -17.20
C LYS G 292 -13.29 -6.82 -18.16
N GLU G 293 -13.25 -7.06 -19.46
CA GLU G 293 -13.38 -5.99 -20.45
C GLU G 293 -14.77 -5.83 -21.01
N SER G 294 -15.77 -6.58 -20.51
CA SER G 294 -17.09 -6.50 -21.09
C SER G 294 -18.15 -6.87 -20.06
N ASP G 295 -19.40 -6.61 -20.44
CA ASP G 295 -20.58 -6.97 -19.66
C ASP G 295 -21.50 -7.84 -20.52
N LEU G 296 -22.69 -8.13 -20.00
CA LEU G 296 -23.66 -8.93 -20.74
C LEU G 296 -24.13 -8.23 -22.00
N VAL G 297 -24.58 -6.98 -21.87
CA VAL G 297 -25.25 -6.30 -22.97
C VAL G 297 -24.29 -6.08 -24.14
N GLU G 298 -23.06 -5.64 -23.85
CA GLU G 298 -22.10 -5.39 -24.91
C GLU G 298 -21.71 -6.67 -25.63
N GLN G 299 -21.64 -7.79 -24.91
CA GLN G 299 -21.39 -9.07 -25.56
C GLN G 299 -22.64 -9.56 -26.31
N SER G 300 -23.83 -9.23 -25.82
CA SER G 300 -25.06 -9.70 -26.45
C SER G 300 -25.23 -9.12 -27.85
N ILE G 301 -25.02 -7.82 -28.00
CA ILE G 301 -25.20 -7.20 -29.32
C ILE G 301 -24.13 -7.67 -30.29
N GLY G 302 -22.91 -7.89 -29.81
CA GLY G 302 -21.82 -8.25 -30.71
C GLY G 302 -22.03 -9.60 -31.38
N GLN G 303 -22.41 -10.62 -30.60
CA GLN G 303 -22.59 -11.95 -31.18
C GLN G 303 -23.83 -12.02 -32.06
N LEU G 304 -24.90 -11.31 -31.70
CA LEU G 304 -26.01 -11.14 -32.63
C LEU G 304 -25.56 -10.41 -33.89
N SER G 305 -24.69 -9.40 -33.73
CA SER G 305 -24.12 -8.74 -34.90
C SER G 305 -23.17 -9.65 -35.66
N ASN G 306 -22.54 -10.62 -34.97
CA ASN G 306 -21.71 -11.59 -35.66
C ASN G 306 -22.54 -12.43 -36.62
N TYR G 307 -23.79 -12.72 -36.25
CA TYR G 307 -24.67 -13.48 -37.13
C TYR G 307 -24.93 -12.73 -38.42
N VAL G 308 -25.19 -11.43 -38.34
CA VAL G 308 -25.36 -10.63 -39.53
C VAL G 308 -24.04 -10.49 -40.29
N ASN G 309 -22.91 -10.47 -39.57
CA ASN G 309 -21.61 -10.41 -40.23
C ASN G 309 -21.36 -11.65 -41.08
N ASP G 310 -21.73 -12.82 -40.58
CA ASP G 310 -21.68 -14.05 -41.37
C ASP G 310 -22.91 -14.09 -42.28
N ILE G 311 -23.16 -15.26 -42.86
CA ILE G 311 -24.34 -15.52 -43.69
C ILE G 311 -24.32 -14.67 -44.94
N ARG G 312 -24.39 -13.35 -44.78
CA ARG G 312 -24.52 -12.46 -45.93
C ARG G 312 -23.39 -12.64 -46.93
N LEU G 313 -22.22 -13.10 -46.47
CA LEU G 313 -21.13 -13.39 -47.39
C LEU G 313 -21.33 -14.71 -48.12
N GLY G 314 -22.01 -15.68 -47.50
CA GLY G 314 -22.19 -16.98 -48.10
C GLY G 314 -23.64 -17.43 -48.23
N TYR G 315 -24.52 -16.50 -48.59
CA TYR G 315 -25.95 -16.78 -48.68
C TYR G 315 -26.55 -15.76 -49.64
N TYR G 316 -27.88 -15.56 -49.55
CA TYR G 316 -28.70 -14.90 -50.56
C TYR G 316 -27.99 -13.78 -51.32
N ASP G 317 -28.07 -13.84 -52.64
CA ASP G 317 -27.26 -12.98 -53.50
C ASP G 317 -27.62 -11.52 -53.33
N GLU G 318 -26.66 -10.64 -53.64
CA GLU G 318 -26.84 -9.21 -53.52
C GLU G 318 -27.77 -8.63 -54.57
N GLN G 319 -28.18 -9.42 -55.57
CA GLN G 319 -29.13 -8.93 -56.56
C GLN G 319 -30.46 -8.53 -55.93
N SER G 320 -30.84 -9.20 -54.83
CA SER G 320 -32.04 -8.86 -54.07
C SER G 320 -31.63 -8.73 -52.61
N PRO G 321 -30.99 -7.62 -52.25
CA PRO G 321 -30.47 -7.47 -50.88
C PRO G 321 -31.58 -7.10 -49.90
N VAL G 322 -31.22 -7.12 -48.62
CA VAL G 322 -32.14 -6.81 -47.53
C VAL G 322 -31.65 -5.56 -46.82
N ILE G 323 -32.56 -4.61 -46.62
CA ILE G 323 -32.24 -3.35 -45.96
C ILE G 323 -32.81 -3.41 -44.53
N GLY G 324 -32.47 -2.39 -43.75
CA GLY G 324 -33.00 -2.29 -42.40
C GLY G 324 -32.75 -0.95 -41.79
N PHE G 325 -33.51 -0.67 -40.73
CA PHE G 325 -33.32 0.52 -39.90
C PHE G 325 -33.01 0.05 -38.49
N TRP G 326 -31.89 0.53 -37.94
CA TRP G 326 -31.43 0.09 -36.63
C TRP G 326 -31.76 1.13 -35.58
N PHE G 327 -32.19 0.67 -34.41
CA PHE G 327 -32.49 1.53 -33.28
C PHE G 327 -31.68 1.09 -32.06
N SER G 328 -31.02 2.05 -31.44
CA SER G 328 -30.23 1.82 -30.23
C SER G 328 -30.35 3.06 -29.36
N PRO G 329 -30.24 2.92 -28.04
CA PRO G 329 -30.35 4.10 -27.17
C PRO G 329 -29.13 4.99 -27.24
N ASN G 330 -29.25 6.13 -27.91
CA ASN G 330 -28.17 7.10 -28.05
C ASN G 330 -26.90 6.46 -28.58
N ASN G 331 -27.04 5.59 -29.56
CA ASN G 331 -25.92 4.95 -30.27
C ASN G 331 -25.00 4.21 -29.28
N ARG G 332 -25.51 3.73 -28.16
CA ARG G 332 -24.68 2.89 -27.32
C ARG G 332 -24.90 1.42 -27.67
N TYR G 333 -23.92 0.60 -27.35
CA TYR G 333 -23.90 -0.81 -27.74
C TYR G 333 -24.19 -0.91 -29.24
N PRO G 334 -23.35 -0.30 -30.08
CA PRO G 334 -23.75 -0.05 -31.47
C PRO G 334 -23.83 -1.34 -32.26
N LEU G 335 -24.94 -1.50 -32.99
CA LEU G 335 -25.05 -2.55 -33.99
C LEU G 335 -23.90 -2.43 -34.97
N GLY G 336 -23.06 -3.47 -35.06
CA GLY G 336 -21.86 -3.36 -35.88
C GLY G 336 -20.81 -2.47 -35.26
N TYR G 337 -20.16 -2.95 -34.18
CA TYR G 337 -19.20 -2.15 -33.42
C TYR G 337 -17.90 -2.03 -34.21
N LYS G 338 -18.01 -1.45 -35.40
CA LYS G 338 -16.88 -1.19 -36.29
C LYS G 338 -17.31 -0.21 -37.37
N HIS G 339 -16.52 -0.10 -38.44
CA HIS G 339 -16.90 0.75 -39.57
C HIS G 339 -17.71 0.00 -40.62
N SER G 340 -18.11 -1.25 -40.37
CA SER G 340 -18.88 -2.01 -41.34
C SER G 340 -20.24 -1.37 -41.59
N LYS G 341 -20.73 -1.51 -42.81
CA LYS G 341 -21.99 -0.94 -43.25
C LYS G 341 -23.10 -1.98 -43.29
N LEU G 342 -23.12 -2.90 -42.34
CA LEU G 342 -24.16 -3.94 -42.29
C LEU G 342 -25.55 -3.35 -42.12
N ALA G 343 -25.66 -2.15 -41.58
CA ALA G 343 -26.94 -1.48 -41.38
C ALA G 343 -26.98 -0.22 -42.23
N SER G 344 -28.07 -0.05 -42.98
CA SER G 344 -28.19 1.12 -43.84
C SER G 344 -28.23 2.41 -43.01
N ARG G 345 -28.97 2.40 -41.90
CA ARG G 345 -29.11 3.57 -41.07
C ARG G 345 -29.25 3.14 -39.61
N ASN G 346 -28.54 3.81 -38.72
CA ASN G 346 -28.65 3.63 -37.28
C ASN G 346 -29.42 4.82 -36.72
N ILE G 347 -30.47 4.54 -35.95
CA ILE G 347 -31.36 5.59 -35.47
C ILE G 347 -31.40 5.55 -33.94
N GLY G 348 -31.30 6.72 -33.32
CA GLY G 348 -31.40 6.84 -31.88
C GLY G 348 -32.68 7.46 -31.37
N ASN G 349 -33.77 7.40 -32.12
CA ASN G 349 -35.05 7.94 -31.68
C ASN G 349 -36.16 7.03 -32.18
N LEU G 350 -37.17 6.82 -31.32
CA LEU G 350 -38.26 5.92 -31.70
C LEU G 350 -39.14 6.54 -32.79
N ASN G 351 -39.48 7.82 -32.64
CA ASN G 351 -40.29 8.49 -33.65
C ASN G 351 -39.56 8.55 -34.98
N GLU G 352 -38.25 8.82 -34.95
CA GLU G 352 -37.47 8.86 -36.18
C GLU G 352 -37.43 7.48 -36.83
N LEU G 353 -37.33 6.42 -36.03
CA LEU G 353 -37.35 5.07 -36.57
C LEU G 353 -38.69 4.77 -37.24
N VAL G 354 -39.79 5.15 -36.59
CA VAL G 354 -41.12 4.94 -37.18
C VAL G 354 -41.24 5.72 -38.48
N GLY G 355 -40.76 6.97 -38.51
CA GLY G 355 -40.80 7.75 -39.73
C GLY G 355 -39.98 7.14 -40.85
N ALA G 356 -38.80 6.60 -40.50
CA ALA G 356 -37.97 5.95 -41.50
C ALA G 356 -38.66 4.73 -42.09
N VAL G 357 -39.25 3.90 -41.23
CA VAL G 357 -39.96 2.71 -41.72
C VAL G 357 -41.13 3.13 -42.61
N LEU G 358 -41.87 4.15 -42.19
CA LEU G 358 -43.02 4.63 -42.97
C LEU G 358 -42.56 5.15 -44.33
N ASP G 359 -41.44 5.87 -44.36
CA ASP G 359 -40.91 6.37 -45.64
C ASP G 359 -40.49 5.22 -46.54
N TYR G 360 -39.82 4.19 -46.01
CA TYR G 360 -39.35 3.16 -46.93
C TYR G 360 -40.49 2.38 -47.56
N ILE G 361 -41.35 1.77 -46.75
CA ILE G 361 -42.40 0.94 -47.27
C ILE G 361 -43.55 1.66 -47.99
N GLY G 362 -44.53 2.19 -47.25
CA GLY G 362 -45.69 2.78 -47.87
C GLY G 362 -45.33 4.12 -48.44
N GLY G 363 -44.54 4.88 -47.70
CA GLY G 363 -44.12 6.18 -48.16
C GLY G 363 -44.49 7.28 -47.18
N PHE G 364 -45.04 6.89 -46.04
CA PHE G 364 -45.84 7.83 -45.28
C PHE G 364 -45.11 8.44 -44.10
N LYS G 365 -45.86 9.03 -43.18
CA LYS G 365 -45.26 9.68 -42.02
C LYS G 365 -46.05 9.33 -40.77
N TRP G 366 -46.10 10.23 -39.81
CA TRP G 366 -46.76 9.91 -38.57
C TRP G 366 -47.81 10.91 -38.16
N PRO H 5 -34.73 -32.86 -61.34
CA PRO H 5 -34.93 -32.85 -59.89
C PRO H 5 -36.19 -33.59 -59.47
N ASN H 6 -36.03 -34.60 -58.61
CA ASN H 6 -37.15 -35.40 -58.15
C ASN H 6 -37.64 -35.04 -56.76
N THR H 7 -36.79 -34.49 -55.90
CA THR H 7 -37.17 -34.12 -54.55
C THR H 7 -36.62 -32.74 -54.23
N LEU H 8 -37.32 -32.02 -53.36
CA LEU H 8 -36.88 -30.75 -52.83
C LEU H 8 -36.60 -30.88 -51.34
N PHE H 9 -35.54 -30.22 -50.88
CA PHE H 9 -35.07 -30.36 -49.51
C PHE H 9 -35.50 -29.13 -48.71
N LEU H 10 -36.13 -29.39 -47.55
CA LEU H 10 -36.62 -28.33 -46.67
C LEU H 10 -36.11 -28.59 -45.26
N ARG H 11 -35.90 -27.50 -44.53
CA ARG H 11 -35.35 -27.57 -43.17
C ARG H 11 -36.35 -26.98 -42.18
N LEU H 12 -36.60 -27.71 -41.10
CA LEU H 12 -37.45 -27.27 -39.99
C LEU H 12 -36.55 -27.12 -38.77
N GLU H 13 -36.06 -25.91 -38.52
CA GLU H 13 -35.13 -25.67 -37.44
C GLU H 13 -35.54 -24.41 -36.67
N GLY H 14 -35.43 -24.49 -35.35
CA GLY H 14 -35.76 -23.36 -34.50
C GLY H 14 -35.53 -23.72 -33.05
N ALA H 15 -35.78 -22.74 -32.18
CA ALA H 15 -35.68 -22.98 -30.75
C ALA H 15 -36.70 -24.01 -30.29
N LEU H 16 -37.91 -23.96 -30.85
CA LEU H 16 -38.98 -24.88 -30.51
C LEU H 16 -39.75 -25.25 -31.76
N GLN H 17 -40.43 -26.39 -31.69
CA GLN H 17 -41.33 -26.84 -32.76
C GLN H 17 -42.37 -27.75 -32.15
N SER H 18 -43.37 -28.11 -32.96
CA SER H 18 -44.44 -28.96 -32.48
C SER H 18 -45.02 -29.76 -33.64
N TRP H 19 -45.23 -31.06 -33.39
CA TRP H 19 -45.86 -31.98 -34.33
C TRP H 19 -46.87 -32.80 -33.52
N GLY H 20 -48.10 -32.30 -33.43
CA GLY H 20 -49.07 -32.91 -32.55
C GLY H 20 -49.44 -34.31 -32.98
N SER H 21 -49.76 -35.14 -31.99
CA SER H 21 -50.17 -36.52 -32.21
C SER H 21 -51.69 -36.63 -32.09
N ASN H 22 -52.20 -37.85 -32.25
CA ASN H 22 -53.63 -38.10 -32.12
C ASN H 22 -54.12 -38.00 -30.70
N GLU H 23 -53.22 -37.90 -29.72
CA GLU H 23 -53.60 -37.83 -28.31
C GLU H 23 -53.84 -36.39 -27.87
N ALA H 24 -54.68 -35.67 -28.60
CA ALA H 24 -55.02 -34.28 -28.27
C ALA H 24 -56.54 -34.13 -28.41
N LYS H 25 -57.25 -34.43 -27.32
CA LYS H 25 -58.69 -34.27 -27.27
C LYS H 25 -59.15 -33.48 -26.06
N PHE H 26 -58.22 -33.02 -25.21
CA PHE H 26 -58.56 -32.29 -23.99
C PHE H 26 -57.54 -31.17 -23.81
N ALA H 27 -57.48 -30.62 -22.60
CA ALA H 27 -56.56 -29.53 -22.32
C ALA H 27 -55.10 -29.94 -22.42
N LEU H 28 -54.80 -31.24 -22.33
CA LEU H 28 -53.43 -31.73 -22.41
C LEU H 28 -53.11 -32.05 -23.86
N ARG H 29 -52.25 -31.24 -24.48
CA ARG H 29 -51.85 -31.42 -25.87
C ARG H 29 -50.46 -32.03 -25.93
N ARG H 30 -50.30 -33.02 -26.81
CA ARG H 30 -49.06 -33.78 -26.92
C ARG H 30 -48.56 -33.77 -28.35
N THR H 31 -47.34 -34.30 -28.52
CA THR H 31 -46.65 -34.30 -29.80
C THR H 31 -46.05 -35.67 -30.09
N ALA H 32 -45.35 -35.76 -31.21
CA ALA H 32 -44.67 -36.97 -31.64
C ALA H 32 -43.15 -36.74 -31.69
N ASP H 33 -42.42 -37.81 -31.97
CA ASP H 33 -40.97 -37.77 -32.04
C ASP H 33 -40.47 -37.43 -33.45
N ALA H 34 -41.36 -37.20 -34.40
CA ALA H 34 -40.98 -36.88 -35.76
C ALA H 34 -42.09 -36.08 -36.39
N PRO H 35 -41.79 -35.24 -37.39
CA PRO H 35 -42.86 -34.52 -38.09
C PRO H 35 -43.76 -35.49 -38.84
N THR H 36 -45.02 -35.08 -38.99
CA THR H 36 -46.01 -35.86 -39.71
C THR H 36 -46.27 -35.26 -41.08
N LYS H 37 -46.78 -36.08 -42.00
CA LYS H 37 -47.06 -35.62 -43.34
C LYS H 37 -48.17 -34.58 -43.36
N SER H 38 -49.11 -34.66 -42.43
CA SER H 38 -50.22 -33.70 -42.39
C SER H 38 -49.71 -32.28 -42.11
N GLY H 39 -48.81 -32.14 -41.13
CA GLY H 39 -48.25 -30.83 -40.85
C GLY H 39 -47.44 -30.29 -42.01
N VAL H 40 -46.66 -31.14 -42.66
CA VAL H 40 -45.88 -30.70 -43.81
C VAL H 40 -46.80 -30.24 -44.94
N LEU H 41 -47.88 -30.99 -45.19
CA LEU H 41 -48.81 -30.62 -46.24
C LEU H 41 -49.54 -29.33 -45.91
N GLY H 42 -49.89 -29.13 -44.63
CA GLY H 42 -50.46 -27.85 -44.24
C GLY H 42 -49.50 -26.70 -44.43
N LEU H 43 -48.22 -26.91 -44.11
CA LEU H 43 -47.21 -25.91 -44.36
C LEU H 43 -47.13 -25.58 -45.84
N LEU H 44 -47.16 -26.61 -46.69
CA LEU H 44 -47.11 -26.37 -48.13
C LEU H 44 -48.34 -25.62 -48.62
N CYS H 45 -49.52 -25.98 -48.10
CA CYS H 45 -50.75 -25.31 -48.50
C CYS H 45 -50.72 -23.83 -48.11
N ALA H 46 -50.14 -23.53 -46.94
CA ALA H 46 -49.88 -22.14 -46.60
C ALA H 46 -48.85 -21.52 -47.55
N ALA H 47 -47.85 -22.30 -47.95
CA ALA H 47 -46.77 -21.77 -48.76
C ALA H 47 -47.25 -21.32 -50.13
N MET H 48 -48.11 -22.09 -50.78
CA MET H 48 -48.60 -21.73 -52.10
C MET H 48 -49.84 -20.83 -52.05
N GLY H 49 -50.32 -20.47 -50.87
CA GLY H 49 -51.40 -19.52 -50.77
C GLY H 49 -52.78 -20.08 -51.04
N ILE H 50 -53.17 -21.14 -50.34
CA ILE H 50 -54.47 -21.78 -50.51
C ILE H 50 -55.16 -21.79 -49.16
N GLY H 51 -56.44 -21.43 -49.14
CA GLY H 51 -57.21 -21.39 -47.92
C GLY H 51 -57.55 -22.79 -47.41
N ARG H 52 -58.16 -22.81 -46.22
CA ARG H 52 -58.51 -24.07 -45.58
C ARG H 52 -59.62 -24.80 -46.31
N ALA H 53 -60.45 -24.10 -47.07
CA ALA H 53 -61.55 -24.72 -47.81
C ALA H 53 -61.19 -25.09 -49.24
N GLU H 54 -60.22 -24.40 -49.85
CA GLU H 54 -59.81 -24.71 -51.21
C GLU H 54 -58.84 -25.88 -51.27
N ALA H 55 -58.10 -26.13 -50.19
CA ALA H 55 -57.13 -27.22 -50.20
C ALA H 55 -57.82 -28.57 -50.38
N ALA H 56 -59.02 -28.75 -49.83
CA ALA H 56 -59.73 -30.02 -49.93
C ALA H 56 -60.18 -30.34 -51.34
N ASP H 57 -60.19 -29.36 -52.25
CA ASP H 57 -60.71 -29.54 -53.60
C ASP H 57 -59.53 -29.74 -54.56
N SER H 58 -59.17 -31.00 -54.78
CA SER H 58 -58.20 -31.40 -55.80
C SER H 58 -56.86 -30.68 -55.64
N TRP H 59 -56.43 -30.50 -54.40
CA TRP H 59 -55.11 -29.92 -54.16
C TRP H 59 -54.26 -30.76 -53.24
N LEU H 60 -54.84 -31.39 -52.22
CA LEU H 60 -54.08 -32.20 -51.28
C LEU H 60 -53.66 -33.57 -51.81
N PRO H 61 -54.47 -34.28 -52.62
CA PRO H 61 -54.04 -35.63 -53.03
C PRO H 61 -52.75 -35.64 -53.82
N LYS H 62 -52.50 -34.60 -54.62
CA LYS H 62 -51.25 -34.53 -55.37
C LYS H 62 -50.05 -34.48 -54.44
N LEU H 63 -50.14 -33.70 -53.36
CA LEU H 63 -49.07 -33.64 -52.38
C LEU H 63 -48.97 -34.93 -51.57
N ALA H 64 -50.11 -35.56 -51.27
CA ALA H 64 -50.10 -36.79 -50.49
C ALA H 64 -49.51 -37.95 -51.27
N ASN H 65 -49.69 -37.96 -52.59
CA ASN H 65 -49.17 -39.04 -53.43
C ASN H 65 -47.65 -39.08 -53.45
N LEU H 66 -46.99 -37.96 -53.20
CA LEU H 66 -45.53 -37.94 -53.19
C LEU H 66 -44.98 -38.74 -52.01
N ARG H 67 -43.80 -39.32 -52.21
CA ARG H 67 -43.17 -40.14 -51.19
C ARG H 67 -42.74 -39.27 -50.01
N MET H 68 -42.56 -39.92 -48.86
CA MET H 68 -42.24 -39.24 -47.61
C MET H 68 -40.80 -39.54 -47.22
N GLY H 69 -40.05 -38.48 -46.91
CA GLY H 69 -38.71 -38.61 -46.40
C GLY H 69 -38.34 -37.48 -45.47
N VAL H 70 -37.93 -37.81 -44.24
CA VAL H 70 -37.56 -36.82 -43.24
C VAL H 70 -36.33 -37.33 -42.50
N ARG H 71 -35.36 -36.43 -42.28
CA ARG H 71 -34.16 -36.73 -41.52
C ARG H 71 -34.13 -35.87 -40.27
N ILE H 72 -33.73 -36.46 -39.15
CA ILE H 72 -33.60 -35.75 -37.89
C ILE H 72 -32.12 -35.59 -37.61
N ASP H 73 -31.62 -34.35 -37.68
CA ASP H 73 -30.20 -34.10 -37.41
C ASP H 73 -29.84 -34.44 -35.97
N ARG H 74 -30.68 -34.07 -35.01
CA ARG H 74 -30.40 -34.25 -33.60
C ARG H 74 -31.71 -34.45 -32.86
N PRO H 75 -31.70 -35.15 -31.74
CA PRO H 75 -32.93 -35.34 -30.97
C PRO H 75 -33.34 -34.07 -30.23
N GLY H 76 -34.61 -34.02 -29.86
CA GLY H 76 -35.19 -32.90 -29.16
C GLY H 76 -35.61 -33.24 -27.74
N ILE H 77 -36.10 -32.22 -27.05
CA ILE H 77 -36.54 -32.33 -25.67
C ILE H 77 -37.97 -31.83 -25.56
N ARG H 78 -38.86 -32.66 -25.03
CA ARG H 78 -40.23 -32.25 -24.76
C ARG H 78 -40.27 -31.45 -23.47
N TRP H 79 -41.06 -30.37 -23.46
CA TRP H 79 -41.14 -29.48 -22.30
C TRP H 79 -42.59 -29.11 -22.06
N TRP H 80 -43.01 -29.13 -20.79
CA TRP H 80 -44.38 -28.86 -20.41
C TRP H 80 -44.52 -27.41 -19.97
N ASP H 81 -45.53 -26.72 -20.50
CA ASP H 81 -45.78 -25.31 -20.20
C ASP H 81 -47.15 -25.15 -19.56
N PHE H 82 -47.26 -24.20 -18.62
CA PHE H 82 -48.47 -24.00 -17.83
C PHE H 82 -49.28 -22.85 -18.47
N HIS H 83 -49.77 -23.08 -19.67
CA HIS H 83 -50.54 -22.04 -20.35
C HIS H 83 -51.92 -21.89 -19.69
N THR H 84 -52.33 -20.66 -19.43
CA THR H 84 -53.64 -20.35 -18.87
C THR H 84 -54.43 -19.51 -19.85
N VAL H 85 -55.75 -19.72 -19.88
CA VAL H 85 -56.63 -19.11 -20.87
C VAL H 85 -57.83 -18.50 -20.16
N GLY H 86 -58.27 -17.34 -20.65
CA GLY H 86 -59.52 -16.75 -20.20
C GLY H 86 -59.47 -16.06 -18.87
N ALA H 87 -58.29 -15.68 -18.39
CA ALA H 87 -58.19 -14.99 -17.12
C ALA H 87 -58.66 -13.54 -17.26
N GLY H 88 -59.55 -13.12 -16.36
CA GLY H 88 -60.06 -11.76 -16.37
C GLY H 88 -61.11 -11.49 -17.41
N GLN H 89 -61.62 -12.50 -18.11
CA GLN H 89 -62.63 -12.34 -19.14
C GLN H 89 -63.68 -13.42 -18.96
N ARG H 90 -64.56 -13.54 -19.95
CA ARG H 90 -65.61 -14.55 -19.96
C ARG H 90 -65.46 -15.43 -21.19
N MET H 91 -65.93 -16.67 -21.09
CA MET H 91 -65.84 -17.61 -22.19
C MET H 91 -67.19 -18.29 -22.43
N THR H 124 -61.54 -19.40 -15.15
CA THR H 124 -60.22 -19.30 -15.77
C THR H 124 -59.78 -20.65 -16.33
N LEU H 125 -59.81 -20.78 -17.66
CA LEU H 125 -59.44 -22.03 -18.29
C LEU H 125 -57.94 -22.30 -18.12
N LEU H 126 -57.61 -23.57 -17.89
CA LEU H 126 -56.23 -24.01 -17.76
C LEU H 126 -55.94 -25.10 -18.78
N SER H 127 -54.69 -25.12 -19.25
CA SER H 127 -54.26 -26.09 -20.25
C SER H 127 -52.77 -26.31 -20.10
N ARG H 128 -52.28 -27.37 -20.75
CA ARG H 128 -50.85 -27.68 -20.76
C ARG H 128 -50.43 -27.94 -22.20
N ARG H 129 -49.37 -27.28 -22.63
CA ARG H 129 -48.89 -27.38 -24.00
C ARG H 129 -47.43 -27.83 -23.99
N GLU H 130 -47.12 -28.84 -24.80
CA GLU H 130 -45.81 -29.45 -24.84
C GLU H 130 -45.06 -29.02 -26.09
N TYR H 131 -43.75 -28.81 -25.94
CA TYR H 131 -42.90 -28.30 -27.01
C TYR H 131 -41.64 -29.15 -27.12
N LEU H 132 -41.13 -29.26 -28.35
CA LEU H 132 -39.89 -29.97 -28.63
C LEU H 132 -38.75 -28.96 -28.70
N ALA H 133 -37.75 -29.12 -27.83
CA ALA H 133 -36.69 -28.15 -27.65
C ALA H 133 -35.38 -28.67 -28.23
N ASP H 134 -34.68 -27.81 -28.96
CA ASP H 134 -33.38 -28.12 -29.56
C ASP H 134 -33.47 -29.34 -30.47
N ALA H 135 -34.25 -29.19 -31.52
CA ALA H 135 -34.42 -30.23 -32.53
C ALA H 135 -34.48 -29.58 -33.90
N SER H 136 -34.15 -30.35 -34.93
CA SER H 136 -34.18 -29.89 -36.31
C SER H 136 -34.56 -31.05 -37.21
N PHE H 137 -35.16 -30.73 -38.36
CA PHE H 137 -35.61 -31.76 -39.29
C PHE H 137 -35.36 -31.33 -40.72
N LEU H 138 -35.12 -32.31 -41.57
CA LEU H 138 -34.96 -32.12 -43.02
C LEU H 138 -36.14 -32.76 -43.72
N VAL H 139 -36.76 -32.03 -44.64
CA VAL H 139 -37.97 -32.48 -45.33
C VAL H 139 -37.61 -32.87 -46.76
N ALA H 140 -38.04 -34.07 -47.16
CA ALA H 140 -37.82 -34.57 -48.51
C ALA H 140 -39.13 -35.12 -49.07
N LEU H 141 -39.48 -34.70 -50.29
CA LEU H 141 -40.71 -35.12 -50.96
C LEU H 141 -40.37 -35.53 -52.38
N GLN H 142 -40.48 -36.83 -52.67
CA GLN H 142 -40.12 -37.38 -53.96
C GLN H 142 -41.37 -37.75 -54.75
N GLY H 143 -41.34 -37.44 -56.05
CA GLY H 143 -42.46 -37.72 -56.93
C GLY H 143 -42.27 -37.10 -58.29
N GLU H 144 -43.29 -36.40 -58.78
CA GLU H 144 -43.17 -35.70 -60.05
C GLU H 144 -42.18 -34.54 -59.92
N PRO H 145 -41.44 -34.25 -60.99
CA PRO H 145 -40.48 -33.14 -60.93
C PRO H 145 -41.15 -31.78 -60.95
N GLU H 146 -42.25 -31.67 -61.70
CA GLU H 146 -42.94 -30.38 -61.82
C GLU H 146 -43.50 -29.93 -60.46
N LEU H 147 -44.14 -30.85 -59.73
CA LEU H 147 -44.70 -30.49 -58.43
C LEU H 147 -43.60 -30.10 -57.44
N VAL H 148 -42.50 -30.85 -57.43
CA VAL H 148 -41.40 -30.53 -56.53
C VAL H 148 -40.80 -29.16 -56.86
N ALA H 149 -40.62 -28.88 -58.16
CA ALA H 149 -40.08 -27.59 -58.57
C ALA H 149 -41.01 -26.45 -58.19
N LYS H 150 -42.32 -26.64 -58.40
CA LYS H 150 -43.29 -25.62 -58.00
C LYS H 150 -43.27 -25.40 -56.49
N LEU H 151 -43.17 -26.48 -55.72
CA LEU H 151 -43.10 -26.36 -54.27
C LEU H 151 -41.86 -25.59 -53.84
N SER H 152 -40.71 -25.88 -54.46
CA SER H 152 -39.50 -25.13 -54.13
C SER H 152 -39.62 -23.65 -54.51
N ALA H 153 -40.20 -23.38 -55.68
CA ALA H 153 -40.38 -22.00 -56.11
C ALA H 153 -41.29 -21.22 -55.18
N ALA H 154 -42.38 -21.86 -54.73
CA ALA H 154 -43.26 -21.21 -53.76
C ALA H 154 -42.61 -21.10 -52.38
N LEU H 155 -41.70 -22.03 -52.07
CA LEU H 155 -40.96 -21.96 -50.81
C LEU H 155 -39.92 -20.86 -50.83
N ALA H 156 -39.48 -20.44 -52.01
CA ALA H 156 -38.57 -19.30 -52.10
C ALA H 156 -39.22 -18.05 -51.53
N LYS H 157 -40.52 -17.87 -51.76
CA LYS H 157 -41.29 -16.76 -51.21
C LYS H 157 -42.72 -17.24 -50.98
N PRO H 158 -43.01 -17.74 -49.77
CA PRO H 158 -44.39 -18.15 -49.48
C PRO H 158 -45.33 -16.95 -49.50
N VAL H 159 -46.56 -17.18 -49.99
CA VAL H 159 -47.54 -16.11 -50.05
C VAL H 159 -47.90 -15.64 -48.64
N TRP H 160 -48.14 -16.58 -47.74
CA TRP H 160 -48.40 -16.30 -46.34
C TRP H 160 -47.17 -16.66 -45.50
N ALA H 161 -47.33 -16.55 -44.19
CA ALA H 161 -46.23 -16.87 -43.28
C ALA H 161 -45.99 -18.37 -43.24
N ILE H 162 -44.79 -18.74 -42.80
CA ILE H 162 -44.41 -20.13 -42.59
C ILE H 162 -43.80 -20.24 -41.20
N TYR H 163 -44.20 -21.26 -40.45
CA TYR H 163 -43.70 -21.50 -39.10
C TYR H 163 -43.53 -22.99 -38.90
N LEU H 164 -43.42 -23.41 -37.64
CA LEU H 164 -42.96 -24.75 -37.28
C LEU H 164 -44.06 -25.58 -36.62
N GLY H 165 -45.27 -25.52 -37.16
CA GLY H 165 -46.39 -26.25 -36.60
C GLY H 165 -47.33 -25.36 -35.81
N ARG H 166 -46.77 -24.39 -35.09
CA ARG H 166 -47.54 -23.42 -34.34
C ARG H 166 -47.01 -22.02 -34.63
N LYS H 167 -47.90 -21.03 -34.51
CA LYS H 167 -47.52 -19.65 -34.77
C LYS H 167 -46.40 -19.18 -33.86
N SER H 168 -46.22 -19.84 -32.71
CA SER H 168 -45.21 -19.46 -31.73
C SER H 168 -43.94 -20.29 -31.86
N CYS H 169 -43.56 -20.62 -33.09
CA CYS H 169 -42.29 -21.31 -33.36
C CYS H 169 -41.78 -20.88 -34.72
N PRO H 170 -41.02 -19.78 -34.78
CA PRO H 170 -40.49 -19.31 -36.06
C PRO H 170 -39.31 -20.15 -36.51
N PRO H 171 -39.10 -20.30 -37.82
CA PRO H 171 -37.95 -21.06 -38.30
C PRO H 171 -36.64 -20.33 -38.02
N SER H 172 -35.59 -21.12 -37.80
CA SER H 172 -34.25 -20.59 -37.56
C SER H 172 -33.36 -20.67 -38.80
N ARG H 173 -33.40 -21.79 -39.53
CA ARG H 173 -32.66 -21.96 -40.77
C ARG H 173 -33.60 -21.81 -41.96
N PRO H 174 -33.10 -21.34 -43.10
CA PRO H 174 -33.97 -21.20 -44.29
C PRO H 174 -34.55 -22.54 -44.71
N VAL H 175 -35.84 -22.51 -45.09
CA VAL H 175 -36.49 -23.74 -45.54
C VAL H 175 -35.95 -24.13 -46.91
N CYS H 176 -35.73 -23.14 -47.78
CA CYS H 176 -35.14 -23.35 -49.10
C CYS H 176 -33.62 -23.25 -49.09
N GLU H 177 -32.99 -23.54 -47.94
CA GLU H 177 -31.54 -23.48 -47.84
C GLU H 177 -30.87 -24.51 -48.76
N HIS H 178 -31.56 -25.61 -49.05
CA HIS H 178 -30.95 -26.74 -49.74
C HIS H 178 -31.66 -27.01 -51.06
N PRO H 179 -31.03 -26.73 -52.19
CA PRO H 179 -31.73 -26.79 -53.48
C PRO H 179 -32.01 -28.22 -53.91
N PRO H 180 -33.01 -28.44 -54.76
CA PRO H 180 -33.37 -29.79 -55.17
C PRO H 180 -32.28 -30.45 -56.01
N GLY H 181 -32.36 -31.78 -56.08
CA GLY H 181 -31.45 -32.56 -56.88
C GLY H 181 -32.16 -33.75 -57.48
N PHE H 182 -31.41 -34.56 -58.23
CA PHE H 182 -31.95 -35.74 -58.91
C PHE H 182 -31.46 -36.99 -58.20
N TYR H 183 -32.40 -37.85 -57.80
CA TYR H 183 -32.07 -39.05 -57.05
C TYR H 183 -33.03 -40.17 -57.45
N ASN H 184 -32.63 -41.40 -57.13
CA ASN H 184 -33.43 -42.59 -57.40
C ASN H 184 -34.18 -43.08 -56.17
N THR H 185 -33.50 -43.19 -55.03
CA THR H 185 -34.10 -43.69 -53.80
C THR H 185 -34.13 -42.60 -52.75
N LEU H 186 -35.11 -42.69 -51.85
CA LEU H 186 -35.24 -41.70 -50.78
C LEU H 186 -34.07 -41.77 -49.80
N GLU H 187 -33.53 -42.96 -49.57
CA GLU H 187 -32.41 -43.09 -48.64
C GLU H 187 -31.18 -42.33 -49.14
N GLU H 188 -30.89 -42.43 -50.44
CA GLU H 188 -29.78 -41.67 -51.00
C GLU H 188 -30.04 -40.17 -50.92
N ALA H 189 -31.30 -39.77 -51.15
CA ALA H 189 -31.65 -38.34 -51.07
C ALA H 189 -31.45 -37.80 -49.66
N LEU H 190 -31.83 -38.58 -48.65
CA LEU H 190 -31.68 -38.11 -47.27
C LEU H 190 -30.24 -38.19 -46.78
N SER H 191 -29.48 -39.21 -47.19
CA SER H 191 -28.11 -39.35 -46.75
C SER H 191 -27.12 -38.50 -47.55
N ALA H 192 -27.55 -37.96 -48.70
CA ALA H 192 -26.66 -37.10 -49.47
C ALA H 192 -26.44 -35.76 -48.77
N VAL H 193 -27.46 -35.27 -48.09
CA VAL H 193 -27.34 -34.01 -47.35
C VAL H 193 -26.36 -34.22 -46.18
N PRO H 194 -25.38 -33.34 -46.00
CA PRO H 194 -24.45 -33.47 -44.88
C PRO H 194 -25.07 -32.91 -43.60
N LEU H 195 -24.32 -33.04 -42.51
CA LEU H 195 -24.72 -32.55 -41.20
C LEU H 195 -23.86 -31.35 -40.83
N GLN H 196 -24.49 -30.26 -40.43
CA GLN H 196 -23.81 -29.03 -40.08
C GLN H 196 -23.81 -28.86 -38.56
N LYS H 197 -22.62 -28.61 -38.00
CA LYS H 197 -22.48 -28.37 -36.58
C LYS H 197 -22.57 -26.88 -36.28
N ARG H 198 -22.57 -26.53 -35.01
CA ARG H 198 -22.75 -25.16 -34.56
C ARG H 198 -21.45 -24.47 -34.19
N TRP H 199 -20.53 -25.16 -33.51
CA TRP H 199 -19.22 -24.62 -33.22
C TRP H 199 -18.18 -25.71 -33.42
N HIS H 200 -16.91 -25.37 -33.15
CA HIS H 200 -15.81 -26.29 -33.41
C HIS H 200 -15.94 -27.56 -32.57
N ASN H 201 -16.26 -27.42 -31.30
CA ASN H 201 -16.45 -28.56 -30.41
C ASN H 201 -17.90 -28.99 -30.46
N GLU H 202 -18.32 -29.83 -29.48
CA GLU H 202 -19.66 -30.33 -29.14
C GLU H 202 -19.81 -31.78 -29.55
N PRO H 203 -20.30 -32.64 -28.65
CA PRO H 203 -20.52 -34.05 -29.00
C PRO H 203 -21.63 -34.20 -30.04
N LEU H 204 -21.54 -35.28 -30.81
CA LEU H 204 -22.52 -35.57 -31.84
C LEU H 204 -23.14 -36.94 -31.63
N PRO H 205 -24.44 -37.09 -31.90
CA PRO H 205 -25.05 -38.42 -31.85
C PRO H 205 -24.46 -39.32 -32.92
N GLN H 206 -24.34 -40.61 -32.60
CA GLN H 206 -23.82 -41.59 -33.54
C GLN H 206 -24.91 -42.28 -34.35
N ILE H 207 -26.17 -41.97 -34.10
CA ILE H 207 -27.29 -42.44 -34.91
C ILE H 207 -27.96 -41.22 -35.54
N LEU H 208 -28.19 -41.27 -36.85
CA LEU H 208 -28.90 -40.23 -37.55
C LEU H 208 -30.32 -40.70 -37.83
N PRO H 209 -31.32 -40.26 -37.07
CA PRO H 209 -32.67 -40.80 -37.24
C PRO H 209 -33.32 -40.33 -38.53
N CYS H 210 -33.76 -41.28 -39.34
CA CYS H 210 -34.43 -41.02 -40.60
C CYS H 210 -35.71 -41.83 -40.68
N VAL H 211 -36.72 -41.25 -41.31
CA VAL H 211 -38.06 -41.84 -41.39
C VAL H 211 -38.54 -41.77 -42.82
N MET H 212 -39.12 -42.87 -43.31
CA MET H 212 -39.63 -42.96 -44.67
C MET H 212 -40.98 -43.65 -44.64
N ASP H 213 -41.77 -43.40 -45.68
CA ASP H 213 -43.01 -44.14 -45.87
C ASP H 213 -42.72 -45.54 -46.39
N TRP H 214 -43.65 -46.45 -46.15
CA TRP H 214 -43.49 -47.86 -46.50
C TRP H 214 -43.91 -48.04 -47.97
N ILE H 215 -42.95 -48.40 -48.81
CA ILE H 215 -43.24 -48.60 -50.23
C ILE H 215 -44.01 -49.90 -50.42
N PRO H 216 -45.17 -49.89 -51.08
CA PRO H 216 -45.90 -51.14 -51.29
C PRO H 216 -45.13 -52.17 -52.12
N GLY H 217 -44.24 -51.72 -52.99
CA GLY H 217 -43.51 -52.67 -53.83
C GLY H 217 -44.43 -53.31 -54.84
N TYR H 218 -44.29 -54.63 -55.00
CA TYR H 218 -45.15 -55.37 -55.92
C TYR H 218 -46.56 -55.48 -55.35
N ASP H 219 -47.49 -55.90 -56.22
CA ASP H 219 -48.88 -56.03 -55.80
C ASP H 219 -49.01 -57.09 -54.71
N GLY H 220 -49.62 -56.71 -53.60
CA GLY H 220 -49.67 -57.55 -52.41
C GLY H 220 -48.66 -57.08 -51.38
N GLU H 221 -47.80 -58.00 -50.93
CA GLU H 221 -46.71 -57.71 -50.01
C GLU H 221 -47.23 -57.02 -48.74
N HIS H 222 -47.99 -57.79 -47.97
CA HIS H 222 -48.59 -57.31 -46.72
C HIS H 222 -47.56 -56.68 -45.80
N ALA H 223 -48.01 -55.79 -44.91
CA ALA H 223 -47.10 -55.01 -44.09
C ALA H 223 -46.28 -55.94 -43.19
N PRO H 224 -45.01 -55.61 -42.93
CA PRO H 224 -44.18 -56.49 -42.10
C PRO H 224 -44.51 -56.41 -40.62
N ASP H 225 -43.72 -57.10 -39.79
CA ASP H 225 -43.94 -57.05 -38.35
C ASP H 225 -43.71 -55.64 -37.80
N ASP H 226 -42.66 -54.97 -38.26
CA ASP H 226 -42.34 -53.62 -37.78
C ASP H 226 -42.94 -52.57 -38.71
N ALA H 227 -44.26 -52.47 -38.65
CA ALA H 227 -45.01 -51.48 -39.42
C ALA H 227 -45.78 -50.58 -38.47
N GLU H 228 -45.66 -49.27 -38.66
CA GLU H 228 -46.25 -48.28 -37.78
C GLU H 228 -47.28 -47.45 -38.55
N ILE H 229 -48.35 -47.08 -37.86
CA ILE H 229 -49.42 -46.27 -38.43
C ILE H 229 -49.55 -44.99 -37.60
N HIS H 230 -49.50 -43.85 -38.27
CA HIS H 230 -49.77 -42.56 -37.66
C HIS H 230 -51.08 -42.01 -38.18
N TYR H 231 -51.86 -41.38 -37.31
CA TYR H 231 -53.11 -40.73 -37.70
C TYR H 231 -52.81 -39.32 -38.21
N ASP H 232 -52.16 -39.27 -39.38
CA ASP H 232 -51.64 -38.01 -39.91
C ASP H 232 -51.82 -37.90 -41.41
N LEU H 233 -52.91 -38.44 -41.95
CA LEU H 233 -53.16 -38.33 -43.38
C LEU H 233 -54.18 -37.23 -43.62
N PRO H 234 -53.79 -36.08 -44.17
CA PRO H 234 -54.74 -34.98 -44.33
C PRO H 234 -55.80 -35.32 -45.39
N VAL H 235 -57.07 -35.14 -45.01
CA VAL H 235 -58.18 -35.32 -45.94
C VAL H 235 -58.94 -33.99 -46.01
N SER H 236 -58.86 -33.21 -44.95
CA SER H 236 -59.49 -31.90 -44.91
C SER H 236 -58.79 -31.05 -43.86
N PHE H 237 -58.97 -29.74 -43.97
CA PHE H 237 -58.36 -28.80 -43.03
C PHE H 237 -59.43 -28.04 -42.25
N PRO H 240 -61.03 -30.95 -39.02
CA PRO H 240 -59.89 -31.85 -39.28
C PRO H 240 -60.34 -33.25 -39.64
N ARG H 241 -59.59 -33.93 -40.50
CA ARG H 241 -59.90 -35.30 -40.89
C ARG H 241 -58.61 -36.02 -41.27
N HIS H 242 -58.30 -37.08 -40.54
CA HIS H 242 -57.10 -37.88 -40.79
C HIS H 242 -57.45 -39.36 -40.76
N LEU H 243 -56.64 -40.16 -41.45
CA LEU H 243 -56.88 -41.60 -41.54
C LEU H 243 -55.92 -42.38 -40.66
N TYR I 112 18.38 50.59 -24.93
CA TYR I 112 19.80 50.89 -25.03
C TYR I 112 20.06 51.92 -26.14
N ASN I 113 20.58 53.08 -25.75
CA ASN I 113 20.89 54.17 -26.67
C ASN I 113 22.37 54.49 -26.56
N PRO I 114 23.22 53.92 -27.42
CA PRO I 114 24.65 54.22 -27.35
C PRO I 114 25.02 55.47 -28.14
N GLU I 115 25.55 56.48 -27.45
CA GLU I 115 26.00 57.71 -28.08
C GLU I 115 27.46 57.93 -27.71
N PHE I 116 28.32 57.99 -28.73
CA PHE I 116 29.75 58.14 -28.54
C PHE I 116 30.28 59.22 -29.46
N LYS I 117 31.23 60.00 -28.96
CA LYS I 117 31.86 61.05 -29.73
C LYS I 117 33.15 60.54 -30.37
N ALA I 118 33.62 61.30 -31.36
CA ALA I 118 34.86 60.94 -32.05
C ALA I 118 36.05 61.09 -31.11
N GLY I 119 37.02 60.19 -31.25
CA GLY I 119 38.20 60.20 -30.39
C GLY I 119 37.90 59.93 -28.94
N GLN I 120 37.06 58.93 -28.66
CA GLN I 120 36.68 58.58 -27.30
C GLN I 120 37.14 57.16 -27.01
N LEU I 121 37.84 56.98 -25.89
CA LEU I 121 38.32 55.66 -25.49
C LEU I 121 37.19 54.84 -24.89
N LEU I 122 37.16 53.56 -25.24
CA LEU I 122 36.13 52.65 -24.77
C LEU I 122 36.74 51.30 -24.44
N ARG I 123 36.07 50.56 -23.55
CA ARG I 123 36.43 49.19 -23.23
C ARG I 123 35.46 48.25 -23.93
N PHE I 124 36.00 47.32 -24.71
CA PHE I 124 35.19 46.45 -25.55
C PHE I 124 35.53 44.99 -25.30
N ARG I 125 34.51 44.14 -25.45
CA ARG I 125 34.68 42.69 -25.41
C ARG I 125 33.97 42.10 -26.61
N LEU I 126 34.67 41.25 -27.35
CA LEU I 126 34.13 40.69 -28.58
C LEU I 126 34.69 39.29 -28.81
N ARG I 127 33.80 38.36 -29.15
CA ARG I 127 34.19 37.02 -29.56
C ARG I 127 34.15 36.95 -31.08
N VAL I 128 35.27 36.61 -31.69
CA VAL I 128 35.43 36.67 -33.14
C VAL I 128 35.32 35.27 -33.72
N ASN I 129 35.04 35.22 -35.03
CA ASN I 129 34.98 33.98 -35.80
C ASN I 129 36.10 34.00 -36.81
N ALA I 130 37.18 33.28 -36.54
CA ALA I 130 38.33 33.21 -37.44
C ALA I 130 37.96 32.31 -38.61
N SER I 131 37.36 32.91 -39.63
CA SER I 131 36.89 32.18 -40.81
C SER I 131 37.49 32.80 -42.06
N VAL I 132 38.18 31.99 -42.86
CA VAL I 132 38.71 32.40 -44.15
C VAL I 132 38.34 31.34 -45.17
N ARG I 133 38.39 31.73 -46.44
CA ARG I 133 38.03 30.85 -47.55
C ARG I 133 39.28 30.58 -48.38
N ARG I 134 39.47 29.31 -48.74
CA ARG I 134 40.62 28.88 -49.52
C ARG I 134 40.15 27.89 -50.59
N HIS I 135 41.11 27.28 -51.27
CA HIS I 135 40.80 26.29 -52.29
C HIS I 135 41.34 24.92 -51.89
N LYS I 155 36.31 25.80 -49.60
CA LYS I 155 35.77 25.57 -48.27
C LYS I 155 36.21 26.66 -47.30
N ARG I 156 35.49 26.78 -46.18
CA ARG I 156 35.81 27.77 -45.16
C ARG I 156 36.69 27.12 -44.09
N VAL I 157 37.86 27.69 -43.87
CA VAL I 157 38.83 27.13 -42.94
C VAL I 157 39.23 28.20 -41.92
N SER I 158 39.65 27.73 -40.76
CA SER I 158 40.01 28.63 -39.67
C SER I 158 41.32 29.34 -39.98
N LEU I 159 41.53 30.47 -39.30
CA LEU I 159 42.76 31.21 -39.45
C LEU I 159 43.95 30.42 -38.91
N THR I 160 45.02 30.40 -39.68
CA THR I 160 46.23 29.66 -39.31
C THR I 160 47.42 30.61 -39.31
N TRP I 161 48.25 30.51 -38.29
CA TRP I 161 49.44 31.33 -38.14
C TRP I 161 50.69 30.47 -38.35
N ASP I 162 51.84 31.12 -38.33
CA ASP I 162 53.11 30.45 -38.56
C ASP I 162 53.72 29.98 -37.23
N ALA I 163 54.66 29.04 -37.34
CA ALA I 163 55.29 28.47 -36.16
C ALA I 163 56.15 29.49 -35.41
N SER I 164 56.53 30.58 -36.06
CA SER I 164 57.33 31.61 -35.42
C SER I 164 56.49 32.72 -34.81
N SER I 165 55.16 32.62 -34.88
CA SER I 165 54.27 33.64 -34.36
C SER I 165 53.26 33.03 -33.39
N THR I 166 52.80 33.85 -32.42
CA THR I 166 51.83 33.47 -31.41
C THR I 166 50.41 33.65 -31.94
N PRO I 167 49.46 32.87 -31.44
CA PRO I 167 48.07 33.05 -31.89
C PRO I 167 47.52 34.44 -31.60
N ASP I 168 47.89 35.03 -30.47
CA ASP I 168 47.38 36.36 -30.13
C ASP I 168 47.84 37.40 -31.14
N GLN I 169 49.10 37.34 -31.56
CA GLN I 169 49.60 38.28 -32.55
C GLN I 169 48.86 38.14 -33.88
N ALA I 170 48.63 36.90 -34.32
CA ALA I 170 47.92 36.69 -35.57
C ALA I 170 46.50 37.21 -35.49
N LEU I 171 45.80 36.92 -34.40
CA LEU I 171 44.43 37.39 -34.25
C LEU I 171 44.38 38.92 -34.19
N ALA I 172 45.32 39.54 -33.47
CA ALA I 172 45.35 40.99 -33.40
C ALA I 172 45.59 41.62 -34.77
N ASP I 173 46.53 41.07 -35.54
CA ASP I 173 46.78 41.58 -36.88
C ASP I 173 45.58 41.38 -37.78
N TRP I 174 44.92 40.22 -37.68
CA TRP I 174 43.74 39.95 -38.50
C TRP I 174 42.62 40.93 -38.19
N LEU I 175 42.41 41.23 -36.90
CA LEU I 175 41.36 42.18 -36.53
C LEU I 175 41.73 43.60 -36.95
N ALA I 176 43.00 43.98 -36.79
CA ALA I 176 43.42 45.31 -37.20
C ALA I 176 43.38 45.50 -38.71
N ALA I 177 43.47 44.40 -39.48
CA ALA I 177 43.34 44.51 -40.93
C ALA I 177 41.95 45.01 -41.32
N LYS I 178 40.91 44.49 -40.67
CA LYS I 178 39.53 44.88 -40.97
C LYS I 178 39.07 46.08 -40.17
N SER I 179 39.79 46.48 -39.11
CA SER I 179 39.35 47.61 -38.30
C SER I 179 39.20 48.92 -39.06
N PRO I 180 39.99 49.26 -40.11
CA PRO I 180 39.74 50.50 -40.85
C PRO I 180 38.31 50.60 -41.37
N LYS I 181 37.83 49.54 -42.02
CA LYS I 181 36.47 49.56 -42.56
C LYS I 181 35.43 49.55 -41.46
N LEU I 182 35.75 48.96 -40.30
CA LEU I 182 34.79 48.91 -39.21
C LEU I 182 34.55 50.28 -38.58
N GLY I 183 35.61 51.06 -38.39
CA GLY I 183 35.49 52.40 -37.87
C GLY I 183 36.10 52.64 -36.51
N PHE I 184 36.94 51.73 -36.01
CA PHE I 184 37.61 51.93 -34.73
C PHE I 184 39.07 51.55 -34.85
N THR I 185 39.88 52.12 -33.97
CA THR I 185 41.32 51.90 -33.95
C THR I 185 41.71 51.09 -32.73
N LEU I 186 42.42 49.99 -32.96
CA LEU I 186 42.90 49.14 -31.87
C LEU I 186 44.13 49.75 -31.23
N GLN I 187 44.16 49.73 -29.90
CA GLN I 187 45.31 50.20 -29.13
C GLN I 187 46.01 49.08 -28.39
N ARG I 188 45.25 48.17 -27.77
CA ARG I 188 45.83 46.97 -27.15
C ARG I 188 44.75 45.90 -27.12
N CYS I 189 45.16 44.64 -27.26
CA CYS I 189 44.22 43.54 -27.29
C CYS I 189 44.95 42.25 -26.95
N GLU I 190 44.35 41.44 -26.09
CA GLU I 190 44.89 40.15 -25.71
C GLU I 190 43.81 39.08 -25.82
N LEU I 191 44.22 37.88 -26.23
CA LEU I 191 43.30 36.77 -26.36
C LEU I 191 43.03 36.15 -25.00
N LEU I 192 41.77 35.77 -24.78
CA LEU I 192 41.35 35.16 -23.53
C LEU I 192 40.96 33.69 -23.68
N GLN I 193 40.00 33.38 -24.55
CA GLN I 193 39.53 32.02 -24.75
C GLN I 193 39.58 31.69 -26.23
N LEU I 194 40.46 30.77 -26.60
CA LEU I 194 40.60 30.29 -27.97
C LEU I 194 40.03 28.89 -28.05
N GLY I 195 38.90 28.74 -28.72
CA GLY I 195 38.21 27.47 -28.75
C GLY I 195 37.27 27.35 -29.91
N TRP I 196 36.33 26.43 -29.78
CA TRP I 196 35.39 26.09 -30.83
C TRP I 196 33.97 26.10 -30.29
N VAL I 197 33.01 26.29 -31.20
CA VAL I 197 31.60 26.21 -30.88
C VAL I 197 30.97 25.15 -31.77
N TYR I 198 30.32 24.17 -31.16
CA TYR I 198 29.68 23.09 -31.88
C TYR I 198 28.22 23.44 -32.14
N GLY I 199 27.47 22.46 -32.64
CA GLY I 199 26.06 22.65 -32.94
C GLY I 199 25.32 21.35 -33.22
N ARG I 226 30.54 22.89 -36.77
CA ARG I 226 31.84 23.20 -36.17
C ARG I 226 32.31 24.59 -36.58
N PHE I 227 32.58 25.43 -35.59
CA PHE I 227 33.01 26.81 -35.83
C PHE I 227 34.13 27.16 -34.87
N ARG I 228 34.93 28.15 -35.26
CA ARG I 228 36.07 28.60 -34.47
C ARG I 228 35.72 29.91 -33.78
N ALA I 229 35.91 29.95 -32.46
CA ALA I 229 35.58 31.12 -31.66
C ALA I 229 36.79 31.57 -30.87
N ALA I 230 37.06 32.87 -30.89
CA ALA I 230 38.16 33.45 -30.12
C ALA I 230 37.65 34.69 -29.40
N LEU I 231 37.92 34.77 -28.10
CA LEU I 231 37.47 35.87 -27.26
C LEU I 231 38.62 36.84 -27.04
N LEU I 232 38.49 38.05 -27.56
CA LEU I 232 39.52 39.07 -27.49
C LEU I 232 39.00 40.29 -26.75
N GLU I 233 39.82 40.81 -25.84
CA GLU I 233 39.46 41.95 -25.02
C GLU I 233 40.62 42.94 -24.99
N GLY I 234 40.31 44.20 -24.76
CA GLY I 234 41.34 45.23 -24.75
C GLY I 234 40.75 46.62 -24.84
N VAL I 235 41.52 47.53 -25.44
CA VAL I 235 41.17 48.94 -25.55
C VAL I 235 41.09 49.31 -27.02
N LEU I 236 39.99 49.97 -27.40
CA LEU I 236 39.79 50.43 -28.76
C LEU I 236 39.42 51.91 -28.75
N GLU I 237 39.72 52.58 -29.85
CA GLU I 237 39.41 53.99 -30.03
C GLU I 237 38.57 54.18 -31.28
N VAL I 238 37.44 54.87 -31.14
CA VAL I 238 36.53 55.06 -32.26
C VAL I 238 37.12 56.10 -33.22
N ASP I 239 37.10 55.77 -34.51
CA ASP I 239 37.62 56.70 -35.52
C ASP I 239 36.61 57.80 -35.82
N ASP I 240 35.42 57.41 -36.28
CA ASP I 240 34.34 58.33 -36.59
C ASP I 240 33.04 57.84 -35.97
N PRO I 241 32.14 58.74 -35.59
CA PRO I 241 30.87 58.33 -34.99
C PRO I 241 29.83 57.86 -35.98
N LYS I 242 30.16 57.79 -37.27
CA LYS I 242 29.19 57.36 -38.29
C LYS I 242 29.29 55.86 -38.56
N LEU I 243 30.49 55.38 -38.92
CA LEU I 243 30.68 53.98 -39.23
C LEU I 243 30.60 53.10 -37.99
N PHE I 244 30.89 53.65 -36.81
CA PHE I 244 30.83 52.85 -35.58
C PHE I 244 29.41 52.38 -35.30
N LEU I 245 28.43 53.27 -35.49
CA LEU I 245 27.04 52.89 -35.27
C LEU I 245 26.60 51.82 -36.26
N LYS I 246 27.02 51.95 -37.52
CA LYS I 246 26.69 50.93 -38.51
C LYS I 246 27.31 49.58 -38.17
N THR I 247 28.56 49.59 -37.70
CA THR I 247 29.21 48.36 -37.25
C THR I 247 28.47 47.75 -36.07
N LEU I 248 28.04 48.57 -35.13
CA LEU I 248 27.30 48.07 -33.97
C LEU I 248 25.94 47.54 -34.40
N SER I 249 25.48 46.50 -33.68
CA SER I 249 24.19 45.86 -33.90
C SER I 249 24.07 45.25 -35.30
N SER I 250 25.19 44.98 -35.95
CA SER I 250 25.17 44.38 -37.28
C SER I 250 26.06 43.15 -37.39
N GLY I 251 27.21 43.14 -36.70
CA GLY I 251 28.10 42.00 -36.75
C GLY I 251 29.47 42.35 -37.28
N ILE I 252 30.49 41.58 -36.90
CA ILE I 252 31.88 41.85 -37.29
C ILE I 252 32.44 40.60 -37.97
N GLY I 253 31.56 39.68 -38.33
CA GLY I 253 32.00 38.46 -38.97
C GLY I 253 30.83 37.61 -39.39
N LYS I 254 31.11 36.34 -39.64
CA LYS I 254 30.10 35.38 -40.08
C LYS I 254 29.54 34.62 -38.89
N ALA I 255 28.64 33.67 -39.19
CA ALA I 255 27.97 32.84 -38.18
C ALA I 255 27.29 33.71 -37.13
N LYS I 256 26.64 34.79 -37.58
CA LYS I 256 25.98 35.70 -36.67
C LYS I 256 24.72 35.11 -36.04
N SER I 257 24.20 34.02 -36.61
CA SER I 257 23.02 33.37 -36.06
C SER I 257 23.32 32.52 -34.83
N PHE I 258 24.59 32.23 -34.56
CA PHE I 258 25.00 31.43 -33.41
C PHE I 258 25.68 32.29 -32.36
N GLY I 259 25.34 33.58 -32.32
CA GLY I 259 25.90 34.48 -31.33
C GLY I 259 27.39 34.74 -31.47
N PHE I 260 27.87 34.94 -32.70
CA PHE I 260 29.27 35.23 -32.94
C PHE I 260 29.55 36.70 -33.23
N GLY I 261 28.54 37.48 -33.58
CA GLY I 261 28.73 38.90 -33.79
C GLY I 261 28.02 39.74 -32.76
N LEU I 262 28.77 40.35 -31.85
CA LEU I 262 28.21 41.14 -30.77
C LEU I 262 29.31 41.95 -30.09
N LEU I 263 29.04 43.23 -29.82
CA LEU I 263 30.00 44.09 -29.15
C LEU I 263 29.40 44.63 -27.86
N SER I 264 30.26 44.81 -26.86
CA SER I 264 29.89 45.43 -25.58
C SER I 264 30.92 46.51 -25.30
N VAL I 265 30.53 47.76 -25.52
CA VAL I 265 31.41 48.91 -25.35
C VAL I 265 31.12 49.59 -24.03
N LEU I 266 32.17 49.89 -23.27
CA LEU I 266 32.03 50.51 -21.96
C LEU I 266 32.87 51.78 -21.90
N PRO I 267 32.36 52.83 -21.26
CA PRO I 267 33.12 54.09 -21.17
C PRO I 267 34.25 53.96 -20.15
N ILE I 268 35.40 54.55 -20.48
CA ILE I 268 36.55 54.54 -19.58
C ILE I 268 37.05 55.95 -19.36
#